data_4NS0
# 
_entry.id   4NS0 
# 
_audit_conform.dict_name       mmcif_pdbx.dic 
_audit_conform.dict_version    5.381 
_audit_conform.dict_location   http://mmcif.pdb.org/dictionaries/ascii/mmcif_pdbx.dic 
# 
loop_
_database_2.database_id 
_database_2.database_code 
_database_2.pdbx_database_accession 
_database_2.pdbx_DOI 
PDB   4NS0         pdb_00004ns0 10.2210/pdb4ns0/pdb 
RCSB  RCSB083583   ?            ?                   
WWPDB D_1000083583 ?            ?                   
# 
loop_
_pdbx_database_related.db_name 
_pdbx_database_related.db_id 
_pdbx_database_related.details 
_pdbx_database_related.content_type 
PDB 4NP9 'The C2A domain of Rabphilin 3A in complex with I3P'        unspecified 
PDB 4LT7 'The C2A domain of Rabphilin 3A in complex with one Ca ion' unspecified 
# 
_pdbx_database_status.status_code                     REL 
_pdbx_database_status.entry_id                        4NS0 
_pdbx_database_status.recvd_initial_deposition_date   2013-11-27 
_pdbx_database_status.deposit_site                    RCSB 
_pdbx_database_status.process_site                    PDBJ 
_pdbx_database_status.methods_development_category    ? 
_pdbx_database_status.status_code_sf                  REL 
_pdbx_database_status.status_code_mr                  ? 
_pdbx_database_status.SG_entry                        ? 
_pdbx_database_status.status_code_cs                  ? 
_pdbx_database_status.pdb_format_compatible           Y 
_pdbx_database_status.status_code_nmr_data            ? 
# 
loop_
_audit_author.name 
_audit_author.pdbx_ordinal 
'Guillen, J.'           1  
'Ferrer-Orta, C.'       2  
'Buxaderas, M.'         3  
'Perez-sanchez, D.'     4  
'Guerrero-Valero, M.'   5  
'Luengo-Gil, G.'        6  
'Pous, J.'              7  
'Guerra, P.'            8  
'Gomez-Fernandez, J.C.' 9  
'Verdaguer, N.'         10 
'Corbalan-Garcia, S.'   11 
# 
_citation.id                        primary 
_citation.title                     
'Structural insights into the Ca2+ and PI(4,5)P2 binding modes of the C2 domains of rabphilin 3A and synaptotagmin 1.' 
_citation.journal_abbrev            Proc.Natl.Acad.Sci.USA 
_citation.journal_volume            110 
_citation.page_first                20503 
_citation.page_last                 20508 
_citation.year                      2013 
_citation.journal_id_ASTM           PNASA6 
_citation.country                   US 
_citation.journal_id_ISSN           1091-6490 
_citation.journal_id_CSD            0040 
_citation.book_publisher            ? 
_citation.pdbx_database_id_PubMed   24302762 
_citation.pdbx_database_id_DOI      10.1073/pnas.1316179110 
# 
loop_
_citation_author.citation_id 
_citation_author.name 
_citation_author.ordinal 
_citation_author.identifier_ORCID 
primary 'Guillen, J.'           1  ? 
primary 'Ferrer-Orta, C.'       2  ? 
primary 'Buxaderas, M.'         3  ? 
primary 'Perez-Sanchez, D.'     4  ? 
primary 'Guerrero-Valero, M.'   5  ? 
primary 'Luengo-Gil, G.'        6  ? 
primary 'Pous, J.'              7  ? 
primary 'Guerra, P.'            8  ? 
primary 'Gomez-Fernandez, J.C.' 9  ? 
primary 'Verdaguer, N.'         10 ? 
primary 'Corbalan-Garcia, S.'   11 ? 
# 
_cell.entry_id           4NS0 
_cell.length_a           37.970 
_cell.length_b           38.910 
_cell.length_c           88.720 
_cell.angle_alpha        90.00 
_cell.angle_beta         90.00 
_cell.angle_gamma        90.00 
_cell.Z_PDB              4 
_cell.pdbx_unique_axis   ? 
_cell.length_a_esd       ? 
_cell.length_b_esd       ? 
_cell.length_c_esd       ? 
_cell.angle_alpha_esd    ? 
_cell.angle_beta_esd     ? 
_cell.angle_gamma_esd    ? 
# 
_symmetry.entry_id                         4NS0 
_symmetry.space_group_name_H-M             'P 21 21 21' 
_symmetry.pdbx_full_space_group_name_H-M   ? 
_symmetry.cell_setting                     ? 
_symmetry.Int_Tables_number                19 
_symmetry.space_group_name_Hall            ? 
# 
loop_
_entity.id 
_entity.type 
_entity.src_method 
_entity.pdbx_description 
_entity.formula_weight 
_entity.pdbx_number_of_molecules 
_entity.pdbx_ec 
_entity.pdbx_mutation 
_entity.pdbx_fragment 
_entity.details 
1 polymer     man Rabphilin-3A 15305.478 1   ? ? 'C2 domain, UNP RESIDUES 378-510' ? 
2 non-polymer syn 
;[(2R)-2-octanoyloxy-3-[oxidanyl-[(1R,2R,3S,4R,5R,6S)-2,3,6-tris(oxidanyl)-4,5-diphosphonooxy-cyclohexyl]oxy-phosphoryl]oxy-propyl] octanoate
;
746.566   1   ? ? ?                                 ? 
3 non-polymer syn 'SULFATE ION' 96.063    1   ? ? ?                                 ? 
4 water       nat water 18.015    113 ? ? ?                                 ? 
# 
_entity_name_com.entity_id   1 
_entity_name_com.name        Exophilin-1 
# 
_entity_poly.entity_id                      1 
_entity_poly.type                           'polypeptide(L)' 
_entity_poly.nstd_linkage                   no 
_entity_poly.nstd_monomer                   no 
_entity_poly.pdbx_seq_one_letter_code       
;DQATTLGALEFSLLYDQDNSNLQCTIIRAKGLKPMDSNGLADPYVKLHLLPGASKSNKLRTKTLRNTRNPVWNETLQYHG
ITEEDMQRKTLRISVCDEDKFGHNEFIGETRFSLKKLKANQRKNFNICLERVI
;
_entity_poly.pdbx_seq_one_letter_code_can   
;DQATTLGALEFSLLYDQDNSNLQCTIIRAKGLKPMDSNGLADPYVKLHLLPGASKSNKLRTKTLRNTRNPVWNETLQYHG
ITEEDMQRKTLRISVCDEDKFGHNEFIGETRFSLKKLKANQRKNFNICLERVI
;
_entity_poly.pdbx_strand_id                 A 
_entity_poly.pdbx_target_identifier         ? 
# 
loop_
_entity_poly_seq.entity_id 
_entity_poly_seq.num 
_entity_poly_seq.mon_id 
_entity_poly_seq.hetero 
1 1   ASP n 
1 2   GLN n 
1 3   ALA n 
1 4   THR n 
1 5   THR n 
1 6   LEU n 
1 7   GLY n 
1 8   ALA n 
1 9   LEU n 
1 10  GLU n 
1 11  PHE n 
1 12  SER n 
1 13  LEU n 
1 14  LEU n 
1 15  TYR n 
1 16  ASP n 
1 17  GLN n 
1 18  ASP n 
1 19  ASN n 
1 20  SER n 
1 21  ASN n 
1 22  LEU n 
1 23  GLN n 
1 24  CYS n 
1 25  THR n 
1 26  ILE n 
1 27  ILE n 
1 28  ARG n 
1 29  ALA n 
1 30  LYS n 
1 31  GLY n 
1 32  LEU n 
1 33  LYS n 
1 34  PRO n 
1 35  MET n 
1 36  ASP n 
1 37  SER n 
1 38  ASN n 
1 39  GLY n 
1 40  LEU n 
1 41  ALA n 
1 42  ASP n 
1 43  PRO n 
1 44  TYR n 
1 45  VAL n 
1 46  LYS n 
1 47  LEU n 
1 48  HIS n 
1 49  LEU n 
1 50  LEU n 
1 51  PRO n 
1 52  GLY n 
1 53  ALA n 
1 54  SER n 
1 55  LYS n 
1 56  SER n 
1 57  ASN n 
1 58  LYS n 
1 59  LEU n 
1 60  ARG n 
1 61  THR n 
1 62  LYS n 
1 63  THR n 
1 64  LEU n 
1 65  ARG n 
1 66  ASN n 
1 67  THR n 
1 68  ARG n 
1 69  ASN n 
1 70  PRO n 
1 71  VAL n 
1 72  TRP n 
1 73  ASN n 
1 74  GLU n 
1 75  THR n 
1 76  LEU n 
1 77  GLN n 
1 78  TYR n 
1 79  HIS n 
1 80  GLY n 
1 81  ILE n 
1 82  THR n 
1 83  GLU n 
1 84  GLU n 
1 85  ASP n 
1 86  MET n 
1 87  GLN n 
1 88  ARG n 
1 89  LYS n 
1 90  THR n 
1 91  LEU n 
1 92  ARG n 
1 93  ILE n 
1 94  SER n 
1 95  VAL n 
1 96  CYS n 
1 97  ASP n 
1 98  GLU n 
1 99  ASP n 
1 100 LYS n 
1 101 PHE n 
1 102 GLY n 
1 103 HIS n 
1 104 ASN n 
1 105 GLU n 
1 106 PHE n 
1 107 ILE n 
1 108 GLY n 
1 109 GLU n 
1 110 THR n 
1 111 ARG n 
1 112 PHE n 
1 113 SER n 
1 114 LEU n 
1 115 LYS n 
1 116 LYS n 
1 117 LEU n 
1 118 LYS n 
1 119 ALA n 
1 120 ASN n 
1 121 GLN n 
1 122 ARG n 
1 123 LYS n 
1 124 ASN n 
1 125 PHE n 
1 126 ASN n 
1 127 ILE n 
1 128 CYS n 
1 129 LEU n 
1 130 GLU n 
1 131 ARG n 
1 132 VAL n 
1 133 ILE n 
# 
_entity_src_gen.entity_id                          1 
_entity_src_gen.pdbx_src_id                        1 
_entity_src_gen.pdbx_alt_source_flag               sample 
_entity_src_gen.pdbx_seq_type                      ? 
_entity_src_gen.pdbx_beg_seq_num                   ? 
_entity_src_gen.pdbx_end_seq_num                   ? 
_entity_src_gen.gene_src_common_name               'brown rat,rat,rats' 
_entity_src_gen.gene_src_genus                     ? 
_entity_src_gen.pdbx_gene_src_gene                 Rph3a 
_entity_src_gen.gene_src_species                   ? 
_entity_src_gen.gene_src_strain                    ? 
_entity_src_gen.gene_src_tissue                    ? 
_entity_src_gen.gene_src_tissue_fraction           ? 
_entity_src_gen.gene_src_details                   ? 
_entity_src_gen.pdbx_gene_src_fragment             ? 
_entity_src_gen.pdbx_gene_src_scientific_name      'Rattus norvegicus' 
_entity_src_gen.pdbx_gene_src_ncbi_taxonomy_id     10116 
_entity_src_gen.pdbx_gene_src_variant              ? 
_entity_src_gen.pdbx_gene_src_cell_line            ? 
_entity_src_gen.pdbx_gene_src_atcc                 ? 
_entity_src_gen.pdbx_gene_src_organ                ? 
_entity_src_gen.pdbx_gene_src_organelle            ? 
_entity_src_gen.pdbx_gene_src_cell                 ? 
_entity_src_gen.pdbx_gene_src_cellular_location    ? 
_entity_src_gen.host_org_common_name               ? 
_entity_src_gen.pdbx_host_org_scientific_name      'Escherichia coli' 
_entity_src_gen.pdbx_host_org_ncbi_taxonomy_id     562 
_entity_src_gen.host_org_genus                     ? 
_entity_src_gen.pdbx_host_org_gene                 ? 
_entity_src_gen.pdbx_host_org_organ                ? 
_entity_src_gen.host_org_species                   ? 
_entity_src_gen.pdbx_host_org_tissue               ? 
_entity_src_gen.pdbx_host_org_tissue_fraction      ? 
_entity_src_gen.pdbx_host_org_strain               ? 
_entity_src_gen.pdbx_host_org_variant              ? 
_entity_src_gen.pdbx_host_org_cell_line            ? 
_entity_src_gen.pdbx_host_org_atcc                 ? 
_entity_src_gen.pdbx_host_org_culture_collection   ? 
_entity_src_gen.pdbx_host_org_cell                 ? 
_entity_src_gen.pdbx_host_org_organelle            ? 
_entity_src_gen.pdbx_host_org_cellular_location    ? 
_entity_src_gen.pdbx_host_org_vector_type          ? 
_entity_src_gen.pdbx_host_org_vector               ? 
_entity_src_gen.host_org_details                   ? 
_entity_src_gen.expression_system_id               ? 
_entity_src_gen.plasmid_name                       ? 
_entity_src_gen.plasmid_details                    ? 
_entity_src_gen.pdbx_description                   ? 
# 
_struct_ref.id                         1 
_struct_ref.db_name                    UNP 
_struct_ref.db_code                    RP3A_RAT 
_struct_ref.pdbx_db_accession          P47709 
_struct_ref.entity_id                  1 
_struct_ref.pdbx_seq_one_letter_code   
;DQATTLGALEFSLLYDQDNSNLQCTIIRAKGLKPMDSNGLADPYVKLHLLPGASKSNKLRTKTLRNTRNPVWNETLQYHG
ITEEDMQRKTLRISVCDEDKFGHNEFIGETRFSLKKLKANQRKNFNICLERVI
;
_struct_ref.pdbx_align_begin           378 
_struct_ref.pdbx_db_isoform            ? 
# 
_struct_ref_seq.align_id                      1 
_struct_ref_seq.ref_id                        1 
_struct_ref_seq.pdbx_PDB_id_code              4NS0 
_struct_ref_seq.pdbx_strand_id                A 
_struct_ref_seq.seq_align_beg                 1 
_struct_ref_seq.pdbx_seq_align_beg_ins_code   ? 
_struct_ref_seq.seq_align_end                 133 
_struct_ref_seq.pdbx_seq_align_end_ins_code   ? 
_struct_ref_seq.pdbx_db_accession             P47709 
_struct_ref_seq.db_align_beg                  378 
_struct_ref_seq.pdbx_db_align_beg_ins_code    ? 
_struct_ref_seq.db_align_end                  510 
_struct_ref_seq.pdbx_db_align_end_ins_code    ? 
_struct_ref_seq.pdbx_auth_seq_align_beg       378 
_struct_ref_seq.pdbx_auth_seq_align_end       510 
# 
loop_
_chem_comp.id 
_chem_comp.type 
_chem_comp.mon_nstd_flag 
_chem_comp.name 
_chem_comp.pdbx_synonyms 
_chem_comp.formula 
_chem_comp.formula_weight 
ALA 'L-peptide linking' y ALANINE ?                                                                'C3 H7 N O2'     89.093  
ARG 'L-peptide linking' y ARGININE ?                                                                'C6 H15 N4 O2 1' 175.209 
ASN 'L-peptide linking' y ASPARAGINE ?                                                                'C4 H8 N2 O3'    132.118 
ASP 'L-peptide linking' y 'ASPARTIC ACID' ?                                                                'C4 H7 N O4'     
133.103 
CYS 'L-peptide linking' y CYSTEINE ?                                                                'C3 H7 N O2 S'   121.158 
GLN 'L-peptide linking' y GLUTAMINE ?                                                                'C5 H10 N2 O3'   146.144 
GLU 'L-peptide linking' y 'GLUTAMIC ACID' ?                                                                'C5 H9 N O4'     
147.129 
GLY 'peptide linking'   y GLYCINE ?                                                                'C2 H5 N O2'     75.067  
HIS 'L-peptide linking' y HISTIDINE ?                                                                'C6 H10 N3 O2 1' 156.162 
HOH non-polymer         . WATER ?                                                                'H2 O'           18.015  
ILE 'L-peptide linking' y ISOLEUCINE ?                                                                'C6 H13 N O2'    131.173 
LEU 'L-peptide linking' y LEUCINE ?                                                                'C6 H13 N O2'    131.173 
LYS 'L-peptide linking' y LYSINE ?                                                                'C6 H15 N2 O2 1' 147.195 
MET 'L-peptide linking' y METHIONINE ?                                                                'C5 H11 N O2 S'  149.211 
PHE 'L-peptide linking' y PHENYLALANINE ?                                                                'C9 H11 N O2'    165.189 
PIO non-polymer         . 
;[(2R)-2-octanoyloxy-3-[oxidanyl-[(1R,2R,3S,4R,5R,6S)-2,3,6-tris(oxidanyl)-4,5-diphosphonooxy-cyclohexyl]oxy-phosphoryl]oxy-propyl] octanoate
;
'dioctanoyl l-alpha-phosphatidyl-d-myo-inositol 4,5-diphosphate' 'C25 H49 O19 P3' 746.566 
PRO 'L-peptide linking' y PROLINE ?                                                                'C5 H9 N O2'     115.130 
SER 'L-peptide linking' y SERINE ?                                                                'C3 H7 N O3'     105.093 
SO4 non-polymer         . 'SULFATE ION' ?                                                                'O4 S -2'        96.063  
THR 'L-peptide linking' y THREONINE ?                                                                'C4 H9 N O3'     119.119 
TRP 'L-peptide linking' y TRYPTOPHAN ?                                                                'C11 H12 N2 O2'  204.225 
TYR 'L-peptide linking' y TYROSINE ?                                                                'C9 H11 N O3'    181.189 
VAL 'L-peptide linking' y VALINE ?                                                                'C5 H11 N O2'    117.146 
# 
_exptl.entry_id          4NS0 
_exptl.method            'X-RAY DIFFRACTION' 
_exptl.crystals_number   2 
# 
_exptl_crystal.id                    1 
_exptl_crystal.density_meas          ? 
_exptl_crystal.density_Matthews      2.14 
_exptl_crystal.density_percent_sol   42.55 
_exptl_crystal.description           ? 
_exptl_crystal.F_000                 ? 
_exptl_crystal.preparation           ? 
# 
_exptl_crystal_grow.crystal_id      1 
_exptl_crystal_grow.method          'VAPOR DIFFUSION, SITTING DROP' 
_exptl_crystal_grow.temp            293 
_exptl_crystal_grow.temp_details    ? 
_exptl_crystal_grow.pH              7.5 
_exptl_crystal_grow.pdbx_pH_range   ? 
_exptl_crystal_grow.pdbx_details    
'25mM Hepes, 20mM Ammonuim Sulphate, 25% PEG 4K, pH 7.5, VAPOR DIFFUSION, SITTING DROP, temperature 293K' 
# 
_diffrn.id                     1 
_diffrn.ambient_temp           100 
_diffrn.ambient_temp_details   ? 
_diffrn.crystal_id             1 
# 
_diffrn_detector.diffrn_id              1 
_diffrn_detector.detector               PIXEL 
_diffrn_detector.type                   'PSI PILATUS 6M' 
_diffrn_detector.pdbx_collection_date   2012-03-18 
_diffrn_detector.details                ? 
# 
_diffrn_radiation.diffrn_id                        1 
_diffrn_radiation.wavelength_id                    1 
_diffrn_radiation.pdbx_monochromatic_or_laue_m_l   M 
_diffrn_radiation.monochromator                    ? 
_diffrn_radiation.pdbx_diffrn_protocol             'SINGLE WAVELENGTH' 
_diffrn_radiation.pdbx_scattering_type             x-ray 
# 
_diffrn_radiation_wavelength.id           1 
_diffrn_radiation_wavelength.wavelength   0.93 
_diffrn_radiation_wavelength.wt           1.0 
# 
_diffrn_source.diffrn_id                   1 
_diffrn_source.source                      SYNCHROTRON 
_diffrn_source.type                        'SOLEIL BEAMLINE PROXIMA 1' 
_diffrn_source.pdbx_synchrotron_site       SOLEIL 
_diffrn_source.pdbx_synchrotron_beamline   'PROXIMA 1' 
_diffrn_source.pdbx_wavelength             0.93 
_diffrn_source.pdbx_wavelength_list        ? 
# 
_reflns.pdbx_diffrn_id               1 
_reflns.pdbx_ordinal                 1 
_reflns.entry_id                     4NS0 
_reflns.observed_criterion_sigma_I   1.000 
_reflns.observed_criterion_sigma_F   ? 
_reflns.d_resolution_low             44.360 
_reflns.d_resolution_high            1.800 
_reflns.number_obs                   12421 
_reflns.number_all                   ? 
_reflns.percent_possible_obs         94.2 
_reflns.pdbx_Rmerge_I_obs            0.13100 
_reflns.pdbx_Rsym_value              0.06100 
_reflns.pdbx_netI_over_sigmaI        15.0000 
_reflns.B_iso_Wilson_estimate        ? 
_reflns.pdbx_redundancy              2.900 
_reflns.R_free_details               ? 
_reflns.limit_h_max                  ? 
_reflns.limit_h_min                  ? 
_reflns.limit_k_max                  ? 
_reflns.limit_k_min                  ? 
_reflns.limit_l_max                  ? 
_reflns.limit_l_min                  ? 
_reflns.observed_criterion_F_max     ? 
_reflns.observed_criterion_F_min     ? 
_reflns.pdbx_chi_squared             ? 
_reflns.pdbx_scaling_rejects         ? 
# 
_reflns_shell.pdbx_diffrn_id         1 
_reflns_shell.pdbx_ordinal           1 
_reflns_shell.d_res_high             1.78 
_reflns_shell.d_res_low              1.89 
_reflns_shell.percent_possible_all   96.9 
_reflns_shell.Rmerge_I_obs           0.72000 
_reflns_shell.pdbx_Rsym_value        ? 
_reflns_shell.meanI_over_sigI_obs    ? 
_reflns_shell.pdbx_redundancy        ? 
_reflns_shell.percent_possible_obs   ? 
_reflns_shell.number_unique_all      ? 
_reflns_shell.number_measured_all    ? 
_reflns_shell.number_measured_obs    ? 
_reflns_shell.number_unique_obs      ? 
_reflns_shell.pdbx_chi_squared       ? 
# 
_refine.pdbx_refine_id                           'X-RAY DIFFRACTION' 
_refine.entry_id                                 4NS0 
_refine.pdbx_diffrn_id                           1 
_refine.pdbx_TLS_residual_ADP_flag               ? 
_refine.ls_number_reflns_obs                     12047 
_refine.ls_number_reflns_all                     ? 
_refine.pdbx_ls_sigma_I                          ? 
_refine.pdbx_ls_sigma_F                          . 
_refine.pdbx_data_cutoff_high_absF               ? 
_refine.pdbx_data_cutoff_low_absF                ? 
_refine.pdbx_data_cutoff_high_rms_absF           ? 
_refine.ls_d_res_low                             44.36 
_refine.ls_d_res_high                            1.80 
_refine.ls_percent_reflns_obs                    99.47 
_refine.ls_R_factor_obs                          0.18612 
_refine.ls_R_factor_all                          ? 
_refine.ls_R_factor_R_work                       0.18405 
_refine.ls_R_factor_R_free                       0.22604 
_refine.ls_R_factor_R_free_error                 ? 
_refine.ls_R_factor_R_free_error_details         ? 
_refine.ls_percent_reflns_R_free                 5.0 
_refine.ls_number_reflns_R_free                  635 
_refine.ls_number_parameters                     ? 
_refine.ls_number_restraints                     ? 
_refine.occupancy_min                            ? 
_refine.occupancy_max                            ? 
_refine.correlation_coeff_Fo_to_Fc               0.959 
_refine.correlation_coeff_Fo_to_Fc_free          0.953 
_refine.B_iso_mean                               24.048 
_refine.aniso_B[1][1]                            0.14 
_refine.aniso_B[2][2]                            -0.10 
_refine.aniso_B[3][3]                            -0.04 
_refine.aniso_B[1][2]                            -0.00 
_refine.aniso_B[1][3]                            0.00 
_refine.aniso_B[2][3]                            -0.00 
_refine.solvent_model_details                    MASK 
_refine.solvent_model_param_ksol                 ? 
_refine.solvent_model_param_bsol                 ? 
_refine.pdbx_solvent_vdw_probe_radii             1.20 
_refine.pdbx_solvent_ion_probe_radii             0.80 
_refine.pdbx_solvent_shrinkage_radii             0.80 
_refine.pdbx_ls_cross_valid_method               THROUGHOUT 
_refine.details                                  'HYDROGENS HAVE BEEN ADDED IN THE RIDING POSITIONS' 
_refine.pdbx_starting_model                      2CHD 
_refine.pdbx_method_to_determine_struct          'MOLECULAR REPLACEMENT' 
_refine.pdbx_isotropic_thermal_model             ? 
_refine.pdbx_stereochemistry_target_values       'MAXIMUM LIKELIHOOD' 
_refine.pdbx_stereochem_target_val_spec_case     ? 
_refine.pdbx_R_Free_selection_details            RANDOM 
_refine.pdbx_overall_ESU_R                       0.135 
_refine.pdbx_overall_ESU_R_Free                  0.129 
_refine.overall_SU_ML                            0.100 
_refine.pdbx_overall_phase_error                 ? 
_refine.overall_SU_B                             3.744 
_refine.overall_SU_R_Cruickshank_DPI             ? 
_refine.pdbx_overall_SU_R_free_Cruickshank_DPI   ? 
_refine.pdbx_overall_SU_R_Blow_DPI               ? 
_refine.pdbx_overall_SU_R_free_Blow_DPI          ? 
_refine.ls_redundancy_reflns_obs                 ? 
_refine.B_iso_min                                ? 
_refine.B_iso_max                                ? 
_refine.overall_SU_R_free                        ? 
_refine.ls_wR_factor_R_free                      ? 
_refine.ls_wR_factor_R_work                      ? 
_refine.overall_FOM_free_R_set                   ? 
_refine.overall_FOM_work_R_set                   ? 
# 
_refine_hist.pdbx_refine_id                   'X-RAY DIFFRACTION' 
_refine_hist.cycle_id                         LAST 
_refine_hist.pdbx_number_atoms_protein        1019 
_refine_hist.pdbx_number_atoms_nucleic_acid   0 
_refine_hist.pdbx_number_atoms_ligand         39 
_refine_hist.number_atoms_solvent             113 
_refine_hist.number_atoms_total               1171 
_refine_hist.d_res_high                       1.80 
_refine_hist.d_res_low                        44.36 
# 
loop_
_refine_ls_restr.type 
_refine_ls_restr.dev_ideal 
_refine_ls_restr.dev_ideal_target 
_refine_ls_restr.weight 
_refine_ls_restr.number 
_refine_ls_restr.pdbx_refine_id 
_refine_ls_restr.pdbx_restraint_function 
r_bond_refined_d             0.006  0.019  ? 1077 'X-RAY DIFFRACTION' ? 
r_bond_other_d               0.001  0.020  ? 1029 'X-RAY DIFFRACTION' ? 
r_angle_refined_deg          1.200  2.007  ? 1457 'X-RAY DIFFRACTION' ? 
r_angle_other_deg            0.982  3.000  ? 2366 'X-RAY DIFFRACTION' ? 
r_dihedral_angle_1_deg       5.611  5.000  ? 129  'X-RAY DIFFRACTION' ? 
r_dihedral_angle_2_deg       30.006 23.878 ? 49   'X-RAY DIFFRACTION' ? 
r_dihedral_angle_3_deg       11.630 15.000 ? 197  'X-RAY DIFFRACTION' ? 
r_dihedral_angle_4_deg       7.480  15.000 ? 9    'X-RAY DIFFRACTION' ? 
r_chiral_restr               0.183  0.200  ? 166  'X-RAY DIFFRACTION' ? 
r_gen_planes_refined         0.003  0.020  ? 1178 'X-RAY DIFFRACTION' ? 
r_gen_planes_other           0.001  0.020  ? 245  'X-RAY DIFFRACTION' ? 
r_nbd_refined                ?      ?      ? ?    'X-RAY DIFFRACTION' ? 
r_nbd_other                  ?      ?      ? ?    'X-RAY DIFFRACTION' ? 
r_nbtor_refined              ?      ?      ? ?    'X-RAY DIFFRACTION' ? 
r_nbtor_other                ?      ?      ? ?    'X-RAY DIFFRACTION' ? 
r_xyhbond_nbd_refined        ?      ?      ? ?    'X-RAY DIFFRACTION' ? 
r_xyhbond_nbd_other          ?      ?      ? ?    'X-RAY DIFFRACTION' ? 
r_metal_ion_refined          ?      ?      ? ?    'X-RAY DIFFRACTION' ? 
r_metal_ion_other            ?      ?      ? ?    'X-RAY DIFFRACTION' ? 
r_symmetry_vdw_refined       ?      ?      ? ?    'X-RAY DIFFRACTION' ? 
r_symmetry_vdw_other         ?      ?      ? ?    'X-RAY DIFFRACTION' ? 
r_symmetry_hbond_refined     ?      ?      ? ?    'X-RAY DIFFRACTION' ? 
r_symmetry_hbond_other       ?      ?      ? ?    'X-RAY DIFFRACTION' ? 
r_symmetry_metal_ion_refined ?      ?      ? ?    'X-RAY DIFFRACTION' ? 
r_symmetry_metal_ion_other   ?      ?      ? ?    'X-RAY DIFFRACTION' ? 
r_mcbond_it                  1.086  2.221  ? 513  'X-RAY DIFFRACTION' ? 
r_mcbond_other               1.070  2.219  ? 512  'X-RAY DIFFRACTION' ? 
r_mcangle_it                 1.867  3.323  ? 640  'X-RAY DIFFRACTION' ? 
r_mcangle_other              1.929  3.297  ? 640  'X-RAY DIFFRACTION' ? 
r_scbond_it                  1.265  2.497  ? 564  'X-RAY DIFFRACTION' ? 
r_scbond_other               1.253  2.472  ? 566  'X-RAY DIFFRACTION' ? 
r_scangle_it                 ?      ?      ? ?    'X-RAY DIFFRACTION' ? 
r_scangle_other              2.066  3.639  ? 820  'X-RAY DIFFRACTION' ? 
r_long_range_B_refined       6.694  18.865 ? 1224 'X-RAY DIFFRACTION' ? 
r_long_range_B_other         5.928  18.232 ? 1184 'X-RAY DIFFRACTION' ? 
r_rigid_bond_restr           ?      ?      ? ?    'X-RAY DIFFRACTION' ? 
r_sphericity_free            ?      ?      ? ?    'X-RAY DIFFRACTION' ? 
r_sphericity_bonded          ?      ?      ? ?    'X-RAY DIFFRACTION' ? 
# 
_refine_ls_shell.pdbx_refine_id                   'X-RAY DIFFRACTION' 
_refine_ls_shell.pdbx_total_number_of_bins_used   20 
_refine_ls_shell.d_res_high                       1.800 
_refine_ls_shell.d_res_low                        1.847 
_refine_ls_shell.number_reflns_R_work             873 
_refine_ls_shell.R_factor_R_work                  0.375 
_refine_ls_shell.percent_reflns_obs               99.78 
_refine_ls_shell.R_factor_R_free                  0.412 
_refine_ls_shell.R_factor_R_free_error            ? 
_refine_ls_shell.percent_reflns_R_free            ? 
_refine_ls_shell.number_reflns_R_free             46 
_refine_ls_shell.number_reflns_all                ? 
_refine_ls_shell.R_factor_all                     ? 
_refine_ls_shell.redundancy_reflns_obs            ? 
_refine_ls_shell.number_reflns_obs                ? 
# 
_struct.entry_id                  4NS0 
_struct.title                     'The C2A domain of Rabphilin 3A in complex with PI(4,5)P2' 
_struct.pdbx_model_details        ? 
_struct.pdbx_CASP_flag            ? 
_struct.pdbx_model_type_details   ? 
# 
_struct_keywords.entry_id        4NS0 
_struct_keywords.pdbx_keywords   'PROTEIN TRANSPORT' 
_struct_keywords.text            
;C2 domain, Calcium binding, phospholipid binding, RABPHILIN-3A, C2A, SYNAPTIC EXOCYTOSIS METAL-BINDING, PROTEIN TRANSPORT, C-2 domain fold, EXOPHILIN-1
;
# 
loop_
_struct_asym.id 
_struct_asym.pdbx_blank_PDB_chainid_flag 
_struct_asym.pdbx_modified 
_struct_asym.entity_id 
_struct_asym.details 
A N N 1 ? 
B N N 2 ? 
C N N 3 ? 
D N N 4 ? 
# 
_struct_biol.id        1 
_struct_biol.details   ? 
# 
loop_
_struct_conf.conf_type_id 
_struct_conf.id 
_struct_conf.pdbx_PDB_helix_id 
_struct_conf.beg_label_comp_id 
_struct_conf.beg_label_asym_id 
_struct_conf.beg_label_seq_id 
_struct_conf.pdbx_beg_PDB_ins_code 
_struct_conf.end_label_comp_id 
_struct_conf.end_label_asym_id 
_struct_conf.end_label_seq_id 
_struct_conf.pdbx_end_PDB_ins_code 
_struct_conf.beg_auth_comp_id 
_struct_conf.beg_auth_asym_id 
_struct_conf.beg_auth_seq_id 
_struct_conf.end_auth_comp_id 
_struct_conf.end_auth_asym_id 
_struct_conf.end_auth_seq_id 
_struct_conf.pdbx_PDB_helix_class 
_struct_conf.details 
_struct_conf.pdbx_PDB_helix_length 
HELX_P HELX_P1 1 GLN A 17  ? ASN A 19  ? GLN A 394 ASN A 396 5 ? 3 
HELX_P HELX_P2 2 SER A 54  ? SER A 56  ? SER A 431 SER A 433 5 ? 3 
HELX_P HELX_P3 3 THR A 82  ? LYS A 89  ? THR A 459 LYS A 466 1 ? 8 
HELX_P HELX_P4 4 LYS A 115 ? LEU A 117 ? LYS A 492 LEU A 494 5 ? 3 
# 
_struct_conf_type.id          HELX_P 
_struct_conf_type.criteria    ? 
_struct_conf_type.reference   ? 
# 
_struct_mon_prot_cis.pdbx_id                1 
_struct_mon_prot_cis.label_comp_id          LEU 
_struct_mon_prot_cis.label_seq_id           50 
_struct_mon_prot_cis.label_asym_id          A 
_struct_mon_prot_cis.label_alt_id           . 
_struct_mon_prot_cis.pdbx_PDB_ins_code      ? 
_struct_mon_prot_cis.auth_comp_id           LEU 
_struct_mon_prot_cis.auth_seq_id            427 
_struct_mon_prot_cis.auth_asym_id           A 
_struct_mon_prot_cis.pdbx_label_comp_id_2   PRO 
_struct_mon_prot_cis.pdbx_label_seq_id_2    51 
_struct_mon_prot_cis.pdbx_label_asym_id_2   A 
_struct_mon_prot_cis.pdbx_PDB_ins_code_2    ? 
_struct_mon_prot_cis.pdbx_auth_comp_id_2    PRO 
_struct_mon_prot_cis.pdbx_auth_seq_id_2     428 
_struct_mon_prot_cis.pdbx_auth_asym_id_2    A 
_struct_mon_prot_cis.pdbx_PDB_model_num     1 
_struct_mon_prot_cis.pdbx_omega_angle       -0.44 
# 
loop_
_struct_sheet.id 
_struct_sheet.type 
_struct_sheet.number_strands 
_struct_sheet.details 
A ? 4 ? 
B ? 4 ? 
# 
loop_
_struct_sheet_order.sheet_id 
_struct_sheet_order.range_id_1 
_struct_sheet_order.range_id_2 
_struct_sheet_order.offset 
_struct_sheet_order.sense 
A 1 2 ? anti-parallel 
A 2 3 ? anti-parallel 
A 3 4 ? anti-parallel 
B 1 2 ? anti-parallel 
B 2 3 ? anti-parallel 
B 3 4 ? anti-parallel 
# 
loop_
_struct_sheet_range.sheet_id 
_struct_sheet_range.id 
_struct_sheet_range.beg_label_comp_id 
_struct_sheet_range.beg_label_asym_id 
_struct_sheet_range.beg_label_seq_id 
_struct_sheet_range.pdbx_beg_PDB_ins_code 
_struct_sheet_range.end_label_comp_id 
_struct_sheet_range.end_label_asym_id 
_struct_sheet_range.end_label_seq_id 
_struct_sheet_range.pdbx_end_PDB_ins_code 
_struct_sheet_range.beg_auth_comp_id 
_struct_sheet_range.beg_auth_asym_id 
_struct_sheet_range.beg_auth_seq_id 
_struct_sheet_range.end_auth_comp_id 
_struct_sheet_range.end_auth_asym_id 
_struct_sheet_range.end_auth_seq_id 
A 1 VAL A 71  ? HIS A 79  ? VAL A 448 HIS A 456 
A 2 ASN A 21  ? LYS A 30  ? ASN A 398 LYS A 407 
A 3 ALA A 8   ? ASP A 16  ? ALA A 385 ASP A 393 
A 4 LYS A 123 ? CYS A 128 ? LYS A 500 CYS A 505 
B 1 LYS A 58  ? ARG A 60  ? LYS A 435 ARG A 437 
B 2 PRO A 43  ? LEU A 50  ? PRO A 420 LEU A 427 
B 3 THR A 90  ? GLU A 98  ? THR A 467 GLU A 475 
B 4 ASN A 104 ? SER A 113 ? ASN A 481 SER A 490 
# 
loop_
_pdbx_struct_sheet_hbond.sheet_id 
_pdbx_struct_sheet_hbond.range_id_1 
_pdbx_struct_sheet_hbond.range_id_2 
_pdbx_struct_sheet_hbond.range_1_label_atom_id 
_pdbx_struct_sheet_hbond.range_1_label_comp_id 
_pdbx_struct_sheet_hbond.range_1_label_asym_id 
_pdbx_struct_sheet_hbond.range_1_label_seq_id 
_pdbx_struct_sheet_hbond.range_1_PDB_ins_code 
_pdbx_struct_sheet_hbond.range_1_auth_atom_id 
_pdbx_struct_sheet_hbond.range_1_auth_comp_id 
_pdbx_struct_sheet_hbond.range_1_auth_asym_id 
_pdbx_struct_sheet_hbond.range_1_auth_seq_id 
_pdbx_struct_sheet_hbond.range_2_label_atom_id 
_pdbx_struct_sheet_hbond.range_2_label_comp_id 
_pdbx_struct_sheet_hbond.range_2_label_asym_id 
_pdbx_struct_sheet_hbond.range_2_label_seq_id 
_pdbx_struct_sheet_hbond.range_2_PDB_ins_code 
_pdbx_struct_sheet_hbond.range_2_auth_atom_id 
_pdbx_struct_sheet_hbond.range_2_auth_comp_id 
_pdbx_struct_sheet_hbond.range_2_auth_asym_id 
_pdbx_struct_sheet_hbond.range_2_auth_seq_id 
A 1 2 O LEU A 76 ? O LEU A 453 N CYS A 24  ? N CYS A 401 
A 2 3 O GLN A 23 ? O GLN A 400 N LEU A 14  ? N LEU A 391 
A 3 4 N PHE A 11 ? N PHE A 388 O PHE A 125 ? O PHE A 502 
B 1 2 O LEU A 59 ? O LEU A 436 N LEU A 47  ? N LEU A 424 
B 2 3 N HIS A 48 ? N HIS A 425 O ARG A 92  ? O ARG A 469 
B 3 4 N ILE A 93 ? N ILE A 470 O THR A 110 ? O THR A 487 
# 
loop_
_struct_site.id 
_struct_site.pdbx_evidence_code 
_struct_site.pdbx_auth_asym_id 
_struct_site.pdbx_auth_comp_id 
_struct_site.pdbx_auth_seq_id 
_struct_site.pdbx_auth_ins_code 
_struct_site.pdbx_num_residues 
_struct_site.details 
AC1 Software A PIO 601 ? 14 'BINDING SITE FOR RESIDUE PIO A 601' 
AC2 Software A SO4 602 ? 4  'BINDING SITE FOR RESIDUE SO4 A 602' 
# 
loop_
_struct_site_gen.id 
_struct_site_gen.site_id 
_struct_site_gen.pdbx_num_res 
_struct_site_gen.label_comp_id 
_struct_site_gen.label_asym_id 
_struct_site_gen.label_seq_id 
_struct_site_gen.pdbx_auth_ins_code 
_struct_site_gen.auth_comp_id 
_struct_site_gen.auth_asym_id 
_struct_site_gen.auth_seq_id 
_struct_site_gen.label_atom_id 
_struct_site_gen.label_alt_id 
_struct_site_gen.symmetry 
_struct_site_gen.details 
1  AC1 14 LYS A 33  ? LYS A 410 . ? 4_556 ? 
2  AC1 14 PRO A 34  ? PRO A 411 . ? 4_556 ? 
3  AC1 14 MET A 35  ? MET A 412 . ? 4_556 ? 
4  AC1 14 ASP A 36  ? ASP A 413 . ? 4_556 ? 
5  AC1 14 SER A 37  ? SER A 414 . ? 4_556 ? 
6  AC1 14 TYR A 44  ? TYR A 421 . ? 1_555 ? 
7  AC1 14 LYS A 46  ? LYS A 423 . ? 1_555 ? 
8  AC1 14 LYS A 58  ? LYS A 435 . ? 1_555 ? 
9  AC1 14 LEU A 59  ? LEU A 436 . ? 1_555 ? 
10 AC1 14 ARG A 60  ? ARG A 437 . ? 1_555 ? 
11 AC1 14 GLU A 98  ? GLU A 475 . ? 1_555 ? 
12 AC1 14 GLY A 102 ? GLY A 479 . ? 1_555 ? 
13 AC1 14 HIS A 103 ? HIS A 480 . ? 1_555 ? 
14 AC1 14 ASN A 104 ? ASN A 481 . ? 1_555 ? 
15 AC2 4  LYS A 46  ? LYS A 423 . ? 1_555 ? 
16 AC2 4  ARG A 65  ? ARG A 442 . ? 4_456 ? 
17 AC2 4  ARG A 92  ? ARG A 469 . ? 1_555 ? 
18 AC2 4  SER A 94  ? SER A 471 . ? 1_555 ? 
# 
_atom_sites.entry_id                    4NS0 
_atom_sites.fract_transf_matrix[1][1]   0.01518186 
_atom_sites.fract_transf_matrix[1][2]   -0.00837862 
_atom_sites.fract_transf_matrix[1][3]   -0.01982291 
_atom_sites.fract_transf_matrix[2][1]   -0.01767306 
_atom_sites.fract_transf_matrix[2][2]   -0.01764081 
_atom_sites.fract_transf_matrix[2][3]   -0.00607904 
_atom_sites.fract_transf_matrix[3][1]   -0.00497488 
_atom_sites.fract_transf_matrix[3][2]   0.00737049 
_atom_sites.fract_transf_matrix[3][3]   -0.00692545 
_atom_sites.fract_transf_vector[1]      0.267763 
_atom_sites.fract_transf_vector[2]      0.255171 
_atom_sites.fract_transf_vector[3]      0.351607 
# 
loop_
_atom_type.symbol 
C 
N 
O 
P 
S 
# 
loop_
_atom_site.group_PDB 
_atom_site.id 
_atom_site.type_symbol 
_atom_site.label_atom_id 
_atom_site.label_alt_id 
_atom_site.label_comp_id 
_atom_site.label_asym_id 
_atom_site.label_entity_id 
_atom_site.label_seq_id 
_atom_site.pdbx_PDB_ins_code 
_atom_site.Cartn_x 
_atom_site.Cartn_y 
_atom_site.Cartn_z 
_atom_site.occupancy 
_atom_site.B_iso_or_equiv 
_atom_site.pdbx_formal_charge 
_atom_site.auth_seq_id 
_atom_site.auth_comp_id 
_atom_site.auth_asym_id 
_atom_site.auth_atom_id 
_atom_site.pdbx_PDB_model_num 
ATOM   1    N N   . THR A 1 5   ? -17.418 2.588   5.016   1.00 36.96 ? 382 THR A N   1 
ATOM   2    C CA  . THR A 1 5   ? -17.711 2.304   3.587   1.00 35.09 ? 382 THR A CA  1 
ATOM   3    C C   . THR A 1 5   ? -16.673 2.913   2.636   1.00 32.25 ? 382 THR A C   1 
ATOM   4    O O   . THR A 1 5   ? -16.992 3.217   1.483   1.00 30.77 ? 382 THR A O   1 
ATOM   5    C CB  . THR A 1 5   ? -19.123 2.804   3.201   1.00 36.27 ? 382 THR A CB  1 
ATOM   6    O OG1 . THR A 1 5   ? -19.403 2.458   1.838   1.00 38.52 ? 382 THR A OG1 1 
ATOM   7    C CG2 . THR A 1 5   ? -19.247 4.319   3.388   1.00 37.16 ? 382 THR A CG2 1 
ATOM   8    N N   . LEU A 1 6   ? -15.436 3.077   3.101   1.00 29.02 ? 383 LEU A N   1 
ATOM   9    C CA  . LEU A 1 6   ? -14.374 3.626   2.246   1.00 27.10 ? 383 LEU A CA  1 
ATOM   10   C C   . LEU A 1 6   ? -13.948 2.626   1.188   1.00 24.61 ? 383 LEU A C   1 
ATOM   11   O O   . LEU A 1 6   ? -13.684 2.996   0.048   1.00 23.73 ? 383 LEU A O   1 
ATOM   12   C CB  . LEU A 1 6   ? -13.147 4.037   3.070   1.00 26.92 ? 383 LEU A CB  1 
ATOM   13   C CG  . LEU A 1 6   ? -13.292 5.302   3.915   1.00 27.04 ? 383 LEU A CG  1 
ATOM   14   C CD1 . LEU A 1 6   ? -12.098 5.447   4.844   1.00 26.78 ? 383 LEU A CD1 1 
ATOM   15   C CD2 . LEU A 1 6   ? -13.448 6.545   3.047   1.00 26.91 ? 383 LEU A CD2 1 
ATOM   16   N N   . GLY A 1 7   ? -13.879 1.358   1.573   1.00 22.93 ? 384 GLY A N   1 
ATOM   17   C CA  . GLY A 1 7   ? -13.448 0.302   0.663   1.00 22.79 ? 384 GLY A CA  1 
ATOM   18   C C   . GLY A 1 7   ? -12.500 -0.672  1.323   1.00 21.40 ? 384 GLY A C   1 
ATOM   19   O O   . GLY A 1 7   ? -11.849 -0.348  2.309   1.00 21.43 ? 384 GLY A O   1 
ATOM   20   N N   . ALA A 1 8   ? -12.435 -1.875  0.772   1.00 21.11 ? 385 ALA A N   1 
ATOM   21   C CA  . ALA A 1 8   ? -11.641 -2.952  1.363   1.00 20.97 ? 385 ALA A CA  1 
ATOM   22   C C   . ALA A 1 8   ? -10.394 -3.220  0.531   1.00 19.78 ? 385 ALA A C   1 
ATOM   23   O O   . ALA A 1 8   ? -10.476 -3.312  -0.680  1.00 18.56 ? 385 ALA A O   1 
ATOM   24   C CB  . ALA A 1 8   ? -12.488 -4.210  1.477   1.00 21.58 ? 385 ALA A CB  1 
ATOM   25   N N   . LEU A 1 9   ? -9.246  -3.351  1.194   1.00 19.87 ? 386 LEU A N   1 
ATOM   26   C CA  . LEU A 1 9   ? -7.973  -3.584  0.508   1.00 19.55 ? 386 LEU A CA  1 
ATOM   27   C C   . LEU A 1 9   ? -7.430  -4.978  0.807   1.00 19.91 ? 386 LEU A C   1 
ATOM   28   O O   . LEU A 1 9   ? -7.529  -5.459  1.932   1.00 20.30 ? 386 LEU A O   1 
ATOM   29   C CB  . LEU A 1 9   ? -6.949  -2.535  0.945   1.00 19.88 ? 386 LEU A CB  1 
ATOM   30   C CG  . LEU A 1 9   ? -5.632  -2.506  0.165   1.00 20.19 ? 386 LEU A CG  1 
ATOM   31   C CD1 . LEU A 1 9   ? -5.859  -1.939  -1.229  1.00 21.07 ? 386 LEU A CD1 1 
ATOM   32   C CD2 . LEU A 1 9   ? -4.572  -1.696  0.898   1.00 20.58 ? 386 LEU A CD2 1 
ATOM   33   N N   . GLU A 1 10  ? -6.835  -5.597  -0.205  1.00 20.14 ? 387 GLU A N   1 
ATOM   34   C CA  . GLU A 1 10  ? -6.242  -6.921  -0.082  1.00 20.94 ? 387 GLU A CA  1 
ATOM   35   C C   . GLU A 1 10  ? -4.762  -6.845  -0.429  1.00 19.19 ? 387 GLU A C   1 
ATOM   36   O O   . GLU A 1 10  ? -4.389  -6.251  -1.432  1.00 17.96 ? 387 GLU A O   1 
ATOM   37   C CB  . GLU A 1 10  ? -6.967  -7.882  -1.021  1.00 23.37 ? 387 GLU A CB  1 
ATOM   38   C CG  . GLU A 1 10  ? -6.856  -9.337  -0.635  1.00 25.75 ? 387 GLU A CG  1 
ATOM   39   C CD  . GLU A 1 10  ? -7.744  -10.224 -1.482  1.00 27.94 ? 387 GLU A CD  1 
ATOM   40   O OE1 . GLU A 1 10  ? -7.274  -11.301 -1.905  1.00 29.65 ? 387 GLU A OE1 1 
ATOM   41   O OE2 . GLU A 1 10  ? -8.911  -9.835  -1.726  1.00 30.05 ? 387 GLU A OE2 1 
ATOM   42   N N   . PHE A 1 11  ? -3.922  -7.444  0.409   1.00 18.71 ? 388 PHE A N   1 
ATOM   43   C CA  . PHE A 1 11  ? -2.477  -7.437  0.204   1.00 18.19 ? 388 PHE A CA  1 
ATOM   44   C C   . PHE A 1 11  ? -1.788  -8.552  0.985   1.00 17.89 ? 388 PHE A C   1 
ATOM   45   O O   . PHE A 1 11  ? -2.361  -9.121  1.916   1.00 16.86 ? 388 PHE A O   1 
ATOM   46   C CB  . PHE A 1 11  ? -1.854  -6.064  0.533   1.00 17.94 ? 388 PHE A CB  1 
ATOM   47   C CG  . PHE A 1 11  ? -2.003  -5.630  1.973   1.00 17.96 ? 388 PHE A CG  1 
ATOM   48   C CD1 . PHE A 1 11  ? -3.170  -5.039  2.416   1.00 18.24 ? 388 PHE A CD1 1 
ATOM   49   C CD2 . PHE A 1 11  ? -0.952  -5.752  2.861   1.00 17.96 ? 388 PHE A CD2 1 
ATOM   50   C CE1 . PHE A 1 11  ? -3.307  -4.625  3.731   1.00 18.32 ? 388 PHE A CE1 1 
ATOM   51   C CE2 . PHE A 1 11  ? -1.080  -5.335  4.174   1.00 18.21 ? 388 PHE A CE2 1 
ATOM   52   C CZ  . PHE A 1 11  ? -2.262  -4.772  4.608   1.00 18.29 ? 388 PHE A CZ  1 
ATOM   53   N N   . SER A 1 12  ? -0.565  -8.862  0.571   1.00 18.02 ? 389 SER A N   1 
ATOM   54   C CA  . SER A 1 12  ? 0.250   -9.910  1.196   1.00 18.52 ? 389 SER A CA  1 
ATOM   55   C C   . SER A 1 12  ? 1.664   -9.405  1.411   1.00 18.76 ? 389 SER A C   1 
ATOM   56   O O   . SER A 1 12  ? 2.249   -8.783  0.525   1.00 18.48 ? 389 SER A O   1 
ATOM   57   C CB  . SER A 1 12  ? 0.291   -11.168 0.323   1.00 19.02 ? 389 SER A CB  1 
ATOM   58   O OG  . SER A 1 12  ? 0.947   -12.243 0.979   1.00 17.89 ? 389 SER A OG  1 
ATOM   59   N N   . LEU A 1 13  ? 2.208   -9.700  2.590   1.00 19.01 ? 390 LEU A N   1 
ATOM   60   C CA  . LEU A 1 13  ? 3.563   -9.312  2.947   1.00 19.10 ? 390 LEU A CA  1 
ATOM   61   C C   . LEU A 1 13  ? 4.447   -10.529 3.204   1.00 19.13 ? 390 LEU A C   1 
ATOM   62   O O   . LEU A 1 13  ? 3.999   -11.523 3.788   1.00 19.14 ? 390 LEU A O   1 
ATOM   63   C CB  . LEU A 1 13  ? 3.547   -8.464  4.202   1.00 18.94 ? 390 LEU A CB  1 
ATOM   64   C CG  . LEU A 1 13  ? 2.711   -7.193  4.200   1.00 19.00 ? 390 LEU A CG  1 
ATOM   65   C CD1 . LEU A 1 13  ? 2.774   -6.554  5.572   1.00 18.97 ? 390 LEU A CD1 1 
ATOM   66   C CD2 . LEU A 1 13  ? 3.216   -6.218  3.154   1.00 19.51 ? 390 LEU A CD2 1 
ATOM   67   N N   . LEU A 1 14  ? 5.702   -10.417 2.774   1.00 19.44 ? 391 LEU A N   1 
ATOM   68   C CA  . LEU A 1 14  ? 6.736   -11.414 3.039   1.00 19.71 ? 391 LEU A CA  1 
ATOM   69   C C   . LEU A 1 14  ? 8.078   -10.710 3.220   1.00 19.28 ? 391 LEU A C   1 
ATOM   70   O O   . LEU A 1 14  ? 8.502   -9.941  2.364   1.00 17.94 ? 391 LEU A O   1 
ATOM   71   C CB  . LEU A 1 14  ? 6.827   -12.418 1.893   1.00 20.53 ? 391 LEU A CB  1 
ATOM   72   C CG  . LEU A 1 14  ? 7.852   -13.552 2.023   1.00 21.02 ? 391 LEU A CG  1 
ATOM   73   C CD1 . LEU A 1 14  ? 7.363   -14.627 2.973   1.00 21.87 ? 391 LEU A CD1 1 
ATOM   74   C CD2 . LEU A 1 14  ? 8.138   -14.147 0.660   1.00 22.28 ? 391 LEU A CD2 1 
ATOM   75   N N   . TYR A 1 15  ? 8.736   -10.986 4.344   1.00 19.57 ? 392 TYR A N   1 
ATOM   76   C CA  . TYR A 1 15  ? 10.082  -10.498 4.590   1.00 20.21 ? 392 TYR A CA  1 
ATOM   77   C C   . TYR A 1 15  ? 11.075  -11.610 4.360   1.00 20.49 ? 392 TYR A C   1 
ATOM   78   O O   . TYR A 1 15  ? 11.326  -12.427 5.248   1.00 20.63 ? 392 TYR A O   1 
ATOM   79   C CB  . TYR A 1 15  ? 10.223  -9.953  6.018   1.00 20.57 ? 392 TYR A CB  1 
ATOM   80   C CG  . TYR A 1 15  ? 11.600  -9.404  6.349   1.00 20.78 ? 392 TYR A CG  1 
ATOM   81   C CD1 . TYR A 1 15  ? 12.184  -8.430  5.557   1.00 21.37 ? 392 TYR A CD1 1 
ATOM   82   C CD2 . TYR A 1 15  ? 12.304  -9.843  7.469   1.00 21.09 ? 392 TYR A CD2 1 
ATOM   83   C CE1 . TYR A 1 15  ? 13.431  -7.913  5.861   1.00 21.16 ? 392 TYR A CE1 1 
ATOM   84   C CE2 . TYR A 1 15  ? 13.560  -9.341  7.771   1.00 21.08 ? 392 TYR A CE2 1 
ATOM   85   C CZ  . TYR A 1 15  ? 14.118  -8.372  6.965   1.00 20.95 ? 392 TYR A CZ  1 
ATOM   86   O OH  . TYR A 1 15  ? 15.364  -7.850  7.255   1.00 20.39 ? 392 TYR A OH  1 
ATOM   87   N N   . ASP A 1 16  ? 11.631  -11.627 3.152   1.00 21.43 ? 393 ASP A N   1 
ATOM   88   C CA  . ASP A 1 16  ? 12.744  -12.504 2.795   1.00 21.93 ? 393 ASP A CA  1 
ATOM   89   C C   . ASP A 1 16  ? 14.001  -12.002 3.506   1.00 21.79 ? 393 ASP A C   1 
ATOM   90   O O   . ASP A 1 16  ? 14.769  -11.199 2.970   1.00 20.98 ? 393 ASP A O   1 
ATOM   91   C CB  . ASP A 1 16  ? 12.931  -12.519 1.276   1.00 22.75 ? 393 ASP A CB  1 
ATOM   92   C CG  . ASP A 1 16  ? 13.924  -13.568 0.811   1.00 23.31 ? 393 ASP A CG  1 
ATOM   93   O OD1 . ASP A 1 16  ? 14.259  -14.479 1.598   1.00 24.84 ? 393 ASP A OD1 1 
ATOM   94   O OD2 . ASP A 1 16  ? 14.372  -13.468 -0.339  1.00 23.21 ? 393 ASP A OD2 1 
ATOM   95   N N   . GLN A 1 17  ? 14.178  -12.485 4.730   1.00 22.16 ? 394 GLN A N   1 
ATOM   96   C CA  . GLN A 1 17  ? 15.170  -11.953 5.653   1.00 22.47 ? 394 GLN A CA  1 
ATOM   97   C C   . GLN A 1 17  ? 16.588  -12.081 5.123   1.00 22.37 ? 394 GLN A C   1 
ATOM   98   O O   . GLN A 1 17  ? 17.348  -11.110 5.129   1.00 22.32 ? 394 GLN A O   1 
ATOM   99   C CB  . GLN A 1 17  ? 15.046  -12.666 7.005   1.00 24.11 ? 394 GLN A CB  1 
ATOM   100  C CG  . GLN A 1 17  ? 15.950  -12.116 8.100   1.00 25.62 ? 394 GLN A CG  1 
ATOM   101  C CD  . GLN A 1 17  ? 15.655  -12.727 9.459   1.00 26.42 ? 394 GLN A CD  1 
ATOM   102  O OE1 . GLN A 1 17  ? 15.639  -13.942 9.607   1.00 27.76 ? 394 GLN A OE1 1 
ATOM   103  N NE2 . GLN A 1 17  ? 15.427  -11.886 10.455  1.00 27.89 ? 394 GLN A NE2 1 
ATOM   104  N N   . ASP A 1 18  ? 16.934  -13.281 4.667   1.00 22.69 ? 395 ASP A N   1 
ATOM   105  C CA  . ASP A 1 18  ? 18.290  -13.577 4.187   1.00 23.37 ? 395 ASP A CA  1 
ATOM   106  C C   . ASP A 1 18  ? 18.734  -12.666 3.036   1.00 21.56 ? 395 ASP A C   1 
ATOM   107  O O   . ASP A 1 18  ? 19.918  -12.402 2.868   1.00 20.97 ? 395 ASP A O   1 
ATOM   108  C CB  . ASP A 1 18  ? 18.399  -15.048 3.761   1.00 24.82 ? 395 ASP A CB  1 
ATOM   109  C CG  . ASP A 1 18  ? 18.293  -16.012 4.930   1.00 26.44 ? 395 ASP A CG  1 
ATOM   110  O OD1 . ASP A 1 18  ? 17.906  -15.587 6.039   1.00 29.79 ? 395 ASP A OD1 1 
ATOM   111  O OD2 . ASP A 1 18  ? 18.588  -17.209 4.737   1.00 27.29 ? 395 ASP A OD2 1 
ATOM   112  N N   . ASN A 1 19  ? 17.777  -12.169 2.259   1.00 20.17 ? 396 ASN A N   1 
ATOM   113  C CA  . ASN A 1 19  ? 18.084  -11.267 1.164   1.00 19.30 ? 396 ASN A CA  1 
ATOM   114  C C   . ASN A 1 19  ? 17.742  -9.798  1.430   1.00 18.03 ? 396 ASN A C   1 
ATOM   115  O O   . ASN A 1 19  ? 17.843  -8.965  0.538   1.00 17.74 ? 396 ASN A O   1 
ATOM   116  C CB  . ASN A 1 19  ? 17.418  -11.789 -0.107  1.00 19.66 ? 396 ASN A CB  1 
ATOM   117  C CG  . ASN A 1 19  ? 17.956  -13.146 -0.528  1.00 19.56 ? 396 ASN A CG  1 
ATOM   118  O OD1 . ASN A 1 19  ? 17.239  -14.154 -0.525  1.00 19.79 ? 396 ASN A OD1 1 
ATOM   119  N ND2 . ASN A 1 19  ? 19.228  -13.183 -0.877  1.00 19.28 ? 396 ASN A ND2 1 
ATOM   120  N N   . SER A 1 20  ? 17.391  -9.487  2.673   1.00 18.28 ? 397 SER A N   1 
ATOM   121  C CA  . SER A 1 20  ? 17.071  -8.124  3.089   1.00 18.27 ? 397 SER A CA  1 
ATOM   122  C C   . SER A 1 20  ? 16.030  -7.508  2.159   1.00 18.12 ? 397 SER A C   1 
ATOM   123  O O   . SER A 1 20  ? 16.211  -6.408  1.666   1.00 17.62 ? 397 SER A O   1 
ATOM   124  C CB  . SER A 1 20  ? 18.332  -7.254  3.149   1.00 17.74 ? 397 SER A CB  1 
ATOM   125  O OG  . SER A 1 20  ? 19.340  -7.859  3.937   1.00 17.88 ? 397 SER A OG  1 
ATOM   126  N N   . ASN A 1 21  ? 14.944  -8.249  1.950   1.00 18.84 ? 398 ASN A N   1 
ATOM   127  C CA  . ASN A 1 21  ? 13.910  -7.896  0.975   1.00 19.55 ? 398 ASN A CA  1 
ATOM   128  C C   . ASN A 1 21  ? 12.495  -8.066  1.534   1.00 19.06 ? 398 ASN A C   1 
ATOM   129  O O   . ASN A 1 21  ? 12.049  -9.177  1.802   1.00 18.40 ? 398 ASN A O   1 
ATOM   130  C CB  . ASN A 1 21  ? 14.089  -8.759  -0.278  1.00 20.58 ? 398 ASN A CB  1 
ATOM   131  C CG  . ASN A 1 21  ? 13.100  -8.420  -1.379  1.00 21.42 ? 398 ASN A CG  1 
ATOM   132  O OD1 . ASN A 1 21  ? 12.644  -9.308  -2.105  1.00 22.56 ? 398 ASN A OD1 1 
ATOM   133  N ND2 . ASN A 1 21  ? 12.762  -7.143  -1.509  1.00 21.23 ? 398 ASN A ND2 1 
ATOM   134  N N   . LEU A 1 22  ? 11.790  -6.952  1.699   1.00 19.12 ? 399 LEU A N   1 
ATOM   135  C CA  . LEU A 1 22  ? 10.386  -6.974  2.095   1.00 19.20 ? 399 LEU A CA  1 
ATOM   136  C C   . LEU A 1 22  ? 9.493   -6.854  0.870   1.00 19.61 ? 399 LEU A C   1 
ATOM   137  O O   . LEU A 1 22  ? 9.461   -5.803  0.216   1.00 19.04 ? 399 LEU A O   1 
ATOM   138  C CB  . LEU A 1 22  ? 10.091  -5.830  3.052   1.00 19.81 ? 399 LEU A CB  1 
ATOM   139  C CG  . LEU A 1 22  ? 8.641   -5.688  3.508   1.00 20.03 ? 399 LEU A CG  1 
ATOM   140  C CD1 . LEU A 1 22  ? 8.245   -6.861  4.382   1.00 20.83 ? 399 LEU A CD1 1 
ATOM   141  C CD2 . LEU A 1 22  ? 8.468   -4.388  4.257   1.00 20.66 ? 399 LEU A CD2 1 
ATOM   142  N N   . GLN A 1 23  ? 8.763   -7.923  0.572   1.00 19.63 ? 400 GLN A N   1 
ATOM   143  C CA  . GLN A 1 23  ? 7.944   -7.992  -0.635  1.00 20.33 ? 400 GLN A CA  1 
ATOM   144  C C   . GLN A 1 23  ? 6.493   -7.708  -0.288  1.00 19.07 ? 400 GLN A C   1 
ATOM   145  O O   . GLN A 1 23  ? 5.877   -8.468  0.474   1.00 18.19 ? 400 GLN A O   1 
ATOM   146  C CB  . GLN A 1 23  ? 8.056   -9.371  -1.281  1.00 22.36 ? 400 GLN A CB  1 
ATOM   147  C CG  . GLN A 1 23  ? 9.478   -9.805  -1.604  1.00 23.96 ? 400 GLN A CG  1 
ATOM   148  C CD  . GLN A 1 23  ? 9.545   -10.967 -2.588  1.00 25.69 ? 400 GLN A CD  1 
ATOM   149  O OE1 . GLN A 1 23  ? 10.238  -10.893 -3.606  1.00 28.40 ? 400 GLN A OE1 1 
ATOM   150  N NE2 . GLN A 1 23  ? 8.832   -12.046 -2.289  1.00 26.02 ? 400 GLN A NE2 1 
ATOM   151  N N   . CYS A 1 24  ? 5.964   -6.611  -0.835  1.00 17.99 ? 401 CYS A N   1 
ATOM   152  C CA  A CYS A 1 24  ? 4.596   -6.185  -0.568  0.50 17.45 ? 401 CYS A CA  1 
ATOM   153  C CA  B CYS A 1 24  ? 4.581   -6.204  -0.567  0.50 18.43 ? 401 CYS A CA  1 
ATOM   154  C C   . CYS A 1 24  ? 3.737   -6.342  -1.821  1.00 17.54 ? 401 CYS A C   1 
ATOM   155  O O   . CYS A 1 24  ? 3.860   -5.556  -2.779  1.00 16.60 ? 401 CYS A O   1 
ATOM   156  C CB  A CYS A 1 24  ? 4.580   -4.728  -0.089  0.50 17.09 ? 401 CYS A CB  1 
ATOM   157  C CB  B CYS A 1 24  ? 4.501   -4.770  -0.028  0.50 19.08 ? 401 CYS A CB  1 
ATOM   158  S SG  A CYS A 1 24  ? 5.684   -4.364  1.299   0.50 16.37 ? 401 CYS A SG  1 
ATOM   159  S SG  B CYS A 1 24  ? 2.813   -4.218  0.364   0.50 21.17 ? 401 CYS A SG  1 
ATOM   160  N N   . THR A 1 25  ? 2.879   -7.358  -1.817  1.00 17.05 ? 402 THR A N   1 
ATOM   161  C CA  . THR A 1 25  ? 2.010   -7.631  -2.956  1.00 16.73 ? 402 THR A CA  1 
ATOM   162  C C   . THR A 1 25  ? 0.685   -6.907  -2.768  1.00 16.31 ? 402 THR A C   1 
ATOM   163  O O   . THR A 1 25  ? -0.113  -7.270  -1.900  1.00 15.53 ? 402 THR A O   1 
ATOM   164  C CB  . THR A 1 25  ? 1.775   -9.138  -3.146  1.00 17.27 ? 402 THR A CB  1 
ATOM   165  O OG1 . THR A 1 25  ? 3.031   -9.802  -3.257  1.00 17.39 ? 402 THR A OG1 1 
ATOM   166  C CG2 . THR A 1 25  ? 0.994   -9.410  -4.421  1.00 18.10 ? 402 THR A CG2 1 
ATOM   167  N N   . ILE A 1 26  ? 0.478   -5.864  -3.567  1.00 15.91 ? 403 ILE A N   1 
ATOM   168  C CA  . ILE A 1 26  ? -0.766  -5.114  -3.545  1.00 16.26 ? 403 ILE A CA  1 
ATOM   169  C C   . ILE A 1 26  ? -1.727  -5.798  -4.503  1.00 15.54 ? 403 ILE A C   1 
ATOM   170  O O   . ILE A 1 26  ? -1.569  -5.708  -5.721  1.00 15.94 ? 403 ILE A O   1 
ATOM   171  C CB  . ILE A 1 26  ? -0.558  -3.641  -3.956  1.00 16.81 ? 403 ILE A CB  1 
ATOM   172  C CG1 . ILE A 1 26  ? 0.509   -2.963  -3.087  1.00 16.97 ? 403 ILE A CG1 1 
ATOM   173  C CG2 . ILE A 1 26  ? -1.866  -2.874  -3.844  1.00 17.30 ? 403 ILE A CG2 1 
ATOM   174  C CD1 . ILE A 1 26  ? 0.192   -2.938  -1.609  1.00 17.25 ? 403 ILE A CD1 1 
ATOM   175  N N   . ILE A 1 27  ? -2.723  -6.469  -3.943  1.00 15.38 ? 404 ILE A N   1 
ATOM   176  C CA  . ILE A 1 27  ? -3.596  -7.350  -4.712  1.00 15.57 ? 404 ILE A CA  1 
ATOM   177  C C   . ILE A 1 27  ? -4.752  -6.577  -5.360  1.00 15.77 ? 404 ILE A C   1 
ATOM   178  O O   . ILE A 1 27  ? -4.721  -6.292  -6.562  1.00 15.33 ? 404 ILE A O   1 
ATOM   179  C CB  . ILE A 1 27  ? -4.074  -8.544  -3.839  1.00 15.63 ? 404 ILE A CB  1 
ATOM   180  C CG1 . ILE A 1 27  ? -2.868  -9.375  -3.380  1.00 15.93 ? 404 ILE A CG1 1 
ATOM   181  C CG2 . ILE A 1 27  ? -5.038  -9.443  -4.605  1.00 16.29 ? 404 ILE A CG2 1 
ATOM   182  C CD1 . ILE A 1 27  ? -3.181  -10.452 -2.350  1.00 15.63 ? 404 ILE A CD1 1 
ATOM   183  N N   . ARG A 1 28  ? -5.755  -6.221  -4.567  1.00 16.49 ? 405 ARG A N   1 
ATOM   184  C CA  . ARG A 1 28  ? -6.947  -5.551  -5.092  1.00 17.14 ? 405 ARG A CA  1 
ATOM   185  C C   . ARG A 1 28  ? -7.609  -4.691  -4.033  1.00 16.82 ? 405 ARG A C   1 
ATOM   186  O O   . ARG A 1 28  ? -7.310  -4.798  -2.855  1.00 16.73 ? 405 ARG A O   1 
ATOM   187  C CB  . ARG A 1 28  ? -7.966  -6.591  -5.573  1.00 17.79 ? 405 ARG A CB  1 
ATOM   188  C CG  . ARG A 1 28  ? -8.622  -7.354  -4.432  1.00 18.83 ? 405 ARG A CG  1 
ATOM   189  C CD  . ARG A 1 28  ? -9.304  -8.634  -4.886  1.00 19.48 ? 405 ARG A CD  1 
ATOM   190  N NE  . ARG A 1 28  ? -10.333 -8.366  -5.886  1.00 20.37 ? 405 ARG A NE  1 
ATOM   191  C CZ  . ARG A 1 28  ? -11.085 -9.295  -6.463  1.00 21.75 ? 405 ARG A CZ  1 
ATOM   192  N NH1 . ARG A 1 28  ? -10.930 -10.587 -6.171  1.00 22.20 ? 405 ARG A NH1 1 
ATOM   193  N NH2 . ARG A 1 28  ? -11.999 -8.933  -7.348  1.00 22.59 ? 405 ARG A NH2 1 
ATOM   194  N N   . ALA A 1 29  ? -8.526  -3.844  -4.479  1.00 17.21 ? 406 ALA A N   1 
ATOM   195  C CA  . ALA A 1 29  ? -9.449  -3.162  -3.594  1.00 17.46 ? 406 ALA A CA  1 
ATOM   196  C C   . ALA A 1 29  ? -10.869 -3.376  -4.084  1.00 17.79 ? 406 ALA A C   1 
ATOM   197  O O   . ALA A 1 29  ? -11.108 -3.571  -5.270  1.00 17.68 ? 406 ALA A O   1 
ATOM   198  C CB  . ALA A 1 29  ? -9.135  -1.679  -3.518  1.00 17.71 ? 406 ALA A CB  1 
ATOM   199  N N   . LYS A 1 30  ? -11.809 -3.350  -3.149  1.00 19.21 ? 407 LYS A N   1 
ATOM   200  C CA  . LYS A 1 30  ? -13.215 -3.555  -3.467  1.00 20.23 ? 407 LYS A CA  1 
ATOM   201  C C   . LYS A 1 30  ? -14.060 -2.430  -2.871  1.00 19.51 ? 407 LYS A C   1 
ATOM   202  O O   . LYS A 1 30  ? -13.894 -2.072  -1.718  1.00 19.72 ? 407 LYS A O   1 
ATOM   203  C CB  . LYS A 1 30  ? -13.683 -4.887  -2.898  1.00 21.24 ? 407 LYS A CB  1 
ATOM   204  C CG  . LYS A 1 30  ? -12.951 -6.108  -3.430  1.00 22.35 ? 407 LYS A CG  1 
ATOM   205  C CD  . LYS A 1 30  ? -13.547 -7.377  -2.831  1.00 23.59 ? 407 LYS A CD  1 
ATOM   206  C CE  . LYS A 1 30  ? -12.742 -8.607  -3.201  1.00 25.05 ? 407 LYS A CE  1 
ATOM   207  N NZ  . LYS A 1 30  ? -13.378 -9.836  -2.662  1.00 26.89 ? 407 LYS A NZ  1 
ATOM   208  N N   . GLY A 1 31  ? -14.966 -1.886  -3.670  1.00 19.37 ? 408 GLY A N   1 
ATOM   209  C CA  . GLY A 1 31  ? -15.901 -0.871  -3.200  1.00 19.65 ? 408 GLY A CA  1 
ATOM   210  C C   . GLY A 1 31  ? -15.240 0.412   -2.726  1.00 19.21 ? 408 GLY A C   1 
ATOM   211  O O   . GLY A 1 31  ? -15.566 0.918   -1.658  1.00 19.71 ? 408 GLY A O   1 
ATOM   212  N N   . LEU A 1 32  ? -14.314 0.932   -3.521  1.00 18.82 ? 409 LEU A N   1 
ATOM   213  C CA  . LEU A 1 32  ? -13.685 2.223   -3.237  1.00 18.88 ? 409 LEU A CA  1 
ATOM   214  C C   . LEU A 1 32  ? -14.732 3.325   -3.319  1.00 19.06 ? 409 LEU A C   1 
ATOM   215  O O   . LEU A 1 32  ? -15.501 3.361   -4.257  1.00 18.74 ? 409 LEU A O   1 
ATOM   216  C CB  . LEU A 1 32  ? -12.555 2.506   -4.222  1.00 18.88 ? 409 LEU A CB  1 
ATOM   217  C CG  . LEU A 1 32  ? -11.368 1.553   -4.142  1.00 19.09 ? 409 LEU A CG  1 
ATOM   218  C CD1 . LEU A 1 32  ? -10.366 1.881   -5.229  1.00 19.68 ? 409 LEU A CD1 1 
ATOM   219  C CD2 . LEU A 1 32  ? -10.705 1.612   -2.776  1.00 19.42 ? 409 LEU A CD2 1 
ATOM   220  N N   . LYS A 1 33  ? -14.755 4.201   -2.318  1.00 20.48 ? 410 LYS A N   1 
ATOM   221  C CA  . LYS A 1 33  ? -15.838 5.178   -2.167  1.00 20.78 ? 410 LYS A CA  1 
ATOM   222  C C   . LYS A 1 33  ? -15.750 6.272   -3.211  1.00 20.10 ? 410 LYS A C   1 
ATOM   223  O O   . LYS A 1 33  ? -14.708 6.925   -3.337  1.00 19.23 ? 410 LYS A O   1 
ATOM   224  C CB  . LYS A 1 33  ? -15.822 5.802   -0.774  1.00 21.77 ? 410 LYS A CB  1 
ATOM   225  C CG  . LYS A 1 33  ? -16.927 6.839   -0.560  1.00 23.22 ? 410 LYS A CG  1 
ATOM   226  C CD  . LYS A 1 33  ? -17.336 6.978   0.902   1.00 24.32 ? 410 LYS A CD  1 
ATOM   227  C CE  . LYS A 1 33  ? -18.671 7.709   1.049   1.00 25.13 ? 410 LYS A CE  1 
ATOM   228  N NZ  . LYS A 1 33  ? -19.857 6.880   0.685   1.00 26.79 ? 410 LYS A NZ  1 
ATOM   229  N N   . PRO A 1 34  ? -16.844 6.480   -3.958  1.00 20.57 ? 411 PRO A N   1 
ATOM   230  C CA  . PRO A 1 34  ? -16.959 7.633   -4.849  1.00 21.39 ? 411 PRO A CA  1 
ATOM   231  C C   . PRO A 1 34  ? -16.892 8.951   -4.071  1.00 21.66 ? 411 PRO A C   1 
ATOM   232  O O   . PRO A 1 34  ? -17.581 9.098   -3.067  1.00 20.67 ? 411 PRO A O   1 
ATOM   233  C CB  . PRO A 1 34  ? -18.337 7.466   -5.484  1.00 21.49 ? 411 PRO A CB  1 
ATOM   234  C CG  . PRO A 1 34  ? -18.783 6.091   -5.190  1.00 21.42 ? 411 PRO A CG  1 
ATOM   235  C CD  . PRO A 1 34  ? -18.033 5.612   -4.002  1.00 21.11 ? 411 PRO A CD  1 
ATOM   236  N N   . MET A 1 35  ? -16.042 9.876   -4.503  1.00 21.88 ? 412 MET A N   1 
ATOM   237  C CA  . MET A 1 35  ? -15.859 11.124  -3.756  1.00 23.37 ? 412 MET A CA  1 
ATOM   238  C C   . MET A 1 35  ? -15.979 12.362  -4.648  1.00 21.38 ? 412 MET A C   1 
ATOM   239  O O   . MET A 1 35  ? -17.093 12.711  -5.041  1.00 20.75 ? 412 MET A O   1 
ATOM   240  C CB  . MET A 1 35  ? -14.548 11.087  -2.958  1.00 25.80 ? 412 MET A CB  1 
ATOM   241  C CG  . MET A 1 35  ? -14.562 10.079  -1.822  1.00 27.72 ? 412 MET A CG  1 
ATOM   242  S SD  . MET A 1 35  ? -12.962 9.928   -1.012  1.00 32.50 ? 412 MET A SD  1 
ATOM   243  C CE  . MET A 1 35  ? -12.930 11.441  -0.063  1.00 31.80 ? 412 MET A CE  1 
ATOM   244  N N   . ASP A 1 36  ? -14.868 13.031  -4.946  1.00 19.50 ? 413 ASP A N   1 
ATOM   245  C CA  . ASP A 1 36  ? -14.908 14.288  -5.684  1.00 19.04 ? 413 ASP A CA  1 
ATOM   246  C C   . ASP A 1 36  ? -15.616 14.084  -7.024  1.00 17.72 ? 413 ASP A C   1 
ATOM   247  O O   . ASP A 1 36  ? -15.197 13.269  -7.817  1.00 16.35 ? 413 ASP A O   1 
ATOM   248  C CB  . ASP A 1 36  ? -13.496 14.796  -5.936  1.00 19.22 ? 413 ASP A CB  1 
ATOM   249  C CG  . ASP A 1 36  ? -13.471 16.151  -6.591  1.00 19.36 ? 413 ASP A CG  1 
ATOM   250  O OD1 . ASP A 1 36  ? -14.542 16.767  -6.761  1.00 19.56 ? 413 ASP A OD1 1 
ATOM   251  O OD2 . ASP A 1 36  ? -12.365 16.608  -6.928  1.00 19.89 ? 413 ASP A OD2 1 
ATOM   252  N N   . SER A 1 37  ? -16.676 14.849  -7.263  1.00 17.14 ? 414 SER A N   1 
ATOM   253  C CA  . SER A 1 37  ? -17.408 14.782  -8.529  1.00 16.86 ? 414 SER A CA  1 
ATOM   254  C C   . SER A 1 37  ? -16.518 15.088  -9.732  1.00 16.87 ? 414 SER A C   1 
ATOM   255  O O   . SER A 1 37  ? -16.684 14.493  -10.791 1.00 17.54 ? 414 SER A O   1 
ATOM   256  C CB  . SER A 1 37  ? -18.586 15.750  -8.523  1.00 16.60 ? 414 SER A CB  1 
ATOM   257  O OG  . SER A 1 37  ? -19.540 15.400  -7.539  1.00 16.43 ? 414 SER A OG  1 
ATOM   258  N N   . ASN A 1 38  ? -15.593 16.023  -9.567  1.00 16.98 ? 415 ASN A N   1 
ATOM   259  C CA  . ASN A 1 38  ? -14.685 16.420  -10.650 1.00 17.77 ? 415 ASN A CA  1 
ATOM   260  C C   . ASN A 1 38  ? -13.481 15.480  -10.831 1.00 17.69 ? 415 ASN A C   1 
ATOM   261  O O   . ASN A 1 38  ? -12.767 15.576  -11.825 1.00 18.39 ? 415 ASN A O   1 
ATOM   262  C CB  . ASN A 1 38  ? -14.189 17.847  -10.412 1.00 18.38 ? 415 ASN A CB  1 
ATOM   263  C CG  . ASN A 1 38  ? -15.267 18.901  -10.647 1.00 19.15 ? 415 ASN A CG  1 
ATOM   264  O OD1 . ASN A 1 38  ? -16.430 18.589  -10.856 1.00 20.80 ? 415 ASN A OD1 1 
ATOM   265  N ND2 . ASN A 1 38  ? -14.869 20.166  -10.598 1.00 19.63 ? 415 ASN A ND2 1 
ATOM   266  N N   . GLY A 1 39  ? -13.271 14.576  -9.876  1.00 17.43 ? 416 GLY A N   1 
ATOM   267  C CA  . GLY A 1 39  ? -12.163 13.628  -9.922  1.00 17.72 ? 416 GLY A CA  1 
ATOM   268  C C   . GLY A 1 39  ? -12.446 12.429  -10.797 1.00 17.56 ? 416 GLY A C   1 
ATOM   269  O O   . GLY A 1 39  ? -13.461 12.372  -11.484 1.00 17.96 ? 416 GLY A O   1 
ATOM   270  N N   . LEU A 1 40  ? -11.536 11.459  -10.757 1.00 17.35 ? 417 LEU A N   1 
ATOM   271  C CA  . LEU A 1 40  ? -11.659 10.256  -11.562 1.00 17.03 ? 417 LEU A CA  1 
ATOM   272  C C   . LEU A 1 40  ? -11.558 9.016   -10.695 1.00 16.55 ? 417 LEU A C   1 
ATOM   273  O O   . LEU A 1 40  ? -10.930 9.024   -9.637  1.00 16.22 ? 417 LEU A O   1 
ATOM   274  C CB  . LEU A 1 40  ? -10.564 10.231  -12.628 1.00 17.27 ? 417 LEU A CB  1 
ATOM   275  C CG  . LEU A 1 40  ? -10.467 11.449  -13.549 1.00 17.23 ? 417 LEU A CG  1 
ATOM   276  C CD1 . LEU A 1 40  ? -9.237  11.347  -14.429 1.00 17.65 ? 417 LEU A CD1 1 
ATOM   277  C CD2 . LEU A 1 40  ? -11.701 11.604  -14.414 1.00 17.91 ? 417 LEU A CD2 1 
ATOM   278  N N   . ALA A 1 41  ? -12.177 7.941   -11.160 1.00 16.02 ? 418 ALA A N   1 
ATOM   279  C CA  . ALA A 1 41  ? -12.013 6.646   -10.532 1.00 16.38 ? 418 ALA A CA  1 
ATOM   280  C C   . ALA A 1 41  ? -10.764 5.974   -11.102 1.00 15.82 ? 418 ALA A C   1 
ATOM   281  O O   . ALA A 1 41  ? -10.855 4.941   -11.763 1.00 15.44 ? 418 ALA A O   1 
ATOM   282  C CB  . ALA A 1 41  ? -13.247 5.784   -10.757 1.00 16.69 ? 418 ALA A CB  1 
ATOM   283  N N   . ASP A 1 42  ? -9.604  6.576   -10.817 1.00 15.45 ? 419 ASP A N   1 
ATOM   284  C CA  . ASP A 1 42  ? -8.301  6.086   -11.281 1.00 15.21 ? 419 ASP A CA  1 
ATOM   285  C C   . ASP A 1 42  ? -7.438  5.751   -10.074 1.00 14.79 ? 419 ASP A C   1 
ATOM   286  O O   . ASP A 1 42  ? -6.547  6.523   -9.698  1.00 14.41 ? 419 ASP A O   1 
ATOM   287  C CB  . ASP A 1 42  ? -7.597  7.133   -12.148 1.00 15.56 ? 419 ASP A CB  1 
ATOM   288  C CG  . ASP A 1 42  ? -8.205  7.262   -13.536 1.00 15.58 ? 419 ASP A CG  1 
ATOM   289  O OD1 . ASP A 1 42  ? -9.322  6.769   -13.762 1.00 15.75 ? 419 ASP A OD1 1 
ATOM   290  O OD2 . ASP A 1 42  ? -7.553  7.864   -14.408 1.00 15.98 ? 419 ASP A OD2 1 
ATOM   291  N N   . PRO A 1 43  ? -7.703  4.593   -9.447  1.00 14.92 ? 420 PRO A N   1 
ATOM   292  C CA  . PRO A 1 43  ? -7.049  4.260   -8.185  1.00 14.85 ? 420 PRO A CA  1 
ATOM   293  C C   . PRO A 1 43  ? -5.595  3.776   -8.288  1.00 14.78 ? 420 PRO A C   1 
ATOM   294  O O   . PRO A 1 43  ? -5.202  3.153   -9.277  1.00 14.69 ? 420 PRO A O   1 
ATOM   295  C CB  . PRO A 1 43  ? -7.940  3.150   -7.626  1.00 15.03 ? 420 PRO A CB  1 
ATOM   296  C CG  . PRO A 1 43  ? -8.482  2.478   -8.825  1.00 15.15 ? 420 PRO A CG  1 
ATOM   297  C CD  . PRO A 1 43  ? -8.717  3.586   -9.813  1.00 14.80 ? 420 PRO A CD  1 
ATOM   298  N N   . TYR A 1 44  ? -4.821  4.070   -7.245  1.00 14.74 ? 421 TYR A N   1 
ATOM   299  C CA  . TYR A 1 44  ? -3.458  3.562   -7.089  1.00 14.81 ? 421 TYR A CA  1 
ATOM   300  C C   . TYR A 1 44  ? -3.068  3.510   -5.619  1.00 14.37 ? 421 TYR A C   1 
ATOM   301  O O   . TYR A 1 44  ? -3.636  4.208   -4.776  1.00 13.44 ? 421 TYR A O   1 
ATOM   302  C CB  . TYR A 1 44  ? -2.467  4.418   -7.871  1.00 15.21 ? 421 TYR A CB  1 
ATOM   303  C CG  . TYR A 1 44  ? -2.291  5.808   -7.311  1.00 15.55 ? 421 TYR A CG  1 
ATOM   304  C CD1 . TYR A 1 44  ? -3.255  6.776   -7.503  1.00 15.99 ? 421 TYR A CD1 1 
ATOM   305  C CD2 . TYR A 1 44  ? -1.152  6.147   -6.578  1.00 16.39 ? 421 TYR A CD2 1 
ATOM   306  C CE1 . TYR A 1 44  ? -3.098  8.054   -6.990  1.00 16.59 ? 421 TYR A CE1 1 
ATOM   307  C CE2 . TYR A 1 44  ? -0.988  7.420   -6.054  1.00 16.86 ? 421 TYR A CE2 1 
ATOM   308  C CZ  . TYR A 1 44  ? -1.965  8.369   -6.254  1.00 17.28 ? 421 TYR A CZ  1 
ATOM   309  O OH  . TYR A 1 44  ? -1.793  9.647   -5.742  1.00 18.57 ? 421 TYR A OH  1 
ATOM   310  N N   . VAL A 1 45  ? -2.094  2.664   -5.312  1.00 14.87 ? 422 VAL A N   1 
ATOM   311  C CA  . VAL A 1 45  ? -1.620  2.507   -3.934  1.00 14.95 ? 422 VAL A CA  1 
ATOM   312  C C   . VAL A 1 45  ? -0.208  3.077   -3.722  1.00 14.93 ? 422 VAL A C   1 
ATOM   313  O O   . VAL A 1 45  ? 0.690   2.900   -4.549  1.00 14.22 ? 422 VAL A O   1 
ATOM   314  C CB  . VAL A 1 45  ? -1.658  1.028   -3.510  1.00 15.36 ? 422 VAL A CB  1 
ATOM   315  C CG1 . VAL A 1 45  ? -1.212  0.864   -2.069  1.00 15.85 ? 422 VAL A CG1 1 
ATOM   316  C CG2 . VAL A 1 45  ? -3.067  0.493   -3.655  1.00 16.10 ? 422 VAL A CG2 1 
ATOM   317  N N   . LYS A 1 46  ? -0.025  3.744   -2.591  1.00 15.22 ? 423 LYS A N   1 
ATOM   318  C CA  . LYS A 1 46  ? 1.269   4.251   -2.191  1.00 15.66 ? 423 LYS A CA  1 
ATOM   319  C C   . LYS A 1 46  ? 1.702   3.581   -0.904  1.00 16.43 ? 423 LYS A C   1 
ATOM   320  O O   . LYS A 1 46  ? 0.891   3.361   0.008   1.00 15.27 ? 423 LYS A O   1 
ATOM   321  C CB  . LYS A 1 46  ? 1.220   5.758   -1.982  1.00 16.31 ? 423 LYS A CB  1 
ATOM   322  C CG  . LYS A 1 46  ? 1.038   6.555   -3.253  1.00 16.67 ? 423 LYS A CG  1 
ATOM   323  C CD  . LYS A 1 46  ? 0.742   8.013   -2.945  1.00 17.52 ? 423 LYS A CD  1 
ATOM   324  C CE  . LYS A 1 46  ? -0.716  8.196   -2.548  1.00 17.85 ? 423 LYS A CE  1 
ATOM   325  N NZ  . LYS A 1 46  ? -1.014  9.580   -2.124  1.00 18.25 ? 423 LYS A NZ  1 
ATOM   326  N N   . LEU A 1 47  ? 2.989   3.257   -0.854  1.00 16.64 ? 424 LEU A N   1 
ATOM   327  C CA  . LEU A 1 47  ? 3.624   2.675   0.320   1.00 17.90 ? 424 LEU A CA  1 
ATOM   328  C C   . LEU A 1 47  ? 4.603   3.682   0.918   1.00 18.09 ? 424 LEU A C   1 
ATOM   329  O O   . LEU A 1 47  ? 5.347   4.355   0.188   1.00 16.93 ? 424 LEU A O   1 
ATOM   330  C CB  . LEU A 1 47  ? 4.367   1.388   -0.055  1.00 18.05 ? 424 LEU A CB  1 
ATOM   331  C CG  . LEU A 1 47  ? 3.535   0.105   -0.145  1.00 19.17 ? 424 LEU A CG  1 
ATOM   332  C CD1 . LEU A 1 47  ? 2.216   0.279   -0.875  1.00 20.23 ? 424 LEU A CD1 1 
ATOM   333  C CD2 . LEU A 1 47  ? 4.354   -1.003  -0.785  1.00 19.63 ? 424 LEU A CD2 1 
ATOM   334  N N   . HIS A 1 48  ? 4.584   3.776   2.244   1.00 19.14 ? 425 HIS A N   1 
ATOM   335  C CA  . HIS A 1 48  ? 5.499   4.622   3.003   1.00 21.85 ? 425 HIS A CA  1 
ATOM   336  C C   . HIS A 1 48  ? 6.025   3.854   4.213   1.00 23.14 ? 425 HIS A C   1 
ATOM   337  O O   . HIS A 1 48  ? 5.251   3.249   4.947   1.00 22.90 ? 425 HIS A O   1 
ATOM   338  C CB  . HIS A 1 48  ? 4.784   5.875   3.519   1.00 23.02 ? 425 HIS A CB  1 
ATOM   339  C CG  . HIS A 1 48  ? 4.590   6.945   2.492   1.00 24.37 ? 425 HIS A CG  1 
ATOM   340  N ND1 . HIS A 1 48  ? 3.405   7.117   1.813   1.00 25.52 ? 425 HIS A ND1 1 
ATOM   341  C CD2 . HIS A 1 48  ? 5.422   7.918   2.049   1.00 26.29 ? 425 HIS A CD2 1 
ATOM   342  C CE1 . HIS A 1 48  ? 3.513   8.142   0.989   1.00 26.40 ? 425 HIS A CE1 1 
ATOM   343  N NE2 . HIS A 1 48  ? 4.730   8.643   1.108   1.00 27.16 ? 425 HIS A NE2 1 
ATOM   344  N N   . LEU A 1 49  ? 7.341   3.904   4.418   1.00 25.75 ? 426 LEU A N   1 
ATOM   345  C CA  . LEU A 1 49  ? 7.981   3.380   5.629   1.00 27.39 ? 426 LEU A CA  1 
ATOM   346  C C   . LEU A 1 49  ? 8.206   4.512   6.621   1.00 28.27 ? 426 LEU A C   1 
ATOM   347  O O   . LEU A 1 49  ? 8.953   5.448   6.335   1.00 28.91 ? 426 LEU A O   1 
ATOM   348  C CB  . LEU A 1 49  ? 9.324   2.727   5.293   1.00 29.00 ? 426 LEU A CB  1 
ATOM   349  C CG  . LEU A 1 49  ? 9.384   1.200   5.277   1.00 30.64 ? 426 LEU A CG  1 
ATOM   350  C CD1 . LEU A 1 49  ? 8.176   0.586   4.592   1.00 31.71 ? 426 LEU A CD1 1 
ATOM   351  C CD2 . LEU A 1 49  ? 10.661  0.739   4.593   1.00 31.21 ? 426 LEU A CD2 1 
ATOM   352  N N   . LEU A 1 50  ? 7.567   4.403   7.787   1.00 29.42 ? 427 LEU A N   1 
ATOM   353  C CA  . LEU A 1 50  ? 7.605   5.442   8.819   1.00 31.47 ? 427 LEU A CA  1 
ATOM   354  C C   . LEU A 1 50  ? 8.242   4.934   10.123  1.00 31.46 ? 427 LEU A C   1 
ATOM   355  O O   . LEU A 1 50  ? 7.796   3.932   10.671  1.00 31.03 ? 427 LEU A O   1 
ATOM   356  C CB  . LEU A 1 50  ? 6.189   5.933   9.118   1.00 32.38 ? 427 LEU A CB  1 
ATOM   357  C CG  . LEU A 1 50  ? 5.340   6.364   7.922   1.00 32.81 ? 427 LEU A CG  1 
ATOM   358  C CD1 . LEU A 1 50  ? 3.969   6.786   8.418   1.00 33.83 ? 427 LEU A CD1 1 
ATOM   359  C CD2 . LEU A 1 50  ? 6.001   7.488   7.136   1.00 33.15 ? 427 LEU A CD2 1 
ATOM   360  N N   . PRO A 1 51  ? 9.272   5.634   10.633  1.00 34.11 ? 428 PRO A N   1 
ATOM   361  C CA  . PRO A 1 51  ? 9.875   6.844   10.073  1.00 35.54 ? 428 PRO A CA  1 
ATOM   362  C C   . PRO A 1 51  ? 10.799  6.537   8.901   1.00 38.07 ? 428 PRO A C   1 
ATOM   363  O O   . PRO A 1 51  ? 11.416  5.467   8.844   1.00 39.42 ? 428 PRO A O   1 
ATOM   364  C CB  . PRO A 1 51  ? 10.652  7.430   11.255  1.00 35.85 ? 428 PRO A CB  1 
ATOM   365  C CG  . PRO A 1 51  ? 11.002  6.254   12.099  1.00 35.15 ? 428 PRO A CG  1 
ATOM   366  C CD  . PRO A 1 51  ? 9.902   5.248   11.914  1.00 34.63 ? 428 PRO A CD  1 
ATOM   367  N N   . GLY A 1 52  ? 10.871  7.472   7.964   1.00 40.93 ? 429 GLY A N   1 
ATOM   368  C CA  . GLY A 1 52  ? 11.676  7.298   6.760   1.00 44.72 ? 429 GLY A CA  1 
ATOM   369  C C   . GLY A 1 52  ? 12.277  8.614   6.329   1.00 48.04 ? 429 GLY A C   1 
ATOM   370  O O   . GLY A 1 52  ? 11.884  9.678   6.813   1.00 48.97 ? 429 GLY A O   1 
ATOM   371  N N   . ALA A 1 53  ? 13.226  8.539   5.404   1.00 51.86 ? 430 ALA A N   1 
ATOM   372  C CA  . ALA A 1 53  ? 13.933  9.727   4.933   1.00 55.22 ? 430 ALA A CA  1 
ATOM   373  C C   . ALA A 1 53  ? 13.309  10.341  3.672   1.00 55.70 ? 430 ALA A C   1 
ATOM   374  O O   . ALA A 1 53  ? 13.987  11.063  2.945   1.00 58.76 ? 430 ALA A O   1 
ATOM   375  C CB  . ALA A 1 53  ? 15.397  9.388   4.692   1.00 55.70 ? 430 ALA A CB  1 
ATOM   376  N N   . SER A 1 54  ? 12.025  10.061  3.425   1.00 56.63 ? 431 SER A N   1 
ATOM   377  C CA  . SER A 1 54  ? 11.297  10.544  2.240   1.00 57.24 ? 431 SER A CA  1 
ATOM   378  C C   . SER A 1 54  ? 11.898  10.020  0.931   1.00 56.48 ? 431 SER A C   1 
ATOM   379  O O   . SER A 1 54  ? 12.943  9.369   0.940   1.00 57.78 ? 431 SER A O   1 
ATOM   380  C CB  . SER A 1 54  ? 11.214  12.075  2.228   1.00 58.95 ? 431 SER A CB  1 
ATOM   381  O OG  . SER A 1 54  ? 10.384  12.534  1.173   1.00 59.76 ? 431 SER A OG  1 
ATOM   382  N N   . LYS A 1 55  ? 11.221  10.293  -0.185  1.00 52.43 ? 432 LYS A N   1 
ATOM   383  C CA  . LYS A 1 55  ? 11.652  9.839   -1.520  1.00 50.69 ? 432 LYS A CA  1 
ATOM   384  C C   . LYS A 1 55  ? 11.876  8.318   -1.623  1.00 45.75 ? 432 LYS A C   1 
ATOM   385  O O   . LYS A 1 55  ? 11.065  7.607   -2.221  1.00 46.69 ? 432 LYS A O   1 
ATOM   386  C CB  . LYS A 1 55  ? 12.912  10.592  -1.975  1.00 51.18 ? 432 LYS A CB  1 
ATOM   387  C CG  . LYS A 1 55  ? 12.680  12.032  -2.403  1.00 52.83 ? 432 LYS A CG  1 
ATOM   388  C CD  . LYS A 1 55  ? 14.004  12.765  -2.544  1.00 54.61 ? 432 LYS A CD  1 
ATOM   389  C CE  . LYS A 1 55  ? 13.848  14.140  -3.170  1.00 56.24 ? 432 LYS A CE  1 
ATOM   390  N NZ  . LYS A 1 55  ? 13.645  14.069  -4.644  1.00 59.45 ? 432 LYS A NZ  1 
ATOM   391  N N   . SER A 1 56  ? 12.976  7.832   -1.050  1.00 41.09 ? 433 SER A N   1 
ATOM   392  C CA  . SER A 1 56  ? 13.318  6.412   -1.106  1.00 37.94 ? 433 SER A CA  1 
ATOM   393  C C   . SER A 1 56  ? 12.383  5.507   -0.296  1.00 35.20 ? 433 SER A C   1 
ATOM   394  O O   . SER A 1 56  ? 12.218  4.332   -0.634  1.00 35.02 ? 433 SER A O   1 
ATOM   395  C CB  . SER A 1 56  ? 14.770  6.181   -0.672  1.00 38.53 ? 433 SER A CB  1 
ATOM   396  O OG  . SER A 1 56  ? 15.103  6.915   0.489   1.00 37.35 ? 433 SER A OG  1 
ATOM   397  N N   . ASN A 1 57  ? 11.769  6.045   0.757   1.00 31.17 ? 434 ASN A N   1 
ATOM   398  C CA  . ASN A 1 57  ? 10.821  5.267   1.561   1.00 28.97 ? 434 ASN A CA  1 
ATOM   399  C C   . ASN A 1 57  ? 9.499   4.990   0.837   1.00 26.58 ? 434 ASN A C   1 
ATOM   400  O O   . ASN A 1 57  ? 8.705   4.158   1.277   1.00 26.34 ? 434 ASN A O   1 
ATOM   401  C CB  . ASN A 1 57  ? 10.549  5.966   2.900   1.00 29.42 ? 434 ASN A CB  1 
ATOM   402  C CG  . ASN A 1 57  ? 9.675   7.201   2.757   1.00 30.96 ? 434 ASN A CG  1 
ATOM   403  O OD1 . ASN A 1 57  ? 9.669   7.861   1.712   1.00 30.87 ? 434 ASN A OD1 1 
ATOM   404  N ND2 . ASN A 1 57  ? 8.931   7.527   3.818   1.00 32.56 ? 434 ASN A ND2 1 
ATOM   405  N N   . LYS A 1 58  ? 9.274   5.683   -0.276  1.00 25.14 ? 435 LYS A N   1 
ATOM   406  C CA  . LYS A 1 58  ? 8.004   5.632   -0.999  1.00 24.31 ? 435 LYS A CA  1 
ATOM   407  C C   . LYS A 1 58  ? 8.045   4.682   -2.208  1.00 22.56 ? 435 LYS A C   1 
ATOM   408  O O   . LYS A 1 58  ? 9.005   4.684   -2.978  1.00 21.20 ? 435 LYS A O   1 
ATOM   409  C CB  . LYS A 1 58  ? 7.614   7.059   -1.433  1.00 26.06 ? 435 LYS A CB  1 
ATOM   410  C CG  . LYS A 1 58  ? 6.678   7.158   -2.633  1.00 27.34 ? 435 LYS A CG  1 
ATOM   411  C CD  . LYS A 1 58  ? 6.102   8.564   -2.762  1.00 29.05 ? 435 LYS A CD  1 
ATOM   412  C CE  . LYS A 1 58  ? 4.692   8.631   -2.194  1.00 30.49 ? 435 LYS A CE  1 
ATOM   413  N NZ  . LYS A 1 58  ? 4.249   10.025  -1.922  1.00 32.10 ? 435 LYS A NZ  1 
ATOM   414  N N   . LEU A 1 59  ? 6.997   3.872   -2.353  1.00 20.41 ? 436 LEU A N   1 
ATOM   415  C CA  . LEU A 1 59  ? 6.780   3.091   -3.561  1.00 19.90 ? 436 LEU A CA  1 
ATOM   416  C C   . LEU A 1 59  ? 5.336   3.260   -3.981  1.00 19.62 ? 436 LEU A C   1 
ATOM   417  O O   . LEU A 1 59  ? 4.497   3.670   -3.174  1.00 19.79 ? 436 LEU A O   1 
ATOM   418  C CB  . LEU A 1 59  ? 7.108   1.614   -3.331  1.00 19.92 ? 436 LEU A CB  1 
ATOM   419  C CG  . LEU A 1 59  ? 8.580   1.283   -3.104  1.00 19.88 ? 436 LEU A CG  1 
ATOM   420  C CD1 . LEU A 1 59  ? 8.748   -0.173  -2.694  1.00 20.59 ? 436 LEU A CD1 1 
ATOM   421  C CD2 . LEU A 1 59  ? 9.403   1.598   -4.343  1.00 20.36 ? 436 LEU A CD2 1 
ATOM   422  N N   . ARG A 1 60  ? 5.056   2.943   -5.240  1.00 18.51 ? 437 ARG A N   1 
ATOM   423  C CA  . ARG A 1 60  ? 3.762   3.223   -5.830  1.00 18.47 ? 437 ARG A CA  1 
ATOM   424  C C   . ARG A 1 60  ? 3.372   2.187   -6.873  1.00 17.12 ? 437 ARG A C   1 
ATOM   425  O O   . ARG A 1 60  ? 4.177   1.814   -7.719  1.00 16.36 ? 437 ARG A O   1 
ATOM   426  C CB  . ARG A 1 60  ? 3.799   4.600   -6.476  1.00 20.03 ? 437 ARG A CB  1 
ATOM   427  C CG  . ARG A 1 60  ? 2.454   5.116   -6.948  1.00 22.15 ? 437 ARG A CG  1 
ATOM   428  C CD  . ARG A 1 60  ? 2.659   6.077   -8.096  1.00 23.64 ? 437 ARG A CD  1 
ATOM   429  N NE  . ARG A 1 60  ? 1.457   6.836   -8.441  1.00 25.82 ? 437 ARG A NE  1 
ATOM   430  C CZ  . ARG A 1 60  ? 0.572   6.506   -9.375  1.00 27.44 ? 437 ARG A CZ  1 
ATOM   431  N NH1 . ARG A 1 60  ? 0.690   5.388   -10.091 1.00 29.87 ? 437 ARG A NH1 1 
ATOM   432  N NH2 . ARG A 1 60  ? -0.463  7.312   -9.583  1.00 28.75 ? 437 ARG A NH2 1 
ATOM   433  N N   . THR A 1 61  ? 2.115   1.760   -6.824  1.00 15.83 ? 438 THR A N   1 
ATOM   434  C CA  . THR A 1 61  ? 1.558   0.841   -7.812  1.00 15.40 ? 438 THR A CA  1 
ATOM   435  C C   . THR A 1 61  ? 1.217   1.528   -9.124  1.00 15.67 ? 438 THR A C   1 
ATOM   436  O O   . THR A 1 61  ? 1.241   2.751   -9.226  1.00 14.98 ? 438 THR A O   1 
ATOM   437  C CB  . THR A 1 61  ? 0.268   0.184   -7.303  1.00 15.25 ? 438 THR A CB  1 
ATOM   438  O OG1 . THR A 1 61  ? -0.732  1.188   -7.052  1.00 14.81 ? 438 THR A OG1 1 
ATOM   439  C CG2 . THR A 1 61  ? 0.534   -0.574  -6.037  1.00 15.18 ? 438 THR A CG2 1 
ATOM   440  N N   . LYS A 1 62  ? 0.871   0.715   -10.112 1.00 16.76 ? 439 LYS A N   1 
ATOM   441  C CA  . LYS A 1 62  ? 0.282   1.203   -11.362 1.00 18.49 ? 439 LYS A CA  1 
ATOM   442  C C   . LYS A 1 62  ? -1.059  1.879   -11.080 1.00 17.87 ? 439 LYS A C   1 
ATOM   443  O O   . LYS A 1 62  ? -1.767  1.501   -10.147 1.00 17.63 ? 439 LYS A O   1 
ATOM   444  C CB  . LYS A 1 62  ? 0.088   0.030   -12.327 1.00 20.28 ? 439 LYS A CB  1 
ATOM   445  C CG  . LYS A 1 62  ? -0.492  0.388   -13.688 1.00 22.53 ? 439 LYS A CG  1 
ATOM   446  C CD  . LYS A 1 62  ? -0.508  -0.819  -14.609 1.00 24.47 ? 439 LYS A CD  1 
ATOM   447  C CE  . LYS A 1 62  ? -1.007  -0.456  -15.995 1.00 25.84 ? 439 LYS A CE  1 
ATOM   448  N NZ  . LYS A 1 62  ? -1.065  -1.659  -16.864 1.00 27.64 ? 439 LYS A NZ  1 
ATOM   449  N N   . THR A 1 63  ? -1.387  2.892   -11.877 1.00 17.58 ? 440 THR A N   1 
ATOM   450  C CA  . THR A 1 63  ? -2.681  3.557   -11.801 1.00 17.70 ? 440 THR A CA  1 
ATOM   451  C C   . THR A 1 63  ? -3.632  2.928   -12.814 1.00 18.33 ? 440 THR A C   1 
ATOM   452  O O   . THR A 1 63  ? -3.314  2.807   -13.996 1.00 17.72 ? 440 THR A O   1 
ATOM   453  C CB  . THR A 1 63  ? -2.574  5.060   -12.076 1.00 17.57 ? 440 THR A CB  1 
ATOM   454  O OG1 . THR A 1 63  ? -1.689  5.659   -11.131 1.00 17.05 ? 440 THR A OG1 1 
ATOM   455  C CG2 . THR A 1 63  ? -3.955  5.724   -11.982 1.00 17.90 ? 440 THR A CG2 1 
ATOM   456  N N   . LEU A 1 64  ? -4.791  2.509   -12.330 1.00 18.93 ? 441 LEU A N   1 
ATOM   457  C CA  . LEU A 1 64  ? -5.811  1.929   -13.182 1.00 20.17 ? 441 LEU A CA  1 
ATOM   458  C C   . LEU A 1 64  ? -6.793  3.029   -13.614 1.00 20.43 ? 441 LEU A C   1 
ATOM   459  O O   . LEU A 1 64  ? -6.670  4.180   -13.193 1.00 19.88 ? 441 LEU A O   1 
ATOM   460  C CB  . LEU A 1 64  ? -6.511  0.780   -12.450 1.00 20.97 ? 441 LEU A CB  1 
ATOM   461  C CG  . LEU A 1 64  ? -5.769  -0.562  -12.476 1.00 22.01 ? 441 LEU A CG  1 
ATOM   462  C CD1 . LEU A 1 64  ? -4.272  -0.430  -12.232 1.00 23.68 ? 441 LEU A CD1 1 
ATOM   463  C CD2 . LEU A 1 64  ? -6.368  -1.540  -11.483 1.00 22.42 ? 441 LEU A CD2 1 
ATOM   464  N N   . ARG A 1 65  ? -7.745  2.681   -14.469 1.00 21.45 ? 442 ARG A N   1 
ATOM   465  C CA  . ARG A 1 65  ? -8.651  3.671   -15.059 1.00 22.45 ? 442 ARG A CA  1 
ATOM   466  C C   . ARG A 1 65  ? -10.078 3.188   -14.973 1.00 21.23 ? 442 ARG A C   1 
ATOM   467  O O   . ARG A 1 65  ? -10.350 2.039   -15.272 1.00 20.12 ? 442 ARG A O   1 
ATOM   468  C CB  . ARG A 1 65  ? -8.320  3.904   -16.535 1.00 24.69 ? 442 ARG A CB  1 
ATOM   469  C CG  . ARG A 1 65  ? -6.920  4.425   -16.792 1.00 26.83 ? 442 ARG A CG  1 
ATOM   470  C CD  . ARG A 1 65  ? -6.611  4.468   -18.284 1.00 29.05 ? 442 ARG A CD  1 
ATOM   471  N NE  . ARG A 1 65  ? -7.398  5.485   -18.981 1.00 31.59 ? 442 ARG A NE  1 
ATOM   472  C CZ  . ARG A 1 65  ? -7.258  5.801   -20.269 1.00 33.72 ? 442 ARG A CZ  1 
ATOM   473  N NH1 . ARG A 1 65  ? -6.348  5.194   -21.016 1.00 33.68 ? 442 ARG A NH1 1 
ATOM   474  N NH2 . ARG A 1 65  ? -8.027  6.740   -20.814 1.00 35.28 ? 442 ARG A NH2 1 
ATOM   475  N N   . ASN A 1 66  ? -10.976 4.084   -14.567 1.00 21.49 ? 443 ASN A N   1 
ATOM   476  C CA  . ASN A 1 66  ? -12.420 3.832   -14.575 1.00 21.40 ? 443 ASN A CA  1 
ATOM   477  C C   . ASN A 1 66  ? -12.820 2.576   -13.796 1.00 19.93 ? 443 ASN A C   1 
ATOM   478  O O   . ASN A 1 66  ? -13.423 1.670   -14.344 1.00 19.37 ? 443 ASN A O   1 
ATOM   479  C CB  . ASN A 1 66  ? -12.927 3.762   -16.028 1.00 22.51 ? 443 ASN A CB  1 
ATOM   480  C CG  . ASN A 1 66  ? -14.440 3.894   -16.135 1.00 23.55 ? 443 ASN A CG  1 
ATOM   481  O OD1 . ASN A 1 66  ? -15.088 4.430   -15.242 1.00 24.83 ? 443 ASN A OD1 1 
ATOM   482  N ND2 . ASN A 1 66  ? -15.004 3.405   -17.234 1.00 24.69 ? 443 ASN A ND2 1 
ATOM   483  N N   . THR A 1 67  ? -12.478 2.532   -12.512 1.00 19.31 ? 444 THR A N   1 
ATOM   484  C CA  . THR A 1 67  ? -12.829 1.393   -11.667 1.00 18.97 ? 444 THR A CA  1 
ATOM   485  C C   . THR A 1 67  ? -12.816 1.758   -10.178 1.00 19.20 ? 444 THR A C   1 
ATOM   486  O O   . THR A 1 67  ? -11.932 2.480   -9.711  1.00 18.71 ? 444 THR A O   1 
ATOM   487  C CB  . THR A 1 67  ? -11.895 0.188   -11.945 1.00 19.06 ? 444 THR A CB  1 
ATOM   488  O OG1 . THR A 1 67  ? -12.262 -0.930  -11.126 1.00 17.81 ? 444 THR A OG1 1 
ATOM   489  C CG2 . THR A 1 67  ? -10.447 0.552   -11.682 1.00 19.61 ? 444 THR A CG2 1 
ATOM   490  N N   . ARG A 1 68  ? -13.818 1.264   -9.455  1.00 19.77 ? 445 ARG A N   1 
ATOM   491  C CA  . ARG A 1 68  ? -13.867 1.330   -7.995  1.00 20.76 ? 445 ARG A CA  1 
ATOM   492  C C   . ARG A 1 68  ? -13.531 -0.035  -7.372  1.00 19.33 ? 445 ARG A C   1 
ATOM   493  O O   . ARG A 1 68  ? -13.558 -0.194  -6.149  1.00 18.88 ? 445 ARG A O   1 
ATOM   494  C CB  . ARG A 1 68  ? -15.263 1.765   -7.537  1.00 22.90 ? 445 ARG A CB  1 
ATOM   495  C CG  . ARG A 1 68  ? -15.831 2.946   -8.310  1.00 24.98 ? 445 ARG A CG  1 
ATOM   496  C CD  . ARG A 1 68  ? -17.016 3.564   -7.585  1.00 26.40 ? 445 ARG A CD  1 
ATOM   497  N NE  . ARG A 1 68  ? -17.657 4.619   -8.372  1.00 27.89 ? 445 ARG A NE  1 
ATOM   498  C CZ  . ARG A 1 68  ? -17.202 5.864   -8.507  1.00 28.75 ? 445 ARG A CZ  1 
ATOM   499  N NH1 . ARG A 1 68  ? -16.085 6.250   -7.911  1.00 29.77 ? 445 ARG A NH1 1 
ATOM   500  N NH2 . ARG A 1 68  ? -17.873 6.738   -9.247  1.00 29.69 ? 445 ARG A NH2 1 
ATOM   501  N N   . ASN A 1 69  ? -13.222 -1.011  -8.223  1.00 18.93 ? 446 ASN A N   1 
ATOM   502  C CA  . ASN A 1 69  ? -12.814 -2.338  -7.786  1.00 18.68 ? 446 ASN A CA  1 
ATOM   503  C C   . ASN A 1 69  ? -11.530 -2.780  -8.476  1.00 17.81 ? 446 ASN A C   1 
ATOM   504  O O   . ASN A 1 69  ? -11.521 -3.788  -9.168  1.00 16.43 ? 446 ASN A O   1 
ATOM   505  C CB  . ASN A 1 69  ? -13.930 -3.339  -8.089  1.00 20.39 ? 446 ASN A CB  1 
ATOM   506  C CG  . ASN A 1 69  ? -15.209 -3.029  -7.340  1.00 20.41 ? 446 ASN A CG  1 
ATOM   507  O OD1 . ASN A 1 69  ? -15.245 -3.063  -6.113  1.00 21.41 ? 446 ASN A OD1 1 
ATOM   508  N ND2 . ASN A 1 69  ? -16.269 -2.745  -8.077  1.00 21.42 ? 446 ASN A ND2 1 
ATOM   509  N N   . PRO A 1 70  ? -10.430 -2.031  -8.273  1.00 16.90 ? 447 PRO A N   1 
ATOM   510  C CA  . PRO A 1 70  ? -9.196  -2.267  -9.002  1.00 16.92 ? 447 PRO A CA  1 
ATOM   511  C C   . PRO A 1 70  ? -8.491  -3.548  -8.603  1.00 16.56 ? 447 PRO A C   1 
ATOM   512  O O   . PRO A 1 70  ? -8.506  -3.923  -7.439  1.00 15.27 ? 447 PRO A O   1 
ATOM   513  C CB  . PRO A 1 70  ? -8.335  -1.065  -8.628  1.00 17.17 ? 447 PRO A CB  1 
ATOM   514  C CG  . PRO A 1 70  ? -8.811  -0.695  -7.271  1.00 17.38 ? 447 PRO A CG  1 
ATOM   515  C CD  . PRO A 1 70  ? -10.298 -0.893  -7.350  1.00 17.42 ? 447 PRO A CD  1 
ATOM   516  N N   . VAL A 1 71  ? -7.901  -4.202  -9.600  1.00 17.61 ? 448 VAL A N   1 
ATOM   517  C CA  . VAL A 1 71  ? -7.028  -5.364  -9.409  1.00 18.30 ? 448 VAL A CA  1 
ATOM   518  C C   . VAL A 1 71  ? -5.634  -4.989  -9.916  1.00 17.88 ? 448 VAL A C   1 
ATOM   519  O O   . VAL A 1 71  ? -5.363  -5.033  -11.114 1.00 16.84 ? 448 VAL A O   1 
ATOM   520  C CB  . VAL A 1 71  ? -7.548  -6.592  -10.174 1.00 19.17 ? 448 VAL A CB  1 
ATOM   521  C CG1 . VAL A 1 71  ? -6.657  -7.808  -9.923  1.00 20.03 ? 448 VAL A CG1 1 
ATOM   522  C CG2 . VAL A 1 71  ? -8.981  -6.899  -9.769  1.00 19.69 ? 448 VAL A CG2 1 
ATOM   523  N N   . TRP A 1 72  ? -4.763  -4.596  -8.994  1.00 17.32 ? 449 TRP A N   1 
ATOM   524  C CA  . TRP A 1 72  ? -3.394  -4.238  -9.336  1.00 17.42 ? 449 TRP A CA  1 
ATOM   525  C C   . TRP A 1 72  ? -2.509  -5.467  -9.580  1.00 17.88 ? 449 TRP A C   1 
ATOM   526  O O   . TRP A 1 72  ? -1.750  -5.496  -10.539 1.00 18.17 ? 449 TRP A O   1 
ATOM   527  C CB  . TRP A 1 72  ? -2.775  -3.388  -8.233  1.00 17.04 ? 449 TRP A CB  1 
ATOM   528  C CG  . TRP A 1 72  ? -3.374  -2.034  -8.116  1.00 16.98 ? 449 TRP A CG  1 
ATOM   529  C CD1 . TRP A 1 72  ? -3.176  -0.977  -8.948  1.00 16.67 ? 449 TRP A CD1 1 
ATOM   530  C CD2 . TRP A 1 72  ? -4.264  -1.585  -7.100  1.00 16.69 ? 449 TRP A CD2 1 
ATOM   531  N NE1 . TRP A 1 72  ? -3.895  0.108   -8.515  1.00 16.71 ? 449 TRP A NE1 1 
ATOM   532  C CE2 . TRP A 1 72  ? -4.574  -0.238  -7.381  1.00 16.56 ? 449 TRP A CE2 1 
ATOM   533  C CE3 . TRP A 1 72  ? -4.837  -2.191  -5.985  1.00 17.09 ? 449 TRP A CE3 1 
ATOM   534  C CZ2 . TRP A 1 72  ? -5.425  0.515   -6.583  1.00 16.62 ? 449 TRP A CZ2 1 
ATOM   535  C CZ3 . TRP A 1 72  ? -5.690  -1.440  -5.187  1.00 17.35 ? 449 TRP A CZ3 1 
ATOM   536  C CH2 . TRP A 1 72  ? -5.968  -0.095  -5.488  1.00 16.95 ? 449 TRP A CH2 1 
ATOM   537  N N   . ASN A 1 73  ? -2.587  -6.454  -8.686  1.00 18.44 ? 450 ASN A N   1 
ATOM   538  C CA  . ASN A 1 73  ? -1.825  -7.702  -8.818  1.00 18.41 ? 450 ASN A CA  1 
ATOM   539  C C   . ASN A 1 73  ? -0.349  -7.414  -9.018  1.00 18.07 ? 450 ASN A C   1 
ATOM   540  O O   . ASN A 1 73  ? 0.240   -7.825  -10.014 1.00 18.28 ? 450 ASN A O   1 
ATOM   541  C CB  . ASN A 1 73  ? -2.355  -8.531  -9.991  1.00 19.27 ? 450 ASN A CB  1 
ATOM   542  C CG  . ASN A 1 73  ? -1.691  -9.904  -10.092 1.00 20.33 ? 450 ASN A CG  1 
ATOM   543  O OD1 . ASN A 1 73  ? -1.322  -10.504 -9.081  1.00 19.84 ? 450 ASN A OD1 1 
ATOM   544  N ND2 . ASN A 1 73  ? -1.556  -10.412 -11.318 1.00 21.09 ? 450 ASN A ND2 1 
ATOM   545  N N   . GLU A 1 74  ? 0.243   -6.694  -8.072  1.00 17.43 ? 451 GLU A N   1 
ATOM   546  C CA  . GLU A 1 74  ? 1.591   -6.177  -8.238  1.00 17.95 ? 451 GLU A CA  1 
ATOM   547  C C   . GLU A 1 74  ? 2.381   -6.251  -6.940  1.00 16.96 ? 451 GLU A C   1 
ATOM   548  O O   . GLU A 1 74  ? 1.869   -5.907  -5.883  1.00 16.14 ? 451 GLU A O   1 
ATOM   549  C CB  . GLU A 1 74  ? 1.532   -4.722  -8.727  1.00 18.76 ? 451 GLU A CB  1 
ATOM   550  C CG  . GLU A 1 74  ? 2.883   -4.143  -9.110  1.00 19.29 ? 451 GLU A CG  1 
ATOM   551  C CD  . GLU A 1 74  ? 2.834   -2.677  -9.486  1.00 19.58 ? 451 GLU A CD  1 
ATOM   552  O OE1 . GLU A 1 74  ? 1.819   -2.219  -10.049 1.00 21.51 ? 451 GLU A OE1 1 
ATOM   553  O OE2 . GLU A 1 74  ? 3.820   -1.978  -9.223  1.00 20.19 ? 451 GLU A OE2 1 
ATOM   554  N N   . THR A 1 75  ? 3.636   -6.680  -7.035  1.00 16.69 ? 452 THR A N   1 
ATOM   555  C CA  . THR A 1 75  ? 4.514   -6.778  -5.871  1.00 17.02 ? 452 THR A CA  1 
ATOM   556  C C   . THR A 1 75  ? 5.526   -5.644  -5.856  1.00 16.91 ? 452 THR A C   1 
ATOM   557  O O   . THR A 1 75  ? 6.365   -5.530  -6.736  1.00 17.76 ? 452 THR A O   1 
ATOM   558  C CB  . THR A 1 75  ? 5.252   -8.132  -5.808  1.00 17.49 ? 452 THR A CB  1 
ATOM   559  O OG1 . THR A 1 75  ? 4.297   -9.194  -5.792  1.00 17.79 ? 452 THR A OG1 1 
ATOM   560  C CG2 . THR A 1 75  ? 6.095   -8.234  -4.540  1.00 17.97 ? 452 THR A CG2 1 
ATOM   561  N N   . LEU A 1 76  ? 5.432   -4.798  -4.844  1.00 16.81 ? 453 LEU A N   1 
ATOM   562  C CA  . LEU A 1 76  ? 6.396   -3.731  -4.641  1.00 17.08 ? 453 LEU A CA  1 
ATOM   563  C C   . LEU A 1 76  ? 7.422   -4.237  -3.644  1.00 17.60 ? 453 LEU A C   1 
ATOM   564  O O   . LEU A 1 76  ? 7.062   -4.747  -2.594  1.00 17.22 ? 453 LEU A O   1 
ATOM   565  C CB  . LEU A 1 76  ? 5.701   -2.478  -4.116  1.00 17.18 ? 453 LEU A CB  1 
ATOM   566  C CG  . LEU A 1 76  ? 4.696   -1.812  -5.071  1.00 17.27 ? 453 LEU A CG  1 
ATOM   567  C CD1 . LEU A 1 76  ? 3.886   -0.744  -4.350  1.00 17.48 ? 453 LEU A CD1 1 
ATOM   568  C CD2 . LEU A 1 76  ? 5.395   -1.200  -6.271  1.00 18.12 ? 453 LEU A CD2 1 
ATOM   569  N N   . GLN A 1 77  ? 8.699   -4.108  -3.992  1.00 18.14 ? 454 GLN A N   1 
ATOM   570  C CA  . GLN A 1 77  ? 9.775   -4.676  -3.211  1.00 18.49 ? 454 GLN A CA  1 
ATOM   571  C C   . GLN A 1 77  ? 10.661  -3.584  -2.615  1.00 18.14 ? 454 GLN A C   1 
ATOM   572  O O   . GLN A 1 77  ? 11.227  -2.775  -3.342  1.00 17.40 ? 454 GLN A O   1 
ATOM   573  C CB  . GLN A 1 77  ? 10.615  -5.595  -4.097  1.00 19.81 ? 454 GLN A CB  1 
ATOM   574  C CG  . GLN A 1 77  ? 9.851   -6.798  -4.626  1.00 21.05 ? 454 GLN A CG  1 
ATOM   575  C CD  . GLN A 1 77  ? 10.750  -7.816  -5.311  1.00 22.58 ? 454 GLN A CD  1 
ATOM   576  O OE1 . GLN A 1 77  ? 11.843  -8.123  -4.827  1.00 24.52 ? 454 GLN A OE1 1 
ATOM   577  N NE2 . GLN A 1 77  ? 10.294  -8.351  -6.439  1.00 23.23 ? 454 GLN A NE2 1 
ATOM   578  N N   . TYR A 1 78  ? 10.762  -3.576  -1.286  1.00 18.20 ? 455 TYR A N   1 
ATOM   579  C CA  . TYR A 1 78  ? 11.717  -2.738  -0.571  1.00 18.65 ? 455 TYR A CA  1 
ATOM   580  C C   . TYR A 1 78  ? 12.985  -3.550  -0.328  1.00 18.76 ? 455 TYR A C   1 
ATOM   581  O O   . TYR A 1 78  ? 13.026  -4.398  0.567   1.00 18.78 ? 455 TYR A O   1 
ATOM   582  C CB  . TYR A 1 78  ? 11.160  -2.275  0.775   1.00 18.93 ? 455 TYR A CB  1 
ATOM   583  C CG  . TYR A 1 78  ? 10.165  -1.134  0.716   1.00 18.41 ? 455 TYR A CG  1 
ATOM   584  C CD1 . TYR A 1 78  ? 10.579  0.163   0.419   1.00 18.78 ? 455 TYR A CD1 1 
ATOM   585  C CD2 . TYR A 1 78  ? 8.822   -1.344  0.991   1.00 18.75 ? 455 TYR A CD2 1 
ATOM   586  C CE1 . TYR A 1 78  ? 9.680   1.219   0.389   1.00 18.52 ? 455 TYR A CE1 1 
ATOM   587  C CE2 . TYR A 1 78  ? 7.909   -0.293  0.954   1.00 18.94 ? 455 TYR A CE2 1 
ATOM   588  C CZ  . TYR A 1 78  ? 8.347   0.982   0.649   1.00 18.68 ? 455 TYR A CZ  1 
ATOM   589  O OH  . TYR A 1 78  ? 7.458   2.027   0.610   1.00 19.45 ? 455 TYR A OH  1 
ATOM   590  N N   . HIS A 1 79  ? 14.004  -3.283  -1.127  1.00 19.59 ? 456 HIS A N   1 
ATOM   591  C CA  . HIS A 1 79  ? 15.317  -3.893  -0.947  1.00 20.54 ? 456 HIS A CA  1 
ATOM   592  C C   . HIS A 1 79  ? 16.152  -3.160  0.085   1.00 20.58 ? 456 HIS A C   1 
ATOM   593  O O   . HIS A 1 79  ? 15.992  -1.959  0.298   1.00 20.59 ? 456 HIS A O   1 
ATOM   594  C CB  . HIS A 1 79  ? 16.054  -3.965  -2.283  1.00 21.26 ? 456 HIS A CB  1 
ATOM   595  C CG  . HIS A 1 79  ? 15.577  -5.076  -3.161  1.00 22.37 ? 456 HIS A CG  1 
ATOM   596  N ND1 . HIS A 1 79  ? 14.767  -4.868  -4.254  1.00 23.63 ? 456 HIS A ND1 1 
ATOM   597  C CD2 . HIS A 1 79  ? 15.784  -6.409  -3.095  1.00 23.70 ? 456 HIS A CD2 1 
ATOM   598  C CE1 . HIS A 1 79  ? 14.497  -6.026  -4.828  1.00 23.68 ? 456 HIS A CE1 1 
ATOM   599  N NE2 . HIS A 1 79  ? 15.110  -6.978  -4.147  1.00 24.50 ? 456 HIS A NE2 1 
ATOM   600  N N   . GLY A 1 80  ? 17.043  -3.901  0.736   1.00 21.03 ? 457 GLY A N   1 
ATOM   601  C CA  . GLY A 1 80  ? 17.902  -3.343  1.777   1.00 21.05 ? 457 GLY A CA  1 
ATOM   602  C C   . GLY A 1 80  ? 17.186  -3.111  3.096   1.00 21.00 ? 457 GLY A C   1 
ATOM   603  O O   . GLY A 1 80  ? 17.562  -2.231  3.873   1.00 22.05 ? 457 GLY A O   1 
ATOM   604  N N   . ILE A 1 81  ? 16.148  -3.899  3.347   1.00 20.81 ? 458 ILE A N   1 
ATOM   605  C CA  . ILE A 1 81  ? 15.410  -3.820  4.591   1.00 21.20 ? 458 ILE A CA  1 
ATOM   606  C C   . ILE A 1 81  ? 16.046  -4.772  5.597   1.00 21.20 ? 458 ILE A C   1 
ATOM   607  O O   . ILE A 1 81  ? 16.181  -5.973  5.319   1.00 19.53 ? 458 ILE A O   1 
ATOM   608  C CB  . ILE A 1 81  ? 13.933  -4.180  4.380   1.00 21.83 ? 458 ILE A CB  1 
ATOM   609  C CG1 . ILE A 1 81  ? 13.266  -3.162  3.449   1.00 22.53 ? 458 ILE A CG1 1 
ATOM   610  C CG2 . ILE A 1 81  ? 13.192  -4.262  5.711   1.00 22.50 ? 458 ILE A CG2 1 
ATOM   611  C CD1 . ILE A 1 81  ? 13.141  -1.764  4.007   1.00 23.30 ? 458 ILE A CD1 1 
ATOM   612  N N   . THR A 1 82  ? 16.428  -4.218  6.756   1.00 21.01 ? 459 THR A N   1 
ATOM   613  C CA  . THR A 1 82  ? 17.137  -4.951  7.797   1.00 22.10 ? 459 THR A CA  1 
ATOM   614  C C   . THR A 1 82  ? 16.274  -5.234  9.021   1.00 22.65 ? 459 THR A C   1 
ATOM   615  O O   . THR A 1 82  ? 15.163  -4.740  9.125   1.00 21.16 ? 459 THR A O   1 
ATOM   616  C CB  . THR A 1 82  ? 18.365  -4.159  8.284   1.00 22.44 ? 459 THR A CB  1 
ATOM   617  O OG1 . THR A 1 82  ? 17.943  -2.900  8.822   1.00 23.20 ? 459 THR A OG1 1 
ATOM   618  C CG2 . THR A 1 82  ? 19.346  -3.941  7.162   1.00 22.62 ? 459 THR A CG2 1 
ATOM   619  N N   . GLU A 1 83  ? 16.820  -6.020  9.952   1.00 24.11 ? 460 GLU A N   1 
ATOM   620  C CA  . GLU A 1 83  ? 16.160  -6.306  11.232  1.00 25.90 ? 460 GLU A CA  1 
ATOM   621  C C   . GLU A 1 83  ? 15.894  -5.032  12.023  1.00 26.19 ? 460 GLU A C   1 
ATOM   622  O O   . GLU A 1 83  ? 14.899  -4.947  12.741  1.00 25.31 ? 460 GLU A O   1 
ATOM   623  C CB  . GLU A 1 83  ? 17.004  -7.264  12.087  1.00 27.20 ? 460 GLU A CB  1 
ATOM   624  N N   . GLU A 1 84  ? 16.804  -4.064  11.899  1.00 26.65 ? 461 GLU A N   1 
ATOM   625  C CA  . GLU A 1 84  ? 16.637  -2.748  12.506  1.00 27.58 ? 461 GLU A CA  1 
ATOM   626  C C   . GLU A 1 84  ? 15.457  -1.997  11.902  1.00 26.93 ? 461 GLU A C   1 
ATOM   627  O O   . GLU A 1 84  ? 14.712  -1.331  12.622  1.00 27.57 ? 461 GLU A O   1 
ATOM   628  C CB  . GLU A 1 84  ? 17.904  -1.905  12.342  1.00 28.66 ? 461 GLU A CB  1 
ATOM   629  N N   . ASP A 1 85  ? 15.294  -2.088  10.585  1.00 26.61 ? 462 ASP A N   1 
ATOM   630  C CA  . ASP A 1 85  ? 14.152  -1.460  9.917   1.00 26.09 ? 462 ASP A CA  1 
ATOM   631  C C   . ASP A 1 85  ? 12.857  -2.168  10.305  1.00 25.72 ? 462 ASP A C   1 
ATOM   632  O O   . ASP A 1 85  ? 11.848  -1.521  10.575  1.00 24.83 ? 462 ASP A O   1 
ATOM   633  C CB  . ASP A 1 85  ? 14.329  -1.469  8.395   1.00 27.36 ? 462 ASP A CB  1 
ATOM   634  C CG  . ASP A 1 85  ? 15.570  -0.707  7.940   1.00 28.29 ? 462 ASP A CG  1 
ATOM   635  O OD1 . ASP A 1 85  ? 16.123  0.089   8.727   1.00 28.70 ? 462 ASP A OD1 1 
ATOM   636  O OD2 . ASP A 1 85  ? 15.997  -0.913  6.788   1.00 29.60 ? 462 ASP A OD2 1 
ATOM   637  N N   . MET A 1 86  ? 12.893  -3.498  10.360  1.00 26.04 ? 463 MET A N   1 
ATOM   638  C CA  . MET A 1 86  ? 11.700  -4.267  10.711  1.00 26.35 ? 463 MET A CA  1 
ATOM   639  C C   . MET A 1 86  ? 11.262  -3.955  12.141  1.00 27.08 ? 463 MET A C   1 
ATOM   640  O O   . MET A 1 86  ? 10.073  -3.916  12.427  1.00 27.84 ? 463 MET A O   1 
ATOM   641  C CB  . MET A 1 86  ? 11.950  -5.765  10.543  1.00 26.73 ? 463 MET A CB  1 
ATOM   642  C CG  . MET A 1 86  ? 12.133  -6.218  9.098   1.00 27.01 ? 463 MET A CG  1 
ATOM   643  S SD  . MET A 1 86  ? 10.711  -5.892  8.039   1.00 26.62 ? 463 MET A SD  1 
ATOM   644  C CE  . MET A 1 86  ? 9.626   -7.206  8.568   1.00 27.14 ? 463 MET A CE  1 
ATOM   645  N N   . GLN A 1 87  ? 12.233  -3.709  13.021  1.00 27.44 ? 464 GLN A N   1 
ATOM   646  C CA  . GLN A 1 87  ? 11.972  -3.332  14.412  1.00 28.10 ? 464 GLN A CA  1 
ATOM   647  C C   . GLN A 1 87  ? 11.389  -1.931  14.554  1.00 27.91 ? 464 GLN A C   1 
ATOM   648  O O   . GLN A 1 87  ? 10.473  -1.714  15.354  1.00 28.91 ? 464 GLN A O   1 
ATOM   649  C CB  . GLN A 1 87  ? 13.267  -3.406  15.230  1.00 28.96 ? 464 GLN A CB  1 
ATOM   650  N N   . ARG A 1 88  ? 11.926  -0.986  13.788  1.00 27.63 ? 465 ARG A N   1 
ATOM   651  C CA  . ARG A 1 88  ? 11.594  0.432   13.953  1.00 27.75 ? 465 ARG A CA  1 
ATOM   652  C C   . ARG A 1 88  ? 10.391  0.895   13.151  1.00 27.07 ? 465 ARG A C   1 
ATOM   653  O O   . ARG A 1 88  ? 9.579   1.690   13.645  1.00 27.63 ? 465 ARG A O   1 
ATOM   654  C CB  . ARG A 1 88  ? 12.785  1.309   13.564  1.00 29.58 ? 465 ARG A CB  1 
ATOM   655  C CG  . ARG A 1 88  ? 13.982  1.226   14.499  1.00 30.99 ? 465 ARG A CG  1 
ATOM   656  C CD  . ARG A 1 88  ? 15.101  2.140   14.019  1.00 32.21 ? 465 ARG A CD  1 
ATOM   657  N NE  . ARG A 1 88  ? 16.366  1.908   14.721  1.00 33.02 ? 465 ARG A NE  1 
ATOM   658  C CZ  . ARG A 1 88  ? 16.795  2.584   15.788  1.00 34.98 ? 465 ARG A CZ  1 
ATOM   659  N NH1 . ARG A 1 88  ? 16.069  3.559   16.337  1.00 35.64 ? 465 ARG A NH1 1 
ATOM   660  N NH2 . ARG A 1 88  ? 17.974  2.276   16.321  1.00 36.21 ? 465 ARG A NH2 1 
ATOM   661  N N   . LYS A 1 89  ? 10.270  0.403   11.921  1.00 25.28 ? 466 LYS A N   1 
ATOM   662  C CA  . LYS A 1 89  ? 9.392   1.028   10.928  1.00 24.19 ? 466 LYS A CA  1 
ATOM   663  C C   . LYS A 1 89  ? 7.970   0.473   10.839  1.00 22.56 ? 466 LYS A C   1 
ATOM   664  O O   . LYS A 1 89  ? 7.716   -0.689  11.143  1.00 21.03 ? 466 LYS A O   1 
ATOM   665  C CB  . LYS A 1 89  ? 10.054  0.962   9.547   1.00 24.90 ? 466 LYS A CB  1 
ATOM   666  C CG  . LYS A 1 89  ? 11.423  1.628   9.486   1.00 25.89 ? 466 LYS A CG  1 
ATOM   667  C CD  . LYS A 1 89  ? 11.989  1.633   8.076   1.00 27.21 ? 466 LYS A CD  1 
ATOM   668  C CE  . LYS A 1 89  ? 13.409  2.179   8.033   1.00 28.76 ? 466 LYS A CE  1 
ATOM   669  N NZ  . LYS A 1 89  ? 13.466  3.637   8.335   1.00 29.68 ? 466 LYS A NZ  1 
ATOM   670  N N   . THR A 1 90  ? 7.049   1.334   10.407  1.00 21.59 ? 467 THR A N   1 
ATOM   671  C CA  . THR A 1 90  ? 5.660   0.957   10.157  1.00 21.00 ? 467 THR A CA  1 
ATOM   672  C C   . THR A 1 90  ? 5.326   1.159   8.673   1.00 20.05 ? 467 THR A C   1 
ATOM   673  O O   . THR A 1 90  ? 5.656   2.186   8.104   1.00 20.13 ? 467 THR A O   1 
ATOM   674  C CB  . THR A 1 90  ? 4.711   1.803   11.011  1.00 20.82 ? 467 THR A CB  1 
ATOM   675  O OG1 . THR A 1 90  ? 4.969   1.546   12.391  1.00 21.16 ? 467 THR A OG1 1 
ATOM   676  C CG2 . THR A 1 90  ? 3.249   1.476   10.702  1.00 21.37 ? 467 THR A CG2 1 
ATOM   677  N N   . LEU A 1 91  ? 4.679   0.172   8.061   1.00 19.41 ? 468 LEU A N   1 
ATOM   678  C CA  . LEU A 1 91  ? 4.288   0.261   6.657   1.00 19.31 ? 468 LEU A CA  1 
ATOM   679  C C   . LEU A 1 91  ? 2.920   0.919   6.534   1.00 19.24 ? 468 LEU A C   1 
ATOM   680  O O   . LEU A 1 91  ? 1.921   0.320   6.908   1.00 19.05 ? 468 LEU A O   1 
ATOM   681  C CB  . LEU A 1 91  ? 4.249   -1.126  6.023   1.00 19.33 ? 468 LEU A CB  1 
ATOM   682  C CG  . LEU A 1 91  ? 3.891   -1.229  4.538   1.00 19.63 ? 468 LEU A CG  1 
ATOM   683  C CD1 . LEU A 1 91  ? 4.973   -0.634  3.663   1.00 20.36 ? 468 LEU A CD1 1 
ATOM   684  C CD2 . LEU A 1 91  ? 3.669   -2.675  4.160   1.00 19.60 ? 468 LEU A CD2 1 
ATOM   685  N N   . ARG A 1 92  ? 2.887   2.142   6.002   1.00 18.84 ? 469 ARG A N   1 
ATOM   686  C CA  . ARG A 1 92  ? 1.633   2.827   5.733   1.00 18.81 ? 469 ARG A CA  1 
ATOM   687  C C   . ARG A 1 92  ? 1.231   2.610   4.274   1.00 18.18 ? 469 ARG A C   1 
ATOM   688  O O   . ARG A 1 92  ? 1.991   2.942   3.353   1.00 17.96 ? 469 ARG A O   1 
ATOM   689  C CB  . ARG A 1 92  ? 1.759   4.319   6.026   0.70 19.67 ? 469 ARG A CB  1 
ATOM   690  C CG  . ARG A 1 92  ? 0.431   5.066   5.991   0.70 20.69 ? 469 ARG A CG  1 
ATOM   691  C CD  . ARG A 1 92  ? 0.585   6.504   6.462   0.70 21.76 ? 469 ARG A CD  1 
ATOM   692  N NE  . ARG A 1 92  ? 1.056   7.375   5.392   0.70 23.17 ? 469 ARG A NE  1 
ATOM   693  C CZ  . ARG A 1 92  ? 0.276   7.999   4.513   0.70 23.84 ? 469 ARG A CZ  1 
ATOM   694  N NH1 . ARG A 1 92  ? -1.044  7.872   4.559   0.70 24.87 ? 469 ARG A NH1 1 
ATOM   695  N NH2 . ARG A 1 92  ? 0.828   8.760   3.575   0.70 24.92 ? 469 ARG A NH2 1 
ATOM   696  N N   . ILE A 1 93  ? 0.038   2.051   4.081   1.00 16.90 ? 470 ILE A N   1 
ATOM   697  C CA  . ILE A 1 93  ? -0.492  1.769   2.759   1.00 16.82 ? 470 ILE A CA  1 
ATOM   698  C C   . ILE A 1 93  ? -1.681  2.690   2.507   1.00 16.37 ? 470 ILE A C   1 
ATOM   699  O O   . ILE A 1 93  ? -2.676  2.628   3.218   1.00 14.85 ? 470 ILE A O   1 
ATOM   700  C CB  . ILE A 1 93  ? -0.920  0.302   2.629   1.00 17.42 ? 470 ILE A CB  1 
ATOM   701  C CG1 . ILE A 1 93  ? 0.239   -0.616  3.028   1.00 17.64 ? 470 ILE A CG1 1 
ATOM   702  C CG2 . ILE A 1 93  ? -1.350  -0.020  1.199   1.00 17.73 ? 470 ILE A CG2 1 
ATOM   703  C CD1 . ILE A 1 93  ? -0.112  -2.089  3.019   1.00 18.00 ? 470 ILE A CD1 1 
ATOM   704  N N   . SER A 1 94  ? -1.562  3.550   1.501   1.00 15.96 ? 471 SER A N   1 
ATOM   705  C CA  . SER A 1 94  ? -2.589  4.552   1.229   1.00 16.49 ? 471 SER A CA  1 
ATOM   706  C C   . SER A 1 94  ? -3.133  4.420   -0.176  1.00 15.86 ? 471 SER A C   1 
ATOM   707  O O   . SER A 1 94  ? -2.359  4.317   -1.133  1.00 15.82 ? 471 SER A O   1 
ATOM   708  C CB  . SER A 1 94  ? -2.032  5.960   1.458   1.00 17.51 ? 471 SER A CB  1 
ATOM   709  O OG  . SER A 1 94  ? -0.871  6.196   0.687   1.00 18.50 ? 471 SER A OG  1 
ATOM   710  N N   . VAL A 1 95  ? -4.464  4.409   -0.281  1.00 15.27 ? 472 VAL A N   1 
ATOM   711  C CA  . VAL A 1 95  ? -5.177  4.335   -1.558  1.00 15.16 ? 472 VAL A CA  1 
ATOM   712  C C   . VAL A 1 95  ? -5.688  5.720   -1.970  1.00 14.99 ? 472 VAL A C   1 
ATOM   713  O O   . VAL A 1 95  ? -6.330  6.407   -1.175  1.00 13.89 ? 472 VAL A O   1 
ATOM   714  C CB  . VAL A 1 95  ? -6.382  3.374   -1.479  1.00 15.47 ? 472 VAL A CB  1 
ATOM   715  C CG1 . VAL A 1 95  ? -7.012  3.205   -2.846  1.00 15.81 ? 472 VAL A CG1 1 
ATOM   716  C CG2 . VAL A 1 95  ? -5.971  2.022   -0.905  1.00 15.91 ? 472 VAL A CG2 1 
ATOM   717  N N   . CYS A 1 96  ? -5.401  6.116   -3.210  1.00 15.34 ? 473 CYS A N   1 
ATOM   718  C CA  . CYS A 1 96  ? -5.798  7.428   -3.738  1.00 16.57 ? 473 CYS A CA  1 
ATOM   719  C C   . CYS A 1 96  ? -6.273  7.335   -5.184  1.00 16.48 ? 473 CYS A C   1 
ATOM   720  O O   . CYS A 1 96  ? -5.885  6.415   -5.905  1.00 15.71 ? 473 CYS A O   1 
ATOM   721  C CB  . CYS A 1 96  ? -4.618  8.381   -3.685  1.00 17.01 ? 473 CYS A CB  1 
ATOM   722  S SG  . CYS A 1 96  ? -3.972  8.709   -2.036  1.00 19.40 ? 473 CYS A SG  1 
ATOM   723  N N   . ASP A 1 97  ? -7.106  8.292   -5.595  1.00 17.11 ? 474 ASP A N   1 
ATOM   724  C CA  . ASP A 1 97  ? -7.589  8.393   -6.978  1.00 17.82 ? 474 ASP A CA  1 
ATOM   725  C C   . ASP A 1 97  ? -6.857  9.521   -7.684  1.00 18.36 ? 474 ASP A C   1 
ATOM   726  O O   . ASP A 1 97  ? -6.878  10.654  -7.212  1.00 17.35 ? 474 ASP A O   1 
ATOM   727  C CB  . ASP A 1 97  ? -9.095  8.688   -7.022  1.00 18.34 ? 474 ASP A CB  1 
ATOM   728  C CG  . ASP A 1 97  ? -9.948  7.437   -6.913  1.00 18.78 ? 474 ASP A CG  1 
ATOM   729  O OD1 . ASP A 1 97  ? -9.523  6.385   -7.425  1.00 18.68 ? 474 ASP A OD1 1 
ATOM   730  O OD2 . ASP A 1 97  ? -11.046 7.513   -6.308  1.00 18.91 ? 474 ASP A OD2 1 
ATOM   731  N N   . GLU A 1 98  ? -6.228  9.214   -8.823  1.00 18.71 ? 475 GLU A N   1 
ATOM   732  C CA  . GLU A 1 98  ? -5.519  10.226  -9.593  1.00 19.56 ? 475 GLU A CA  1 
ATOM   733  C C   . GLU A 1 98  ? -6.550  11.028  -10.380 1.00 19.56 ? 475 GLU A C   1 
ATOM   734  O O   . GLU A 1 98  ? -7.457  10.464  -10.981 1.00 19.96 ? 475 GLU A O   1 
ATOM   735  C CB  . GLU A 1 98  ? -4.461  9.588   -10.526 1.00 20.44 ? 475 GLU A CB  1 
ATOM   736  C CG  . GLU A 1 98  ? -3.568  10.611  -11.222 1.00 20.82 ? 475 GLU A CG  1 
ATOM   737  C CD  . GLU A 1 98  ? -2.454  10.002  -12.054 1.00 22.35 ? 475 GLU A CD  1 
ATOM   738  O OE1 . GLU A 1 98  ? -2.440  8.768   -12.261 1.00 23.64 ? 475 GLU A OE1 1 
ATOM   739  O OE2 . GLU A 1 98  ? -1.580  10.777  -12.513 1.00 23.67 ? 475 GLU A OE2 1 
ATOM   740  N N   . ASP A 1 99  ? -6.422  12.350  -10.342 1.00 20.17 ? 476 ASP A N   1 
ATOM   741  C CA  . ASP A 1 99  ? -7.400  13.243  -10.961 1.00 20.09 ? 476 ASP A CA  1 
ATOM   742  C C   . ASP A 1 99  ? -7.010  13.622  -12.398 1.00 19.79 ? 476 ASP A C   1 
ATOM   743  O O   . ASP A 1 99  ? -6.087  13.043  -12.972 1.00 19.24 ? 476 ASP A O   1 
ATOM   744  C CB  . ASP A 1 99  ? -7.627  14.468  -10.062 1.00 20.53 ? 476 ASP A CB  1 
ATOM   745  C CG  . ASP A 1 99  ? -6.532  15.521  -10.166 1.00 21.05 ? 476 ASP A CG  1 
ATOM   746  O OD1 . ASP A 1 99  ? -5.450  15.269  -10.735 1.00 19.98 ? 476 ASP A OD1 1 
ATOM   747  O OD2 . ASP A 1 99  ? -6.775  16.635  -9.642  1.00 22.56 ? 476 ASP A OD2 1 
ATOM   748  N N   . LYS A 1 100 ? -7.701  14.599  -12.968 1.00 19.89 ? 477 LYS A N   1 
ATOM   749  C CA  . LYS A 1 100 ? -7.514  14.945  -14.375 1.00 20.80 ? 477 LYS A CA  1 
ATOM   750  C C   . LYS A 1 100 ? -6.150  15.547  -14.720 1.00 20.95 ? 477 LYS A C   1 
ATOM   751  O O   . LYS A 1 100 ? -5.711  15.443  -15.874 1.00 19.93 ? 477 LYS A O   1 
ATOM   752  C CB  . LYS A 1 100 ? -8.636  15.876  -14.834 1.00 21.41 ? 477 LYS A CB  1 
ATOM   753  C CG  . LYS A 1 100 ? -9.982  15.185  -14.874 1.00 21.90 ? 477 LYS A CG  1 
ATOM   754  C CD  . LYS A 1 100 ? -11.109 16.181  -15.062 1.00 23.55 ? 477 LYS A CD  1 
ATOM   755  C CE  . LYS A 1 100 ? -12.456 15.484  -15.103 1.00 23.77 ? 477 LYS A CE  1 
ATOM   756  N NZ  . LYS A 1 100 ? -13.561 16.461  -14.930 1.00 24.09 ? 477 LYS A NZ  1 
ATOM   757  N N   . PHE A 1 101 ? -5.480  16.150  -13.738 1.00 21.15 ? 478 PHE A N   1 
ATOM   758  C CA  . PHE A 1 101 ? -4.195  16.819  -13.965 1.00 23.28 ? 478 PHE A CA  1 
ATOM   759  C C   . PHE A 1 101 ? -3.005  16.235  -13.199 1.00 23.62 ? 478 PHE A C   1 
ATOM   760  O O   . PHE A 1 101 ? -2.013  16.929  -12.947 1.00 23.72 ? 478 PHE A O   1 
ATOM   761  C CB  . PHE A 1 101 ? -4.330  18.310  -13.654 1.00 25.43 ? 478 PHE A CB  1 
ATOM   762  C CG  . PHE A 1 101 ? -5.148  19.062  -14.661 1.00 27.27 ? 478 PHE A CG  1 
ATOM   763  C CD1 . PHE A 1 101 ? -4.552  19.602  -15.792 1.00 28.58 ? 478 PHE A CD1 1 
ATOM   764  C CD2 . PHE A 1 101 ? -6.511  19.235  -14.479 1.00 29.16 ? 478 PHE A CD2 1 
ATOM   765  C CE1 . PHE A 1 101 ? -5.305  20.298  -16.723 1.00 30.39 ? 478 PHE A CE1 1 
ATOM   766  C CE2 . PHE A 1 101 ? -7.270  19.930  -15.403 1.00 29.26 ? 478 PHE A CE2 1 
ATOM   767  C CZ  . PHE A 1 101 ? -6.668  20.462  -16.526 1.00 30.35 ? 478 PHE A CZ  1 
ATOM   768  N N   . GLY A 1 102 ? -3.079  14.960  -12.847 1.00 23.77 ? 479 GLY A N   1 
ATOM   769  C CA  . GLY A 1 102 ? -1.945  14.294  -12.222 1.00 24.11 ? 479 GLY A CA  1 
ATOM   770  C C   . GLY A 1 102 ? -1.788  14.579  -10.740 1.00 24.15 ? 479 GLY A C   1 
ATOM   771  O O   . GLY A 1 102 ? -0.774  14.241  -10.157 1.00 24.72 ? 479 GLY A O   1 
ATOM   772  N N   . HIS A 1 103 ? -2.793  15.209  -10.141 1.00 24.29 ? 480 HIS A N   1 
ATOM   773  C CA  . HIS A 1 103 ? -2.885  15.330  -8.687  1.00 23.86 ? 480 HIS A CA  1 
ATOM   774  C C   . HIS A 1 103 ? -3.746  14.166  -8.210  1.00 22.53 ? 480 HIS A C   1 
ATOM   775  O O   . HIS A 1 103 ? -3.915  13.208  -8.950  1.00 21.88 ? 480 HIS A O   1 
ATOM   776  C CB  . HIS A 1 103 ? -3.483  16.682  -8.295  1.00 24.66 ? 480 HIS A CB  1 
ATOM   777  C CG  . HIS A 1 103 ? -2.651  17.844  -8.728  1.00 26.67 ? 480 HIS A CG  1 
ATOM   778  N ND1 . HIS A 1 103 ? -3.113  18.810  -9.596  1.00 28.27 ? 480 HIS A ND1 1 
ATOM   779  C CD2 . HIS A 1 103 ? -1.379  18.189  -8.426  1.00 28.09 ? 480 HIS A CD2 1 
ATOM   780  C CE1 . HIS A 1 103 ? -2.162  19.703  -9.805  1.00 28.09 ? 480 HIS A CE1 1 
ATOM   781  N NE2 . HIS A 1 103 ? -1.100  19.349  -9.106  1.00 28.32 ? 480 HIS A NE2 1 
ATOM   782  N N   . ASN A 1 104 ? -4.275  14.228  -6.986  1.00 21.87 ? 481 ASN A N   1 
ATOM   783  C CA  . ASN A 1 104 ? -5.087  13.130  -6.459  1.00 20.83 ? 481 ASN A CA  1 
ATOM   784  C C   . ASN A 1 104 ? -5.961  13.487  -5.266  1.00 19.95 ? 481 ASN A C   1 
ATOM   785  O O   . ASN A 1 104 ? -5.832  14.557  -4.659  1.00 18.69 ? 481 ASN A O   1 
ATOM   786  C CB  . ASN A 1 104 ? -4.177  11.995  -6.030  1.00 21.30 ? 481 ASN A CB  1 
ATOM   787  C CG  . ASN A 1 104 ? -3.298  12.379  -4.873  1.00 22.22 ? 481 ASN A CG  1 
ATOM   788  O OD1 . ASN A 1 104 ? -2.365  13.169  -5.023  1.00 23.73 ? 481 ASN A OD1 1 
ATOM   789  N ND2 . ASN A 1 104 ? -3.601  11.848  -3.702  1.00 22.84 ? 481 ASN A ND2 1 
ATOM   790  N N   . GLU A 1 105 ? -6.838  12.547  -4.931  1.00 18.71 ? 482 GLU A N   1 
ATOM   791  C CA  . GLU A 1 105 ? -7.662  12.630  -3.738  1.00 18.71 ? 482 GLU A CA  1 
ATOM   792  C C   . GLU A 1 105 ? -7.420  11.397  -2.890  1.00 17.56 ? 482 GLU A C   1 
ATOM   793  O O   . GLU A 1 105 ? -7.495  10.270  -3.380  1.00 16.67 ? 482 GLU A O   1 
ATOM   794  C CB  . GLU A 1 105 ? -9.141  12.719  -4.114  1.00 19.51 ? 482 GLU A CB  1 
ATOM   795  C CG  . GLU A 1 105 ? -10.077 12.862  -2.914  1.00 21.18 ? 482 GLU A CG  1 
ATOM   796  C CD  . GLU A 1 105 ? -11.541 13.017  -3.301  1.00 22.02 ? 482 GLU A CD  1 
ATOM   797  O OE1 . GLU A 1 105 ? -11.978 12.448  -4.326  1.00 22.81 ? 482 GLU A OE1 1 
ATOM   798  O OE2 . GLU A 1 105 ? -12.262 13.702  -2.555  1.00 23.29 ? 482 GLU A OE2 1 
ATOM   799  N N   . PHE A 1 106 ? -7.153  11.620  -1.612  1.00 17.26 ? 483 PHE A N   1 
ATOM   800  C CA  . PHE A 1 106 ? -6.924  10.541  -0.659  1.00 16.97 ? 483 PHE A CA  1 
ATOM   801  C C   . PHE A 1 106 ? -8.224  9.863   -0.239  1.00 17.38 ? 483 PHE A C   1 
ATOM   802  O O   . PHE A 1 106 ? -9.142  10.523  0.245   1.00 18.47 ? 483 PHE A O   1 
ATOM   803  C CB  . PHE A 1 106 ? -6.200  11.088  0.564   1.00 16.61 ? 483 PHE A CB  1 
ATOM   804  C CG  . PHE A 1 106 ? -6.094  10.107  1.699   1.00 16.52 ? 483 PHE A CG  1 
ATOM   805  C CD1 . PHE A 1 106 ? -5.124  9.109   1.693   1.00 16.33 ? 483 PHE A CD1 1 
ATOM   806  C CD2 . PHE A 1 106 ? -6.955  10.194  2.788   1.00 16.69 ? 483 PHE A CD2 1 
ATOM   807  C CE1 . PHE A 1 106 ? -5.016  8.226   2.748   1.00 16.70 ? 483 PHE A CE1 1 
ATOM   808  C CE2 . PHE A 1 106 ? -6.859  9.303   3.844   1.00 16.42 ? 483 PHE A CE2 1 
ATOM   809  C CZ  . PHE A 1 106 ? -5.890  8.320   3.825   1.00 16.61 ? 483 PHE A CZ  1 
ATOM   810  N N   . ILE A 1 107 ? -8.301  8.545   -0.409  1.00 17.03 ? 484 ILE A N   1 
ATOM   811  C CA  . ILE A 1 107 ? -9.513  7.793   -0.051  1.00 16.94 ? 484 ILE A CA  1 
ATOM   812  C C   . ILE A 1 107 ? -9.393  7.214   1.357   1.00 16.36 ? 484 ILE A C   1 
ATOM   813  O O   . ILE A 1 107 ? -10.228 7.457   2.221   1.00 15.34 ? 484 ILE A O   1 
ATOM   814  C CB  . ILE A 1 107 ? -9.773  6.649   -1.042  1.00 17.57 ? 484 ILE A CB  1 
ATOM   815  C CG1 . ILE A 1 107 ? -9.919  7.203   -2.458  1.00 18.27 ? 484 ILE A CG1 1 
ATOM   816  C CG2 . ILE A 1 107 ? -11.023 5.866   -0.658  1.00 17.89 ? 484 ILE A CG2 1 
ATOM   817  C CD1 . ILE A 1 107 ? -9.942  6.126   -3.513  1.00 19.05 ? 484 ILE A CD1 1 
ATOM   818  N N   . GLY A 1 108 ? -8.347  6.426   1.571   1.00 16.05 ? 485 GLY A N   1 
ATOM   819  C CA  . GLY A 1 108 ? -8.168  5.743   2.839   1.00 16.63 ? 485 GLY A CA  1 
ATOM   820  C C   . GLY A 1 108 ? -6.811  5.094   2.965   1.00 16.64 ? 485 GLY A C   1 
ATOM   821  O O   . GLY A 1 108 ? -6.048  5.045   2.008   1.00 15.34 ? 485 GLY A O   1 
ATOM   822  N N   . GLU A 1 109 ? -6.527  4.582   4.158   1.00 17.17 ? 486 GLU A N   1 
ATOM   823  C CA  . GLU A 1 109 ? -5.242  3.952   4.430   1.00 18.08 ? 486 GLU A CA  1 
ATOM   824  C C   . GLU A 1 109 ? -5.360  2.837   5.464   1.00 18.78 ? 486 GLU A C   1 
ATOM   825  O O   . GLU A 1 109 ? -6.417  2.623   6.067   1.00 18.04 ? 486 GLU A O   1 
ATOM   826  C CB  . GLU A 1 109 ? -4.234  5.005   4.905   1.00 18.61 ? 486 GLU A CB  1 
ATOM   827  C CG  . GLU A 1 109 ? -4.589  5.617   6.256   1.00 20.24 ? 486 GLU A CG  1 
ATOM   828  C CD  . GLU A 1 109 ? -3.620  6.678   6.711   1.00 20.91 ? 486 GLU A CD  1 
ATOM   829  O OE1 . GLU A 1 109 ? -3.055  6.521   7.807   1.00 22.68 ? 486 GLU A OE1 1 
ATOM   830  O OE2 . GLU A 1 109 ? -3.426  7.658   5.971   1.00 22.99 ? 486 GLU A OE2 1 
ATOM   831  N N   . THR A 1 110 ? -4.259  2.117   5.623   1.00 19.88 ? 487 THR A N   1 
ATOM   832  C CA  . THR A 1 110 ? -4.071  1.148   6.693   1.00 20.56 ? 487 THR A CA  1 
ATOM   833  C C   . THR A 1 110 ? -2.584  1.116   7.025   1.00 21.68 ? 487 THR A C   1 
ATOM   834  O O   . THR A 1 110 ? -1.744  1.388   6.155   1.00 19.77 ? 487 THR A O   1 
ATOM   835  C CB  . THR A 1 110 ? -4.559  -0.264  6.300   1.00 21.09 ? 487 THR A CB  1 
ATOM   836  O OG1 . THR A 1 110 ? -4.530  -1.128  7.447   1.00 20.68 ? 487 THR A OG1 1 
ATOM   837  C CG2 . THR A 1 110 ? -3.706  -0.870  5.178   1.00 21.32 ? 487 THR A CG2 1 
ATOM   838  N N   . ARG A 1 111 ? -2.278  0.782   8.280   1.00 23.11 ? 488 ARG A N   1 
ATOM   839  C CA  . ARG A 1 111 ? -0.900  0.736   8.783   1.00 24.69 ? 488 ARG A CA  1 
ATOM   840  C C   . ARG A 1 111 ? -0.602  -0.597  9.453   1.00 24.61 ? 488 ARG A C   1 
ATOM   841  O O   . ARG A 1 111 ? -1.468  -1.196  10.091  1.00 22.82 ? 488 ARG A O   1 
ATOM   842  C CB  . ARG A 1 111 ? -0.653  1.860   9.788   1.00 26.17 ? 488 ARG A CB  1 
ATOM   843  C CG  . ARG A 1 111 ? -1.049  3.223   9.256   1.00 28.66 ? 488 ARG A CG  1 
ATOM   844  C CD  . ARG A 1 111 ? -0.507  4.364   10.092  1.00 30.12 ? 488 ARG A CD  1 
ATOM   845  N NE  . ARG A 1 111 ? -1.005  5.637   9.589   1.00 32.88 ? 488 ARG A NE  1 
ATOM   846  C CZ  . ARG A 1 111 ? -0.556  6.837   9.950   1.00 35.09 ? 488 ARG A CZ  1 
ATOM   847  N NH1 . ARG A 1 111 ? 0.425   6.964   10.836  1.00 37.05 ? 488 ARG A NH1 1 
ATOM   848  N NH2 . ARG A 1 111 ? -1.098  7.922   9.418   1.00 36.22 ? 488 ARG A NH2 1 
ATOM   849  N N   . PHE A 1 112 ? 0.636   -1.051  9.303   1.00 24.17 ? 489 PHE A N   1 
ATOM   850  C CA  . PHE A 1 112 ? 1.059   -2.312  9.885   1.00 25.09 ? 489 PHE A CA  1 
ATOM   851  C C   . PHE A 1 112 ? 2.484   -2.207  10.424  1.00 23.90 ? 489 PHE A C   1 
ATOM   852  O O   . PHE A 1 112 ? 3.410   -1.888  9.687   1.00 22.65 ? 489 PHE A O   1 
ATOM   853  C CB  . PHE A 1 112 ? 0.971   -3.417  8.844   1.00 25.82 ? 489 PHE A CB  1 
ATOM   854  C CG  . PHE A 1 112 ? 1.210   -4.777  9.401   1.00 27.12 ? 489 PHE A CG  1 
ATOM   855  C CD1 . PHE A 1 112 ? 0.228   -5.412  10.131  1.00 28.21 ? 489 PHE A CD1 1 
ATOM   856  C CD2 . PHE A 1 112 ? 2.429   -5.413  9.216   1.00 28.46 ? 489 PHE A CD2 1 
ATOM   857  C CE1 . PHE A 1 112 ? 0.442   -6.670  10.656  1.00 29.01 ? 489 PHE A CE1 1 
ATOM   858  C CE2 . PHE A 1 112 ? 2.656   -6.666  9.745   1.00 28.67 ? 489 PHE A CE2 1 
ATOM   859  C CZ  . PHE A 1 112 ? 1.658   -7.299  10.462  1.00 29.29 ? 489 PHE A CZ  1 
ATOM   860  N N   . SER A 1 113 ? 2.649   -2.473  11.715  1.00 24.51 ? 490 SER A N   1 
ATOM   861  C CA  . SER A 1 113 ? 3.972   -2.475  12.340  1.00 24.84 ? 490 SER A CA  1 
ATOM   862  C C   . SER A 1 113 ? 4.764   -3.701  11.878  1.00 24.66 ? 490 SER A C   1 
ATOM   863  O O   . SER A 1 113 ? 4.307   -4.850  12.007  1.00 24.29 ? 490 SER A O   1 
ATOM   864  C CB  . SER A 1 113 ? 3.855   -2.461  13.869  1.00 26.33 ? 490 SER A CB  1 
ATOM   865  O OG  . SER A 1 113 ? 3.212   -1.279  14.337  1.00 27.18 ? 490 SER A OG  1 
ATOM   866  N N   . LEU A 1 114 ? 5.955   -3.453  11.350  1.00 23.71 ? 491 LEU A N   1 
ATOM   867  C CA  . LEU A 1 114 ? 6.778   -4.518  10.780  1.00 24.54 ? 491 LEU A CA  1 
ATOM   868  C C   . LEU A 1 114 ? 7.391   -5.457  11.828  1.00 24.80 ? 491 LEU A C   1 
ATOM   869  O O   . LEU A 1 114 ? 7.893   -6.522  11.480  1.00 23.61 ? 491 LEU A O   1 
ATOM   870  C CB  . LEU A 1 114 ? 7.861   -3.921  9.880   1.00 24.69 ? 491 LEU A CB  1 
ATOM   871  C CG  . LEU A 1 114 ? 7.354   -3.216  8.616   1.00 24.58 ? 491 LEU A CG  1 
ATOM   872  C CD1 . LEU A 1 114 ? 8.460   -2.415  7.956   1.00 24.87 ? 491 LEU A CD1 1 
ATOM   873  C CD2 . LEU A 1 114 ? 6.780   -4.221  7.633   1.00 25.13 ? 491 LEU A CD2 1 
ATOM   874  N N   . LYS A 1 115 ? 7.336   -5.070  13.102  1.00 27.15 ? 492 LYS A N   1 
ATOM   875  C CA  . LYS A 1 115 ? 7.727   -5.960  14.212  1.00 29.03 ? 492 LYS A CA  1 
ATOM   876  C C   . LYS A 1 115 ? 6.886   -7.242  14.231  1.00 30.10 ? 492 LYS A C   1 
ATOM   877  O O   . LYS A 1 115 ? 7.362   -8.307  14.624  1.00 30.31 ? 492 LYS A O   1 
ATOM   878  C CB  . LYS A 1 115 ? 7.556   -5.271  15.576  1.00 29.62 ? 492 LYS A CB  1 
ATOM   879  C CG  . LYS A 1 115 ? 8.154   -3.880  15.681  1.00 30.94 ? 492 LYS A CG  1 
ATOM   880  C CD  . LYS A 1 115 ? 8.458   -3.492  17.118  1.00 31.40 ? 492 LYS A CD  1 
ATOM   881  N N   . LYS A 1 116 ? 5.629   -7.125  13.826  1.00 31.26 ? 493 LYS A N   1 
ATOM   882  C CA  . LYS A 1 116 ? 4.688   -8.236  13.924  1.00 33.14 ? 493 LYS A CA  1 
ATOM   883  C C   . LYS A 1 116 ? 4.918   -9.285  12.849  1.00 33.54 ? 493 LYS A C   1 
ATOM   884  O O   . LYS A 1 116 ? 4.518   -10.437 13.022  1.00 33.48 ? 493 LYS A O   1 
ATOM   885  C CB  . LYS A 1 116 ? 3.248   -7.715  13.892  1.00 34.86 ? 493 LYS A CB  1 
ATOM   886  C CG  . LYS A 1 116 ? 2.918   -6.819  15.079  1.00 36.21 ? 493 LYS A CG  1 
ATOM   887  C CD  . LYS A 1 116 ? 1.773   -5.856  14.797  1.00 38.37 ? 493 LYS A CD  1 
ATOM   888  C CE  . LYS A 1 116 ? 0.409   -6.466  15.072  1.00 39.33 ? 493 LYS A CE  1 
ATOM   889  N NZ  . LYS A 1 116 ? 0.081   -6.474  16.525  1.00 40.33 ? 493 LYS A NZ  1 
ATOM   890  N N   . LEU A 1 117 ? 5.576   -8.901  11.754  1.00 32.99 ? 494 LEU A N   1 
ATOM   891  C CA  . LEU A 1 117 ? 5.959   -9.875  10.732  1.00 33.35 ? 494 LEU A CA  1 
ATOM   892  C C   . LEU A 1 117 ? 7.041   -10.821 11.246  1.00 33.62 ? 494 LEU A C   1 
ATOM   893  O O   . LEU A 1 117 ? 7.941   -10.407 11.971  1.00 33.60 ? 494 LEU A O   1 
ATOM   894  C CB  . LEU A 1 117 ? 6.453   -9.192  9.447   1.00 33.67 ? 494 LEU A CB  1 
ATOM   895  C CG  . LEU A 1 117 ? 5.451   -8.984  8.313   1.00 34.71 ? 494 LEU A CG  1 
ATOM   896  C CD1 . LEU A 1 117 ? 6.179   -8.533  7.054   1.00 34.55 ? 494 LEU A CD1 1 
ATOM   897  C CD2 . LEU A 1 117 ? 4.633   -10.237 8.018   1.00 35.38 ? 494 LEU A CD2 1 
ATOM   898  N N   . LYS A 1 118 ? 6.933   -12.088 10.861  1.00 33.94 ? 495 LYS A N   1 
ATOM   899  C CA  . LYS A 1 118 ? 7.955   -13.087 11.159  1.00 34.77 ? 495 LYS A CA  1 
ATOM   900  C C   . LYS A 1 118 ? 8.717   -13.395 9.885   1.00 33.17 ? 495 LYS A C   1 
ATOM   901  O O   . LYS A 1 118 ? 8.119   -13.542 8.818   1.00 32.15 ? 495 LYS A O   1 
ATOM   902  C CB  . LYS A 1 118 ? 7.333   -14.369 11.728  1.00 35.72 ? 495 LYS A CB  1 
ATOM   903  C CG  . LYS A 1 118 ? 7.091   -14.334 13.234  1.00 35.88 ? 495 LYS A CG  1 
ATOM   904  C CD  . LYS A 1 118 ? 6.041   -13.308 13.633  1.00 36.76 ? 495 LYS A CD  1 
ATOM   905  N N   . ALA A 1 119 ? 10.038  -13.484 10.010  1.00 32.43 ? 496 ALA A N   1 
ATOM   906  C CA  . ALA A 1 119 ? 10.926  -13.763 8.880   1.00 32.30 ? 496 ALA A CA  1 
ATOM   907  C C   . ALA A 1 119 ? 10.519  -15.031 8.130   1.00 31.52 ? 496 ALA A C   1 
ATOM   908  O O   . ALA A 1 119 ? 10.318  -16.079 8.736   1.00 31.82 ? 496 ALA A O   1 
ATOM   909  C CB  . ALA A 1 119 ? 12.365  -13.886 9.362   1.00 32.57 ? 496 ALA A CB  1 
ATOM   910  N N   . ASN A 1 120 ? 10.404  -14.912 6.811   1.00 31.22 ? 497 ASN A N   1 
ATOM   911  C CA  . ASN A 1 120 ? 10.103  -16.038 5.922   1.00 31.63 ? 497 ASN A CA  1 
ATOM   912  C C   . ASN A 1 120 ? 8.730   -16.678 6.142   1.00 30.97 ? 497 ASN A C   1 
ATOM   913  O O   . ASN A 1 120 ? 8.534   -17.863 5.855   1.00 31.69 ? 497 ASN A O   1 
ATOM   914  C CB  . ASN A 1 120 ? 11.220  -17.093 6.002   1.00 31.48 ? 497 ASN A CB  1 
ATOM   915  C CG  . ASN A 1 120 ? 12.608  -16.482 5.861   1.00 32.46 ? 497 ASN A CG  1 
ATOM   916  O OD1 . ASN A 1 120 ? 12.814  -15.556 5.077   1.00 32.14 ? 497 ASN A OD1 1 
ATOM   917  N ND2 . ASN A 1 120 ? 13.566  -16.998 6.624   1.00 33.58 ? 497 ASN A ND2 1 
ATOM   918  N N   . GLN A 1 121 ? 7.783   -15.882 6.639   1.00 30.61 ? 498 GLN A N   1 
ATOM   919  C CA  . GLN A 1 121 ? 6.410   -16.340 6.877   1.00 30.97 ? 498 GLN A CA  1 
ATOM   920  C C   . GLN A 1 121 ? 5.445   -15.339 6.254   1.00 28.38 ? 498 GLN A C   1 
ATOM   921  O O   . GLN A 1 121 ? 5.293   -14.233 6.751   1.00 26.53 ? 498 GLN A O   1 
ATOM   922  C CB  . GLN A 1 121 ? 6.144   -16.488 8.379   1.00 33.21 ? 498 GLN A CB  1 
ATOM   923  C CG  . GLN A 1 121 ? 4.796   -17.101 8.733   1.00 35.09 ? 498 GLN A CG  1 
ATOM   924  C CD  . GLN A 1 121 ? 4.642   -17.388 10.222  1.00 37.50 ? 498 GLN A CD  1 
ATOM   925  O OE1 . GLN A 1 121 ? 3.626   -17.055 10.827  1.00 39.58 ? 498 GLN A OE1 1 
ATOM   926  N NE2 . GLN A 1 121 ? 5.649   -18.024 10.815  1.00 38.48 ? 498 GLN A NE2 1 
ATOM   927  N N   . ARG A 1 122 ? 4.808   -15.732 5.157   1.00 27.31 ? 499 ARG A N   1 
ATOM   928  C CA  . ARG A 1 122 ? 3.906   -14.839 4.433   1.00 25.81 ? 499 ARG A CA  1 
ATOM   929  C C   . ARG A 1 122 ? 2.643   -14.581 5.234   1.00 25.54 ? 499 ARG A C   1 
ATOM   930  O O   . ARG A 1 122 ? 2.034   -15.522 5.722   1.00 24.94 ? 499 ARG A O   1 
ATOM   931  C CB  . ARG A 1 122 ? 3.531   -15.445 3.086   1.00 26.06 ? 499 ARG A CB  1 
ATOM   932  C CG  . ARG A 1 122 ? 2.584   -14.591 2.249   1.00 25.63 ? 499 ARG A CG  1 
ATOM   933  C CD  . ARG A 1 122 ? 2.410   -15.182 0.866   1.00 25.13 ? 499 ARG A CD  1 
ATOM   934  N NE  . ARG A 1 122 ? 3.644   -15.111 0.092   1.00 25.25 ? 499 ARG A NE  1 
ATOM   935  C CZ  . ARG A 1 122 ? 4.110   -14.015 -0.504  1.00 24.79 ? 499 ARG A CZ  1 
ATOM   936  N NH1 . ARG A 1 122 ? 3.459   -12.860 -0.431  1.00 24.60 ? 499 ARG A NH1 1 
ATOM   937  N NH2 . ARG A 1 122 ? 5.240   -14.077 -1.186  1.00 25.29 ? 499 ARG A NH2 1 
ATOM   938  N N   . LYS A 1 123 ? 2.260   -13.309 5.356   1.00 25.30 ? 500 LYS A N   1 
ATOM   939  C CA  . LYS A 1 123 ? 1.004   -12.914 5.993   1.00 25.78 ? 500 LYS A CA  1 
ATOM   940  C C   . LYS A 1 123 ? 0.072   -12.241 4.986   1.00 24.27 ? 500 LYS A C   1 
ATOM   941  O O   . LYS A 1 123 ? 0.440   -11.249 4.356   1.00 22.80 ? 500 LYS A O   1 
ATOM   942  C CB  . LYS A 1 123 ? 1.268   -11.960 7.153   1.00 27.86 ? 500 LYS A CB  1 
ATOM   943  C CG  . LYS A 1 123 ? 0.043   -11.676 8.002   1.00 29.85 ? 500 LYS A CG  1 
ATOM   944  C CD  . LYS A 1 123 ? 0.411   -11.064 9.337   1.00 31.95 ? 500 LYS A CD  1 
ATOM   945  C CE  . LYS A 1 123 ? -0.804  -10.971 10.247  1.00 34.34 ? 500 LYS A CE  1 
ATOM   946  N NZ  . LYS A 1 123 ? -0.498  -10.351 11.565  1.00 36.97 ? 500 LYS A NZ  1 
ATOM   947  N N   . ASN A 1 124 ? -1.137  -12.778 4.861   1.00 23.50 ? 501 ASN A N   1 
ATOM   948  C CA  . ASN A 1 124 ? -2.143  -12.245 3.949   1.00 23.38 ? 501 ASN A CA  1 
ATOM   949  C C   . ASN A 1 124 ? -3.112  -11.350 4.709   1.00 23.04 ? 501 ASN A C   1 
ATOM   950  O O   . ASN A 1 124 ? -3.452  -11.615 5.865   1.00 21.98 ? 501 ASN A O   1 
ATOM   951  C CB  . ASN A 1 124 ? -2.902  -13.377 3.257   1.00 23.76 ? 501 ASN A CB  1 
ATOM   952  C CG  . ASN A 1 124 ? -1.980  -14.353 2.530   1.00 25.24 ? 501 ASN A CG  1 
ATOM   953  O OD1 . ASN A 1 124 ? -1.124  -13.952 1.741   1.00 24.14 ? 501 ASN A OD1 1 
ATOM   954  N ND2 . ASN A 1 124 ? -2.168  -15.645 2.781   1.00 25.53 ? 501 ASN A ND2 1 
ATOM   955  N N   . PHE A 1 125 ? -3.546  -10.281 4.054   1.00 22.85 ? 502 PHE A N   1 
ATOM   956  C CA  . PHE A 1 125 ? -4.420  -9.298  4.666   1.00 23.44 ? 502 PHE A CA  1 
ATOM   957  C C   . PHE A 1 125 ? -5.666  -9.064  3.816   1.00 23.89 ? 502 PHE A C   1 
ATOM   958  O O   . PHE A 1 125 ? -5.590  -9.009  2.584   1.00 21.90 ? 502 PHE A O   1 
ATOM   959  C CB  . PHE A 1 125 ? -3.689  -7.963  4.823   1.00 24.18 ? 502 PHE A CB  1 
ATOM   960  C CG  . PHE A 1 125 ? -2.499  -8.018  5.737   1.00 24.41 ? 502 PHE A CG  1 
ATOM   961  C CD1 . PHE A 1 125 ? -1.290  -8.536  5.294   1.00 25.50 ? 502 PHE A CD1 1 
ATOM   962  C CD2 . PHE A 1 125 ? -2.586  -7.539  7.030   1.00 24.82 ? 502 PHE A CD2 1 
ATOM   963  C CE1 . PHE A 1 125 ? -0.189  -8.579  6.133   1.00 25.42 ? 502 PHE A CE1 1 
ATOM   964  C CE2 . PHE A 1 125 ? -1.499  -7.585  7.880   1.00 25.65 ? 502 PHE A CE2 1 
ATOM   965  C CZ  . PHE A 1 125 ? -0.295  -8.101  7.430   1.00 26.05 ? 502 PHE A CZ  1 
ATOM   966  N N   . ASN A 1 126 ? -6.797  -8.897  4.497   1.00 24.80 ? 503 ASN A N   1 
ATOM   967  C CA  . ASN A 1 126 ? -8.026  -8.417  3.880   1.00 27.33 ? 503 ASN A CA  1 
ATOM   968  C C   . ASN A 1 126 ? -8.706  -7.458  4.850   1.00 27.36 ? 503 ASN A C   1 
ATOM   969  O O   . ASN A 1 126 ? -9.442  -7.885  5.742   1.00 27.50 ? 503 ASN A O   1 
ATOM   970  C CB  . ASN A 1 126 ? -8.942  -9.587  3.522   1.00 29.59 ? 503 ASN A CB  1 
ATOM   971  C CG  . ASN A 1 126 ? -10.081 -9.178  2.611   1.00 31.69 ? 503 ASN A CG  1 
ATOM   972  O OD1 . ASN A 1 126 ? -10.426 -8.000  2.507   1.00 33.92 ? 503 ASN A OD1 1 
ATOM   973  N ND2 . ASN A 1 126 ? -10.674 -10.157 1.941   1.00 34.26 ? 503 ASN A ND2 1 
ATOM   974  N N   . ILE A 1 127 ? -8.435  -6.164  4.673   1.00 27.31 ? 504 ILE A N   1 
ATOM   975  C CA  . ILE A 1 127 ? -8.818  -5.128  5.644   1.00 27.58 ? 504 ILE A CA  1 
ATOM   976  C C   . ILE A 1 127 ? -9.723  -4.080  5.007   1.00 27.55 ? 504 ILE A C   1 
ATOM   977  O O   . ILE A 1 127 ? -9.859  -4.023  3.784   1.00 27.70 ? 504 ILE A O   1 
ATOM   978  C CB  . ILE A 1 127 ? -7.582  -4.412  6.263   1.00 28.19 ? 504 ILE A CB  1 
ATOM   979  C CG1 . ILE A 1 127 ? -6.751  -3.658  5.207   1.00 28.56 ? 504 ILE A CG1 1 
ATOM   980  C CG2 . ILE A 1 127 ? -6.692  -5.406  6.993   1.00 29.04 ? 504 ILE A CG2 1 
ATOM   981  C CD1 . ILE A 1 127 ? -7.184  -2.227  4.945   1.00 28.78 ? 504 ILE A CD1 1 
ATOM   982  N N   . CYS A 1 128 ? -10.329 -3.253  5.852   1.00 26.88 ? 505 CYS A N   1 
ATOM   983  C CA  . CYS A 1 128 ? -11.093 -2.099  5.399   1.00 27.27 ? 505 CYS A CA  1 
ATOM   984  C C   . CYS A 1 128 ? -10.269 -0.845  5.623   1.00 23.57 ? 505 CYS A C   1 
ATOM   985  O O   . CYS A 1 128 ? -9.625  -0.689  6.659   1.00 21.84 ? 505 CYS A O   1 
ATOM   986  C CB  . CYS A 1 128 ? -12.419 -2.006  6.150   1.00 29.97 ? 505 CYS A CB  1 
ATOM   987  S SG  . CYS A 1 128 ? -13.576 -3.344  5.774   1.00 36.15 ? 505 CYS A SG  1 
ATOM   988  N N   . LEU A 1 129 ? -10.302 0.057   4.650   1.00 21.90 ? 506 LEU A N   1 
ATOM   989  C CA  . LEU A 1 129 ? -9.514  1.278   4.725   1.00 21.38 ? 506 LEU A CA  1 
ATOM   990  C C   . LEU A 1 129 ? -10.102 2.231   5.755   1.00 21.46 ? 506 LEU A C   1 
ATOM   991  O O   . LEU A 1 129 ? -11.309 2.192   6.034   1.00 20.43 ? 506 LEU A O   1 
ATOM   992  C CB  . LEU A 1 129 ? -9.465  1.969   3.366   1.00 21.38 ? 506 LEU A CB  1 
ATOM   993  C CG  . LEU A 1 129 ? -8.816  1.207   2.214   1.00 21.63 ? 506 LEU A CG  1 
ATOM   994  C CD1 . LEU A 1 129 ? -9.152  1.874   0.892   1.00 22.41 ? 506 LEU A CD1 1 
ATOM   995  C CD2 . LEU A 1 129 ? -7.316  1.114   2.410   1.00 21.95 ? 506 LEU A CD2 1 
ATOM   996  N N   . GLU A 1 130 ? -9.238  3.071   6.322   1.00 21.82 ? 507 GLU A N   1 
ATOM   997  C CA  . GLU A 1 130 ? -9.645  4.089   7.287   1.00 23.13 ? 507 GLU A CA  1 
ATOM   998  C C   . GLU A 1 130 ? -8.953  5.417   7.029   1.00 22.20 ? 507 GLU A C   1 
ATOM   999  O O   . GLU A 1 130 ? -7.919  5.487   6.363   1.00 20.23 ? 507 GLU A O   1 
ATOM   1000 C CB  . GLU A 1 130 ? -9.305  3.650   8.713   1.00 25.32 ? 507 GLU A CB  1 
ATOM   1001 C CG  . GLU A 1 130 ? -9.975  2.363   9.161   1.00 27.94 ? 507 GLU A CG  1 
ATOM   1002 C CD  . GLU A 1 130 ? -9.597  1.968   10.587  1.00 31.36 ? 507 GLU A CD  1 
ATOM   1003 O OE1 . GLU A 1 130 ? -8.677  2.585   11.173  1.00 33.50 ? 507 GLU A OE1 1 
ATOM   1004 O OE2 . GLU A 1 130 ? -10.214 1.025   11.126  1.00 34.52 ? 507 GLU A OE2 1 
ATOM   1005 N N   . ARG A 1 131 ? -9.544  6.471   7.577   1.00 21.63 ? 508 ARG A N   1 
ATOM   1006 C CA  . ARG A 1 131 ? -8.941  7.785   7.558   1.00 21.47 ? 508 ARG A CA  1 
ATOM   1007 C C   . ARG A 1 131 ? -8.456  8.092   8.971   1.00 22.78 ? 508 ARG A C   1 
ATOM   1008 O O   . ARG A 1 131 ? -9.100  7.732   9.949   1.00 21.41 ? 508 ARG A O   1 
ATOM   1009 C CB  . ARG A 1 131 ? -9.942  8.826   7.074   1.00 20.92 ? 508 ARG A CB  1 
ATOM   1010 C CG  . ARG A 1 131 ? -10.458 8.563   5.661   1.00 20.68 ? 508 ARG A CG  1 
ATOM   1011 C CD  . ARG A 1 131 ? -11.497 9.579   5.216   1.00 19.98 ? 508 ARG A CD  1 
ATOM   1012 N NE  . ARG A 1 131 ? -10.916 10.887  4.907   1.00 19.56 ? 508 ARG A NE  1 
ATOM   1013 C CZ  . ARG A 1 131 ? -10.428 11.262  3.724   1.00 18.94 ? 508 ARG A CZ  1 
ATOM   1014 N NH1 . ARG A 1 131 ? -10.420 10.435  2.685   1.00 19.25 ? 508 ARG A NH1 1 
ATOM   1015 N NH2 . ARG A 1 131 ? -9.937  12.485  3.579   1.00 18.46 ? 508 ARG A NH2 1 
ATOM   1016 N N   . VAL A 1 132 ? -7.295  8.732   9.041   1.00 25.53 ? 509 VAL A N   1 
ATOM   1017 C CA  . VAL A 1 132 ? -6.656  9.115   10.280  1.00 27.84 ? 509 VAL A CA  1 
ATOM   1018 C C   . VAL A 1 132 ? -6.611  10.640  10.350  1.00 29.18 ? 509 VAL A C   1 
ATOM   1019 O O   . VAL A 1 132 ? -6.748  11.197  11.435  1.00 33.27 ? 509 VAL A O   1 
ATOM   1020 C CB  . VAL A 1 132 ? -5.226  8.561   10.362  1.00 28.67 ? 509 VAL A CB  1 
ATOM   1021 C CG1 . VAL A 1 132 ? -4.575  8.937   11.684  1.00 30.22 ? 509 VAL A CG1 1 
ATOM   1022 C CG2 . VAL A 1 132 ? -5.226  7.052   10.194  1.00 29.62 ? 509 VAL A CG2 1 
HETATM 1023 C C1  . PIO B 2 .   ? 4.235   9.938   -7.512  1.00 39.78 ? 601 PIO A C1  1 
HETATM 1024 O O1  . PIO B 2 .   ? 5.059   8.866   -8.006  1.00 41.94 ? 601 PIO A O1  1 
HETATM 1025 P P1  . PIO B 2 .   ? 6.635   8.692   -7.674  1.00 40.95 ? 601 PIO A P1  1 
HETATM 1026 C C2  . PIO B 2 .   ? 4.498   10.213  -6.036  1.00 40.48 ? 601 PIO A C2  1 
HETATM 1027 O O2  . PIO B 2 .   ? 4.318   9.009   -5.281  1.00 41.23 ? 601 PIO A O2  1 
HETATM 1028 C C3  . PIO B 2 .   ? 3.567   11.303  -5.526  1.00 39.86 ? 601 PIO A C3  1 
HETATM 1029 O O3  . PIO B 2 .   ? 3.923   11.540  -4.168  1.00 40.22 ? 601 PIO A O3  1 
HETATM 1030 C C4  . PIO B 2 .   ? 2.089   10.904  -5.694  1.00 38.83 ? 601 PIO A C4  1 
HETATM 1031 O O4  . PIO B 2 .   ? 1.215   11.890  -5.128  1.00 39.30 ? 601 PIO A O4  1 
HETATM 1032 P P4  . PIO B 2 .   ? 1.109   12.202  -3.546  1.00 37.57 ? 601 PIO A P4  1 
HETATM 1033 C C5  . PIO B 2 .   ? 1.803   10.698  -7.181  1.00 38.57 ? 601 PIO A C5  1 
HETATM 1034 O O5  . PIO B 2 .   ? 0.449   10.304  -7.453  1.00 37.39 ? 601 PIO A O5  1 
HETATM 1035 P P5  . PIO B 2 .   ? -0.538  11.069  -8.491  1.00 36.27 ? 601 PIO A P5  1 
HETATM 1036 C C6  . PIO B 2 .   ? 2.753   9.613   -7.710  1.00 38.81 ? 601 PIO A C6  1 
HETATM 1037 O O6  . PIO B 2 .   ? 2.496   9.388   -9.101  1.00 36.69 ? 601 PIO A O6  1 
HETATM 1038 O O11 . PIO B 2 .   ? 7.301   10.022  -7.879  1.00 40.91 ? 601 PIO A O11 1 
HETATM 1039 O O12 . PIO B 2 .   ? 6.733   7.981   -6.347  1.00 42.42 ? 601 PIO A O12 1 
HETATM 1040 O O13 . PIO B 2 .   ? 7.204   7.667   -8.783  1.00 42.61 ? 601 PIO A O13 1 
HETATM 1041 C C1A . PIO B 2 .   ? 7.733   5.311   -11.602 1.00 44.40 ? 601 PIO A C1A 1 
HETATM 1042 O O1A . PIO B 2 .   ? 6.834   5.736   -12.310 1.00 44.72 ? 601 PIO A O1A 1 
HETATM 1043 C C1B . PIO B 2 .   ? 8.849   4.132   -6.504  1.00 44.97 ? 601 PIO A C1B 1 
HETATM 1044 C C1C . PIO B 2 .   ? 8.427   7.630   -9.223  1.00 44.95 ? 601 PIO A C1C 1 
HETATM 1045 C C2A . PIO B 2 .   ? 8.887   4.547   -12.210 1.00 43.58 ? 601 PIO A C2A 1 
HETATM 1046 C C2C . PIO B 2 .   ? 8.811   6.224   -9.684  1.00 44.92 ? 601 PIO A C2C 1 
HETATM 1047 O O2C . PIO B 2 .   ? 7.661   5.529   -10.165 1.00 44.71 ? 601 PIO A O2C 1 
HETATM 1048 C C3A . PIO B 2 .   ? 9.110   4.952   -13.663 1.00 42.79 ? 601 PIO A C3A 1 
HETATM 1049 C C3C . PIO B 2 .   ? 9.438   5.454   -8.526  1.00 45.05 ? 601 PIO A C3C 1 
HETATM 1050 O O3C . PIO B 2 .   ? 8.440   4.877   -7.685  1.00 45.05 ? 601 PIO A O3C 1 
HETATM 1051 O O41 . PIO B 2 .   ? 1.983   13.412  -3.364  1.00 38.45 ? 601 PIO A O41 1 
HETATM 1052 O O42 . PIO B 2 .   ? -0.349  12.451  -3.294  1.00 39.83 ? 601 PIO A O42 1 
HETATM 1053 O O43 . PIO B 2 .   ? 1.623   10.976  -2.832  1.00 38.43 ? 601 PIO A O43 1 
HETATM 1054 O O51 . PIO B 2 .   ? -0.009  10.735  -9.856  1.00 37.60 ? 601 PIO A O51 1 
HETATM 1055 O O52 . PIO B 2 .   ? -1.917  10.525  -8.299  1.00 36.68 ? 601 PIO A O52 1 
HETATM 1056 O O53 . PIO B 2 .   ? -0.404  12.503  -8.041  1.00 35.54 ? 601 PIO A O53 1 
HETATM 1057 S S   . SO4 C 3 .   ? -0.890  10.147  1.310   1.00 39.49 ? 602 SO4 A S   1 
HETATM 1058 O O1  . SO4 C 3 .   ? 0.545   10.421  1.561   1.00 37.75 ? 602 SO4 A O1  1 
HETATM 1059 O O2  . SO4 C 3 .   ? -1.633  10.125  2.595   1.00 39.94 ? 602 SO4 A O2  1 
HETATM 1060 O O3  . SO4 C 3 .   ? -1.478  11.198  0.462   1.00 39.58 ? 602 SO4 A O3  1 
HETATM 1061 O O4  . SO4 C 3 .   ? -1.036  8.847   0.618   1.00 40.44 ? 602 SO4 A O4  1 
HETATM 1062 O O   . HOH D 4 .   ? 15.892  -16.950 1.565   1.00 21.63 ? 701 HOH A O   1 
HETATM 1063 O O   . HOH D 4 .   ? 17.648  -6.419  -0.613  1.00 26.45 ? 702 HOH A O   1 
HETATM 1064 O O   . HOH D 4 .   ? 4.574   -10.329 -1.276  1.00 19.75 ? 703 HOH A O   1 
HETATM 1065 O O   . HOH D 4 .   ? -11.303 -5.971  -6.843  1.00 24.60 ? 704 HOH A O   1 
HETATM 1066 O O   . HOH D 4 .   ? -9.979  14.974  -6.944  1.00 19.77 ? 705 HOH A O   1 
HETATM 1067 O O   . HOH D 4 .   ? -15.325 13.671  -13.154 1.00 25.24 ? 706 HOH A O   1 
HETATM 1068 O O   . HOH D 4 .   ? -18.649 19.176  -12.167 1.00 16.30 ? 707 HOH A O   1 
HETATM 1069 O O   . HOH D 4 .   ? -9.929  16.429  -11.631 1.00 26.09 ? 708 HOH A O   1 
HETATM 1070 O O   . HOH D 4 .   ? -13.469 8.014   -13.678 1.00 27.66 ? 709 HOH A O   1 
HETATM 1071 O O   . HOH D 4 .   ? -10.035 7.862   -16.200 1.00 39.22 ? 710 HOH A O   1 
HETATM 1072 O O   . HOH D 4 .   ? 11.787  14.573  4.049   1.00 82.70 ? 711 HOH A O   1 
HETATM 1073 O O   . HOH D 4 .   ? -9.088  -3.932  -12.319 1.00 24.07 ? 712 HOH A O   1 
HETATM 1074 O O   . HOH D 4 .   ? -3.607  -9.116  -13.141 1.00 24.64 ? 713 HOH A O   1 
HETATM 1075 O O   . HOH D 4 .   ? 4.565   -7.851  -9.663  1.00 16.80 ? 714 HOH A O   1 
HETATM 1076 O O   . HOH D 4 .   ? 15.664  -1.814  -5.272  1.00 27.01 ? 715 HOH A O   1 
HETATM 1077 O O   . HOH D 4 .   ? 8.211   -2.144  13.399  1.00 24.67 ? 716 HOH A O   1 
HETATM 1078 O O   . HOH D 4 .   ? 1.336   5.510   2.293   1.00 20.73 ? 717 HOH A O   1 
HETATM 1079 O O   . HOH D 4 .   ? -11.533 4.516   -7.674  1.00 22.02 ? 718 HOH A O   1 
HETATM 1080 O O   . HOH D 4 .   ? -9.286  13.201  0.962   1.00 15.08 ? 719 HOH A O   1 
HETATM 1081 O O   . HOH D 4 .   ? -2.850  -13.153 -0.106  1.00 25.74 ? 720 HOH A O   1 
HETATM 1082 O O   . HOH D 4 .   ? -1.939  -14.733 6.978   1.00 28.04 ? 721 HOH A O   1 
HETATM 1083 O O   . HOH D 4 .   ? -6.641  -9.424  7.484   1.00 24.27 ? 722 HOH A O   1 
HETATM 1084 O O   . HOH D 4 .   ? 11.177  -15.870 2.915   1.00 39.42 ? 723 HOH A O   1 
HETATM 1085 O O   . HOH D 4 .   ? 15.365  -15.503 4.335   1.00 31.95 ? 724 HOH A O   1 
HETATM 1086 O O   . HOH D 4 .   ? -7.434  11.238  6.727   1.00 35.39 ? 725 HOH A O   1 
HETATM 1087 O O   . HOH D 4 .   ? 9.872   -8.387  11.906  1.00 51.96 ? 726 HOH A O   1 
HETATM 1088 O O   . HOH D 4 .   ? -9.604  12.094  -8.353  1.00 18.20 ? 727 HOH A O   1 
HETATM 1089 O O   . HOH D 4 .   ? -7.870  14.567  -0.870  1.00 55.43 ? 728 HOH A O   1 
HETATM 1090 O O   . HOH D 4 .   ? 14.081  0.077   0.661   1.00 28.80 ? 729 HOH A O   1 
HETATM 1091 O O   . HOH D 4 .   ? -11.598 11.266  -6.646  1.00 32.81 ? 730 HOH A O   1 
HETATM 1092 O O   . HOH D 4 .   ? -7.728  16.641  -6.796  1.00 23.26 ? 731 HOH A O   1 
HETATM 1093 O O   . HOH D 4 .   ? 13.673  -1.381  -3.173  1.00 25.39 ? 732 HOH A O   1 
HETATM 1094 O O   . HOH D 4 .   ? 4.916   -18.442 4.578   1.00 31.43 ? 733 HOH A O   1 
HETATM 1095 O O   . HOH D 4 .   ? 3.388   8.624   4.843   1.00 30.79 ? 734 HOH A O   1 
HETATM 1096 O O   . HOH D 4 .   ? -4.942  -11.283 1.146   1.00 24.20 ? 735 HOH A O   1 
HETATM 1097 O O   . HOH D 4 .   ? -13.989 5.123   -6.134  1.00 33.37 ? 736 HOH A O   1 
HETATM 1098 O O   . HOH D 4 .   ? -4.525  0.613   10.316  1.00 33.05 ? 737 HOH A O   1 
HETATM 1099 O O   . HOH D 4 .   ? 0.267   -3.216  13.181  1.00 26.52 ? 738 HOH A O   1 
HETATM 1100 O O   . HOH D 4 .   ? -7.054  0.346   -16.064 1.00 30.51 ? 739 HOH A O   1 
HETATM 1101 O O   . HOH D 4 .   ? 18.482  -0.550  6.963   1.00 24.90 ? 740 HOH A O   1 
HETATM 1102 O O   . HOH D 4 .   ? 4.745   -13.206 9.378   1.00 31.17 ? 741 HOH A O   1 
HETATM 1103 O O   . HOH D 4 .   ? 17.283  -9.049  -2.342  1.00 30.03 ? 742 HOH A O   1 
HETATM 1104 O O   . HOH D 4 .   ? -11.654 7.026   -15.456 1.00 24.01 ? 743 HOH A O   1 
HETATM 1105 O O   . HOH D 4 .   ? 2.644   -7.804  -11.724 1.00 28.42 ? 744 HOH A O   1 
HETATM 1106 O O   . HOH D 4 .   ? -7.031  -0.023  8.005   1.00 31.63 ? 745 HOH A O   1 
HETATM 1107 O O   . HOH D 4 .   ? 8.004   9.915   0.413   1.00 46.70 ? 746 HOH A O   1 
HETATM 1108 O O   . HOH D 4 .   ? -2.810  -3.283  8.087   1.00 32.33 ? 747 HOH A O   1 
HETATM 1109 O O   . HOH D 4 .   ? -3.097  -12.108 8.770   1.00 34.35 ? 748 HOH A O   1 
HETATM 1110 O O   . HOH D 4 .   ? -8.628  5.558   11.803  1.00 31.50 ? 749 HOH A O   1 
HETATM 1111 O O   . HOH D 4 .   ? 14.993  2.735   -0.177  1.00 34.71 ? 750 HOH A O   1 
HETATM 1112 O O   . HOH D 4 .   ? -18.009 1.741   -4.570  1.00 40.38 ? 751 HOH A O   1 
HETATM 1113 O O   . HOH D 4 .   ? -14.018 1.355   5.470   1.00 31.09 ? 752 HOH A O   1 
HETATM 1114 O O   . HOH D 4 .   ? 7.007   2.566   13.748  1.00 42.34 ? 753 HOH A O   1 
HETATM 1115 O O   . HOH D 4 .   ? 14.097  -9.296  -5.913  1.00 40.04 ? 754 HOH A O   1 
HETATM 1116 O O   . HOH D 4 .   ? -18.059 -0.712  -6.378  1.00 40.61 ? 755 HOH A O   1 
HETATM 1117 O O   . HOH D 4 .   ? 3.653   -3.419  -12.941 1.00 31.61 ? 756 HOH A O   1 
HETATM 1118 O O   . HOH D 4 .   ? 5.130   -5.339  -11.425 1.00 24.89 ? 757 HOH A O   1 
HETATM 1119 O O   . HOH D 4 .   ? -4.026  -16.798 5.589   1.00 42.29 ? 758 HOH A O   1 
HETATM 1120 O O   . HOH D 4 .   ? 16.079  -16.304 7.509   1.00 30.68 ? 759 HOH A O   1 
HETATM 1121 O O   . HOH D 4 .   ? -15.956 -0.152  -10.719 1.00 27.93 ? 760 HOH A O   1 
HETATM 1122 O O   . HOH D 4 .   ? 6.376   -12.200 -2.509  1.00 29.96 ? 761 HOH A O   1 
HETATM 1123 O O   . HOH D 4 .   ? -18.303 0.116   -9.154  1.00 40.15 ? 762 HOH A O   1 
HETATM 1124 O O   . HOH D 4 .   ? -10.280 -4.146  8.789   1.00 38.79 ? 763 HOH A O   1 
HETATM 1125 O O   . HOH D 4 .   ? 8.389   -6.815  -7.777  1.00 34.53 ? 764 HOH A O   1 
HETATM 1126 O O   . HOH D 4 .   ? 17.006  0.356   4.234   1.00 46.01 ? 765 HOH A O   1 
HETATM 1127 O O   . HOH D 4 .   ? 16.603  2.768   6.886   1.00 37.32 ? 766 HOH A O   1 
HETATM 1128 O O   . HOH D 4 .   ? -3.723  13.685  -1.592  1.00 33.88 ? 767 HOH A O   1 
HETATM 1129 O O   . HOH D 4 .   ? -21.065 -0.073  2.407   1.00 45.12 ? 768 HOH A O   1 
HETATM 1130 O O   . HOH D 4 .   ? -4.433  13.171  8.718   1.00 38.15 ? 769 HOH A O   1 
HETATM 1131 O O   . HOH D 4 .   ? -1.488  -14.366 9.809   1.00 44.16 ? 770 HOH A O   1 
HETATM 1132 O O   . HOH D 4 .   ? -5.610  18.954  -10.139 1.00 40.05 ? 771 HOH A O   1 
HETATM 1133 O O   . HOH D 4 .   ? -12.810 -6.709  -9.230  1.00 42.98 ? 772 HOH A O   1 
HETATM 1134 O O   . HOH D 4 .   ? -15.760 -0.691  2.861   1.00 37.93 ? 773 HOH A O   1 
HETATM 1135 O O   . HOH D 4 .   ? 10.792  3.735   15.491  1.00 33.75 ? 774 HOH A O   1 
HETATM 1136 O O   . HOH D 4 .   ? 2.571   9.397   11.540  1.00 42.81 ? 775 HOH A O   1 
HETATM 1137 O O   . HOH D 4 .   ? 20.580  5.658   15.598  1.00 61.04 ? 776 HOH A O   1 
HETATM 1138 O O   . HOH D 4 .   ? 10.071  -14.577 -1.990  1.00 57.74 ? 777 HOH A O   1 
HETATM 1139 O O   . HOH D 4 .   ? -10.671 -7.043  8.316   1.00 46.88 ? 778 HOH A O   1 
HETATM 1140 O O   . HOH D 4 .   ? 14.772  -9.298  11.582  1.00 42.56 ? 779 HOH A O   1 
HETATM 1141 O O   . HOH D 4 .   ? 11.028  12.362  7.626   1.00 49.49 ? 780 HOH A O   1 
HETATM 1142 O O   . HOH D 4 .   ? -9.457  7.492   -23.101 1.00 50.45 ? 781 HOH A O   1 
HETATM 1143 O O   . HOH D 4 .   ? 11.260  5.500   -4.175  1.00 60.60 ? 782 HOH A O   1 
HETATM 1144 O O   . HOH D 4 .   ? -1.907  15.968  -1.777  1.00 71.29 ? 783 HOH A O   1 
HETATM 1145 O O   . HOH D 4 .   ? -1.277  -8.684  18.370  1.00 60.89 ? 784 HOH A O   1 
HETATM 1146 O O   . HOH D 4 .   ? -17.632 5.546   -16.637 1.00 45.61 ? 785 HOH A O   1 
HETATM 1147 O O   . HOH D 4 .   ? -6.898  -4.700  -13.458 1.00 41.10 ? 786 HOH A O   1 
HETATM 1148 O O   . HOH D 4 .   ? -17.569 0.329   0.663   1.00 47.12 ? 787 HOH A O   1 
HETATM 1149 O O   . HOH D 4 .   ? 11.712  -12.695 12.195  1.00 45.55 ? 788 HOH A O   1 
HETATM 1150 O O   . HOH D 4 .   ? 2.825   -14.373 10.529  1.00 42.21 ? 789 HOH A O   1 
HETATM 1151 O O   . HOH D 4 .   ? 1.780   -18.285 5.157   1.00 47.98 ? 790 HOH A O   1 
HETATM 1152 O O   . HOH D 4 .   ? 19.434  -16.523 8.507   1.00 44.21 ? 791 HOH A O   1 
HETATM 1153 O O   . HOH D 4 .   ? 18.253  -17.182 -1.266  1.00 36.41 ? 792 HOH A O   1 
HETATM 1154 O O   . HOH D 4 .   ? -6.853  20.148  -8.094  1.00 58.73 ? 793 HOH A O   1 
HETATM 1155 O O   . HOH D 4 .   ? 15.918  6.109   6.422   1.00 39.78 ? 794 HOH A O   1 
HETATM 1156 O O   . HOH D 4 .   ? 9.307   -20.254 9.585   1.00 49.25 ? 795 HOH A O   1 
HETATM 1157 O O   . HOH D 4 .   ? -18.188 -5.830  -8.198  1.00 47.63 ? 796 HOH A O   1 
HETATM 1158 O O   . HOH D 4 .   ? -4.568  19.278  -6.628  1.00 56.70 ? 797 HOH A O   1 
HETATM 1159 O O   . HOH D 4 .   ? -14.195 -7.257  2.685   1.00 51.73 ? 798 HOH A O   1 
HETATM 1160 O O   . HOH D 4 .   ? -5.202  -6.985  -12.850 1.00 44.60 ? 799 HOH A O   1 
HETATM 1161 O O   . HOH D 4 .   ? 8.014   -12.959 5.770   1.00 24.24 ? 800 HOH A O   1 
HETATM 1162 O O   . HOH D 4 .   ? 14.088  -11.823 -2.665  1.00 44.35 ? 801 HOH A O   1 
HETATM 1163 O O   . HOH D 4 .   ? 13.016  -16.683 1.444   1.00 57.83 ? 802 HOH A O   1 
HETATM 1164 O O   . HOH D 4 .   ? -17.775 -4.287  -5.662  1.00 49.02 ? 803 HOH A O   1 
HETATM 1165 O O   . HOH D 4 .   ? 7.051   -20.444 11.546  1.00 60.74 ? 804 HOH A O   1 
HETATM 1166 O O   . HOH D 4 .   ? -4.474  16.142  -2.584  1.00 48.37 ? 805 HOH A O   1 
HETATM 1167 O O   . HOH D 4 .   ? -15.557 -2.728  -11.935 1.00 45.81 ? 806 HOH A O   1 
HETATM 1168 O O   . HOH D 4 .   ? 7.145   -12.167 6.882   1.00 27.66 ? 807 HOH A O   1 
HETATM 1169 O O   . HOH D 4 .   ? -18.527 -1.507  2.705   1.00 46.32 ? 808 HOH A O   1 
HETATM 1170 O O   . HOH D 4 .   ? -9.140  -1.099  -14.618 1.00 63.17 ? 809 HOH A O   1 
HETATM 1171 O O   . HOH D 4 .   ? -6.032  14.327  -1.084  1.00 26.06 ? 810 HOH A O   1 
HETATM 1172 O O   . HOH D 4 .   ? 15.415  -12.179 15.301  1.00 58.66 ? 811 HOH A O   1 
HETATM 1173 O O   . HOH D 4 .   ? -6.747  0.081   12.494  1.00 50.12 ? 812 HOH A O   1 
HETATM 1174 O O   . HOH D 4 .   ? 4.611   9.073   14.622  1.00 52.03 ? 813 HOH A O   1 
# 
loop_
_pdbx_poly_seq_scheme.asym_id 
_pdbx_poly_seq_scheme.entity_id 
_pdbx_poly_seq_scheme.seq_id 
_pdbx_poly_seq_scheme.mon_id 
_pdbx_poly_seq_scheme.ndb_seq_num 
_pdbx_poly_seq_scheme.pdb_seq_num 
_pdbx_poly_seq_scheme.auth_seq_num 
_pdbx_poly_seq_scheme.pdb_mon_id 
_pdbx_poly_seq_scheme.auth_mon_id 
_pdbx_poly_seq_scheme.pdb_strand_id 
_pdbx_poly_seq_scheme.pdb_ins_code 
_pdbx_poly_seq_scheme.hetero 
A 1 1   ASP 1   378 ?   ?   ?   A . n 
A 1 2   GLN 2   379 ?   ?   ?   A . n 
A 1 3   ALA 3   380 ?   ?   ?   A . n 
A 1 4   THR 4   381 ?   ?   ?   A . n 
A 1 5   THR 5   382 382 THR THR A . n 
A 1 6   LEU 6   383 383 LEU LEU A . n 
A 1 7   GLY 7   384 384 GLY GLY A . n 
A 1 8   ALA 8   385 385 ALA ALA A . n 
A 1 9   LEU 9   386 386 LEU LEU A . n 
A 1 10  GLU 10  387 387 GLU GLU A . n 
A 1 11  PHE 11  388 388 PHE PHE A . n 
A 1 12  SER 12  389 389 SER SER A . n 
A 1 13  LEU 13  390 390 LEU LEU A . n 
A 1 14  LEU 14  391 391 LEU LEU A . n 
A 1 15  TYR 15  392 392 TYR TYR A . n 
A 1 16  ASP 16  393 393 ASP ASP A . n 
A 1 17  GLN 17  394 394 GLN GLN A . n 
A 1 18  ASP 18  395 395 ASP ASP A . n 
A 1 19  ASN 19  396 396 ASN ASN A . n 
A 1 20  SER 20  397 397 SER SER A . n 
A 1 21  ASN 21  398 398 ASN ASN A . n 
A 1 22  LEU 22  399 399 LEU LEU A . n 
A 1 23  GLN 23  400 400 GLN GLN A . n 
A 1 24  CYS 24  401 401 CYS CYS A . n 
A 1 25  THR 25  402 402 THR THR A . n 
A 1 26  ILE 26  403 403 ILE ILE A . n 
A 1 27  ILE 27  404 404 ILE ILE A . n 
A 1 28  ARG 28  405 405 ARG ARG A . n 
A 1 29  ALA 29  406 406 ALA ALA A . n 
A 1 30  LYS 30  407 407 LYS LYS A . n 
A 1 31  GLY 31  408 408 GLY GLY A . n 
A 1 32  LEU 32  409 409 LEU LEU A . n 
A 1 33  LYS 33  410 410 LYS LYS A . n 
A 1 34  PRO 34  411 411 PRO PRO A . n 
A 1 35  MET 35  412 412 MET MET A . n 
A 1 36  ASP 36  413 413 ASP ASP A . n 
A 1 37  SER 37  414 414 SER SER A . n 
A 1 38  ASN 38  415 415 ASN ASN A . n 
A 1 39  GLY 39  416 416 GLY GLY A . n 
A 1 40  LEU 40  417 417 LEU LEU A . n 
A 1 41  ALA 41  418 418 ALA ALA A . n 
A 1 42  ASP 42  419 419 ASP ASP A . n 
A 1 43  PRO 43  420 420 PRO PRO A . n 
A 1 44  TYR 44  421 421 TYR TYR A . n 
A 1 45  VAL 45  422 422 VAL VAL A . n 
A 1 46  LYS 46  423 423 LYS LYS A . n 
A 1 47  LEU 47  424 424 LEU LEU A . n 
A 1 48  HIS 48  425 425 HIS HIS A . n 
A 1 49  LEU 49  426 426 LEU LEU A . n 
A 1 50  LEU 50  427 427 LEU LEU A . n 
A 1 51  PRO 51  428 428 PRO PRO A . n 
A 1 52  GLY 52  429 429 GLY GLY A . n 
A 1 53  ALA 53  430 430 ALA ALA A . n 
A 1 54  SER 54  431 431 SER SER A . n 
A 1 55  LYS 55  432 432 LYS LYS A . n 
A 1 56  SER 56  433 433 SER SER A . n 
A 1 57  ASN 57  434 434 ASN ASN A . n 
A 1 58  LYS 58  435 435 LYS LYS A . n 
A 1 59  LEU 59  436 436 LEU LEU A . n 
A 1 60  ARG 60  437 437 ARG ARG A . n 
A 1 61  THR 61  438 438 THR THR A . n 
A 1 62  LYS 62  439 439 LYS LYS A . n 
A 1 63  THR 63  440 440 THR THR A . n 
A 1 64  LEU 64  441 441 LEU LEU A . n 
A 1 65  ARG 65  442 442 ARG ARG A . n 
A 1 66  ASN 66  443 443 ASN ASN A . n 
A 1 67  THR 67  444 444 THR THR A . n 
A 1 68  ARG 68  445 445 ARG ARG A . n 
A 1 69  ASN 69  446 446 ASN ASN A . n 
A 1 70  PRO 70  447 447 PRO PRO A . n 
A 1 71  VAL 71  448 448 VAL VAL A . n 
A 1 72  TRP 72  449 449 TRP TRP A . n 
A 1 73  ASN 73  450 450 ASN ASN A . n 
A 1 74  GLU 74  451 451 GLU GLU A . n 
A 1 75  THR 75  452 452 THR THR A . n 
A 1 76  LEU 76  453 453 LEU LEU A . n 
A 1 77  GLN 77  454 454 GLN GLN A . n 
A 1 78  TYR 78  455 455 TYR TYR A . n 
A 1 79  HIS 79  456 456 HIS HIS A . n 
A 1 80  GLY 80  457 457 GLY GLY A . n 
A 1 81  ILE 81  458 458 ILE ILE A . n 
A 1 82  THR 82  459 459 THR THR A . n 
A 1 83  GLU 83  460 460 GLU GLU A . n 
A 1 84  GLU 84  461 461 GLU GLU A . n 
A 1 85  ASP 85  462 462 ASP ASP A . n 
A 1 86  MET 86  463 463 MET MET A . n 
A 1 87  GLN 87  464 464 GLN GLN A . n 
A 1 88  ARG 88  465 465 ARG ARG A . n 
A 1 89  LYS 89  466 466 LYS LYS A . n 
A 1 90  THR 90  467 467 THR THR A . n 
A 1 91  LEU 91  468 468 LEU LEU A . n 
A 1 92  ARG 92  469 469 ARG ARG A . n 
A 1 93  ILE 93  470 470 ILE ILE A . n 
A 1 94  SER 94  471 471 SER SER A . n 
A 1 95  VAL 95  472 472 VAL VAL A . n 
A 1 96  CYS 96  473 473 CYS CYS A . n 
A 1 97  ASP 97  474 474 ASP ASP A . n 
A 1 98  GLU 98  475 475 GLU GLU A . n 
A 1 99  ASP 99  476 476 ASP ASP A . n 
A 1 100 LYS 100 477 477 LYS LYS A . n 
A 1 101 PHE 101 478 478 PHE PHE A . n 
A 1 102 GLY 102 479 479 GLY GLY A . n 
A 1 103 HIS 103 480 480 HIS HIS A . n 
A 1 104 ASN 104 481 481 ASN ASN A . n 
A 1 105 GLU 105 482 482 GLU GLU A . n 
A 1 106 PHE 106 483 483 PHE PHE A . n 
A 1 107 ILE 107 484 484 ILE ILE A . n 
A 1 108 GLY 108 485 485 GLY GLY A . n 
A 1 109 GLU 109 486 486 GLU GLU A . n 
A 1 110 THR 110 487 487 THR THR A . n 
A 1 111 ARG 111 488 488 ARG ARG A . n 
A 1 112 PHE 112 489 489 PHE PHE A . n 
A 1 113 SER 113 490 490 SER SER A . n 
A 1 114 LEU 114 491 491 LEU LEU A . n 
A 1 115 LYS 115 492 492 LYS LYS A . n 
A 1 116 LYS 116 493 493 LYS LYS A . n 
A 1 117 LEU 117 494 494 LEU LEU A . n 
A 1 118 LYS 118 495 495 LYS LYS A . n 
A 1 119 ALA 119 496 496 ALA ALA A . n 
A 1 120 ASN 120 497 497 ASN ASN A . n 
A 1 121 GLN 121 498 498 GLN GLN A . n 
A 1 122 ARG 122 499 499 ARG ARG A . n 
A 1 123 LYS 123 500 500 LYS LYS A . n 
A 1 124 ASN 124 501 501 ASN ASN A . n 
A 1 125 PHE 125 502 502 PHE PHE A . n 
A 1 126 ASN 126 503 503 ASN ASN A . n 
A 1 127 ILE 127 504 504 ILE ILE A . n 
A 1 128 CYS 128 505 505 CYS CYS A . n 
A 1 129 LEU 129 506 506 LEU LEU A . n 
A 1 130 GLU 130 507 507 GLU GLU A . n 
A 1 131 ARG 131 508 508 ARG ARG A . n 
A 1 132 VAL 132 509 509 VAL VAL A . n 
A 1 133 ILE 133 510 ?   ?   ?   A . n 
# 
loop_
_pdbx_nonpoly_scheme.asym_id 
_pdbx_nonpoly_scheme.entity_id 
_pdbx_nonpoly_scheme.mon_id 
_pdbx_nonpoly_scheme.ndb_seq_num 
_pdbx_nonpoly_scheme.pdb_seq_num 
_pdbx_nonpoly_scheme.auth_seq_num 
_pdbx_nonpoly_scheme.pdb_mon_id 
_pdbx_nonpoly_scheme.auth_mon_id 
_pdbx_nonpoly_scheme.pdb_strand_id 
_pdbx_nonpoly_scheme.pdb_ins_code 
B 2 PIO 1   601 601 PIO PIO A . 
C 3 SO4 1   602 602 SO4 SO4 A . 
D 4 HOH 1   701 701 HOH HOH A . 
D 4 HOH 2   702 702 HOH HOH A . 
D 4 HOH 3   703 703 HOH HOH A . 
D 4 HOH 4   704 704 HOH HOH A . 
D 4 HOH 5   705 705 HOH HOH A . 
D 4 HOH 6   706 706 HOH HOH A . 
D 4 HOH 7   707 707 HOH HOH A . 
D 4 HOH 8   708 708 HOH HOH A . 
D 4 HOH 9   709 709 HOH HOH A . 
D 4 HOH 10  710 710 HOH HOH A . 
D 4 HOH 11  711 711 HOH HOH A . 
D 4 HOH 12  712 712 HOH HOH A . 
D 4 HOH 13  713 713 HOH HOH A . 
D 4 HOH 14  714 714 HOH HOH A . 
D 4 HOH 15  715 715 HOH HOH A . 
D 4 HOH 16  716 716 HOH HOH A . 
D 4 HOH 17  717 717 HOH HOH A . 
D 4 HOH 18  718 718 HOH HOH A . 
D 4 HOH 19  719 719 HOH HOH A . 
D 4 HOH 20  720 720 HOH HOH A . 
D 4 HOH 21  721 721 HOH HOH A . 
D 4 HOH 22  722 722 HOH HOH A . 
D 4 HOH 23  723 723 HOH HOH A . 
D 4 HOH 24  724 724 HOH HOH A . 
D 4 HOH 25  725 725 HOH HOH A . 
D 4 HOH 26  726 726 HOH HOH A . 
D 4 HOH 27  727 727 HOH HOH A . 
D 4 HOH 28  728 728 HOH HOH A . 
D 4 HOH 29  729 729 HOH HOH A . 
D 4 HOH 30  730 730 HOH HOH A . 
D 4 HOH 31  731 731 HOH HOH A . 
D 4 HOH 32  732 732 HOH HOH A . 
D 4 HOH 33  733 733 HOH HOH A . 
D 4 HOH 34  734 734 HOH HOH A . 
D 4 HOH 35  735 735 HOH HOH A . 
D 4 HOH 36  736 736 HOH HOH A . 
D 4 HOH 37  737 737 HOH HOH A . 
D 4 HOH 38  738 738 HOH HOH A . 
D 4 HOH 39  739 739 HOH HOH A . 
D 4 HOH 40  740 740 HOH HOH A . 
D 4 HOH 41  741 741 HOH HOH A . 
D 4 HOH 42  742 742 HOH HOH A . 
D 4 HOH 43  743 743 HOH HOH A . 
D 4 HOH 44  744 744 HOH HOH A . 
D 4 HOH 45  745 745 HOH HOH A . 
D 4 HOH 46  746 746 HOH HOH A . 
D 4 HOH 47  747 747 HOH HOH A . 
D 4 HOH 48  748 748 HOH HOH A . 
D 4 HOH 49  749 749 HOH HOH A . 
D 4 HOH 50  750 750 HOH HOH A . 
D 4 HOH 51  751 751 HOH HOH A . 
D 4 HOH 52  752 752 HOH HOH A . 
D 4 HOH 53  753 753 HOH HOH A . 
D 4 HOH 54  754 754 HOH HOH A . 
D 4 HOH 55  755 755 HOH HOH A . 
D 4 HOH 56  756 756 HOH HOH A . 
D 4 HOH 57  757 757 HOH HOH A . 
D 4 HOH 58  758 758 HOH HOH A . 
D 4 HOH 59  759 759 HOH HOH A . 
D 4 HOH 60  760 760 HOH HOH A . 
D 4 HOH 61  761 761 HOH HOH A . 
D 4 HOH 62  762 762 HOH HOH A . 
D 4 HOH 63  763 763 HOH HOH A . 
D 4 HOH 64  764 764 HOH HOH A . 
D 4 HOH 65  765 765 HOH HOH A . 
D 4 HOH 66  766 766 HOH HOH A . 
D 4 HOH 67  767 767 HOH HOH A . 
D 4 HOH 68  768 768 HOH HOH A . 
D 4 HOH 69  769 769 HOH HOH A . 
D 4 HOH 70  770 770 HOH HOH A . 
D 4 HOH 71  771 771 HOH HOH A . 
D 4 HOH 72  772 772 HOH HOH A . 
D 4 HOH 73  773 773 HOH HOH A . 
D 4 HOH 74  774 774 HOH HOH A . 
D 4 HOH 75  775 775 HOH HOH A . 
D 4 HOH 76  776 776 HOH HOH A . 
D 4 HOH 77  777 777 HOH HOH A . 
D 4 HOH 78  778 778 HOH HOH A . 
D 4 HOH 79  779 779 HOH HOH A . 
D 4 HOH 80  780 780 HOH HOH A . 
D 4 HOH 81  781 781 HOH HOH A . 
D 4 HOH 82  782 782 HOH HOH A . 
D 4 HOH 83  783 783 HOH HOH A . 
D 4 HOH 84  784 784 HOH HOH A . 
D 4 HOH 85  785 785 HOH HOH A . 
D 4 HOH 86  786 786 HOH HOH A . 
D 4 HOH 87  787 787 HOH HOH A . 
D 4 HOH 88  788 788 HOH HOH A . 
D 4 HOH 89  789 789 HOH HOH A . 
D 4 HOH 90  790 790 HOH HOH A . 
D 4 HOH 91  791 791 HOH HOH A . 
D 4 HOH 92  792 792 HOH HOH A . 
D 4 HOH 93  793 793 HOH HOH A . 
D 4 HOH 94  794 794 HOH HOH A . 
D 4 HOH 95  795 795 HOH HOH A . 
D 4 HOH 96  796 796 HOH HOH A . 
D 4 HOH 97  797 797 HOH HOH A . 
D 4 HOH 98  798 798 HOH HOH A . 
D 4 HOH 99  799 799 HOH HOH A . 
D 4 HOH 100 800 800 HOH HOH A . 
D 4 HOH 101 801 801 HOH HOH A . 
D 4 HOH 102 802 802 HOH HOH A . 
D 4 HOH 103 803 803 HOH HOH A . 
D 4 HOH 104 804 804 HOH HOH A . 
D 4 HOH 105 805 805 HOH HOH A . 
D 4 HOH 106 806 806 HOH HOH A . 
D 4 HOH 107 807 807 HOH HOH A . 
D 4 HOH 108 808 808 HOH HOH A . 
D 4 HOH 109 809 809 HOH HOH A . 
D 4 HOH 110 810 810 HOH HOH A . 
D 4 HOH 111 811 811 HOH HOH A . 
D 4 HOH 112 812 812 HOH HOH A . 
D 4 HOH 113 813 813 HOH HOH A . 
# 
_pdbx_struct_assembly.id                   1 
_pdbx_struct_assembly.details              author_and_software_defined_assembly 
_pdbx_struct_assembly.method_details       PISA 
_pdbx_struct_assembly.oligomeric_details   monomeric 
_pdbx_struct_assembly.oligomeric_count     1 
# 
_pdbx_struct_assembly_gen.assembly_id       1 
_pdbx_struct_assembly_gen.oper_expression   1 
_pdbx_struct_assembly_gen.asym_id_list      A,B,C,D 
# 
_pdbx_struct_oper_list.id                   1 
_pdbx_struct_oper_list.type                 'identity operation' 
_pdbx_struct_oper_list.name                 1_555 
_pdbx_struct_oper_list.symmetry_operation   x,y,z 
_pdbx_struct_oper_list.matrix[1][1]         1.0000000000 
_pdbx_struct_oper_list.matrix[1][2]         0.0000000000 
_pdbx_struct_oper_list.matrix[1][3]         0.0000000000 
_pdbx_struct_oper_list.vector[1]            0.0000000000 
_pdbx_struct_oper_list.matrix[2][1]         0.0000000000 
_pdbx_struct_oper_list.matrix[2][2]         1.0000000000 
_pdbx_struct_oper_list.matrix[2][3]         0.0000000000 
_pdbx_struct_oper_list.vector[2]            0.0000000000 
_pdbx_struct_oper_list.matrix[3][1]         0.0000000000 
_pdbx_struct_oper_list.matrix[3][2]         0.0000000000 
_pdbx_struct_oper_list.matrix[3][3]         1.0000000000 
_pdbx_struct_oper_list.vector[3]            0.0000000000 
# 
loop_
_pdbx_audit_revision_history.ordinal 
_pdbx_audit_revision_history.data_content_type 
_pdbx_audit_revision_history.major_revision 
_pdbx_audit_revision_history.minor_revision 
_pdbx_audit_revision_history.revision_date 
1 'Structure model' 1 0 2013-12-25 
2 'Structure model' 1 1 2022-08-24 
3 'Structure model' 1 2 2023-11-08 
# 
_pdbx_audit_revision_details.ordinal             1 
_pdbx_audit_revision_details.revision_ordinal    1 
_pdbx_audit_revision_details.data_content_type   'Structure model' 
_pdbx_audit_revision_details.provider            repository 
_pdbx_audit_revision_details.type                'Initial release' 
_pdbx_audit_revision_details.description         ? 
_pdbx_audit_revision_details.details             ? 
# 
loop_
_pdbx_audit_revision_group.ordinal 
_pdbx_audit_revision_group.revision_ordinal 
_pdbx_audit_revision_group.data_content_type 
_pdbx_audit_revision_group.group 
1 2 'Structure model' 'Database references'    
2 2 'Structure model' 'Derived calculations'   
3 3 'Structure model' 'Data collection'        
4 3 'Structure model' 'Refinement description' 
# 
loop_
_pdbx_audit_revision_category.ordinal 
_pdbx_audit_revision_category.revision_ordinal 
_pdbx_audit_revision_category.data_content_type 
_pdbx_audit_revision_category.category 
1 2 'Structure model' citation                      
2 2 'Structure model' database_2                    
3 2 'Structure model' struct_site                   
4 3 'Structure model' chem_comp_atom                
5 3 'Structure model' chem_comp_bond                
6 3 'Structure model' pdbx_initial_refinement_model 
# 
loop_
_pdbx_audit_revision_item.ordinal 
_pdbx_audit_revision_item.revision_ordinal 
_pdbx_audit_revision_item.data_content_type 
_pdbx_audit_revision_item.item 
1 2 'Structure model' '_citation.journal_volume'            
2 2 'Structure model' '_citation.page_first'                
3 2 'Structure model' '_citation.page_last'                 
4 2 'Structure model' '_database_2.pdbx_DOI'                
5 2 'Structure model' '_database_2.pdbx_database_accession' 
6 2 'Structure model' '_struct_site.pdbx_auth_asym_id'      
7 2 'Structure model' '_struct_site.pdbx_auth_comp_id'      
8 2 'Structure model' '_struct_site.pdbx_auth_seq_id'       
# 
loop_
_software.name 
_software.classification 
_software.version 
_software.citation_id 
_software.pdbx_ordinal 
DNA    'data collection' .        ? 1 
XFIT   'data reduction'  .        ? 2 
REFMAC refinement        5.8.0049 ? 3 
XDS    'data reduction'  .        ? 4 
SCALA  'data scaling'    .        ? 5 
# 
loop_
_pdbx_validate_close_contact.id 
_pdbx_validate_close_contact.PDB_model_num 
_pdbx_validate_close_contact.auth_atom_id_1 
_pdbx_validate_close_contact.auth_asym_id_1 
_pdbx_validate_close_contact.auth_comp_id_1 
_pdbx_validate_close_contact.auth_seq_id_1 
_pdbx_validate_close_contact.PDB_ins_code_1 
_pdbx_validate_close_contact.label_alt_id_1 
_pdbx_validate_close_contact.auth_atom_id_2 
_pdbx_validate_close_contact.auth_asym_id_2 
_pdbx_validate_close_contact.auth_comp_id_2 
_pdbx_validate_close_contact.auth_seq_id_2 
_pdbx_validate_close_contact.PDB_ins_code_2 
_pdbx_validate_close_contact.label_alt_id_2 
_pdbx_validate_close_contact.dist 
1 1 O A HOH 800 ? ? O A HOH 807 ? ? 1.62 
2 1 O A HOH 728 ? ? O A HOH 810 ? ? 1.87 
3 1 O A HOH 710 ? ? O A HOH 743 ? ? 1.97 
# 
loop_
_pdbx_validate_torsion.id 
_pdbx_validate_torsion.PDB_model_num 
_pdbx_validate_torsion.auth_comp_id 
_pdbx_validate_torsion.auth_asym_id 
_pdbx_validate_torsion.auth_seq_id 
_pdbx_validate_torsion.PDB_ins_code 
_pdbx_validate_torsion.label_alt_id 
_pdbx_validate_torsion.phi 
_pdbx_validate_torsion.psi 
1 1 ILE A 404 ? ? -85.37  -76.63  
2 1 MET A 412 ? ? -129.74 -107.01 
3 1 ASP A 419 ? ? -119.00 77.62   
4 1 SER A 431 ? ? 62.17   173.30  
5 1 LYS A 432 ? ? 54.64   -74.34  
# 
loop_
_pdbx_unobs_or_zero_occ_atoms.id 
_pdbx_unobs_or_zero_occ_atoms.PDB_model_num 
_pdbx_unobs_or_zero_occ_atoms.polymer_flag 
_pdbx_unobs_or_zero_occ_atoms.occupancy_flag 
_pdbx_unobs_or_zero_occ_atoms.auth_asym_id 
_pdbx_unobs_or_zero_occ_atoms.auth_comp_id 
_pdbx_unobs_or_zero_occ_atoms.auth_seq_id 
_pdbx_unobs_or_zero_occ_atoms.PDB_ins_code 
_pdbx_unobs_or_zero_occ_atoms.auth_atom_id 
_pdbx_unobs_or_zero_occ_atoms.label_alt_id 
_pdbx_unobs_or_zero_occ_atoms.label_asym_id 
_pdbx_unobs_or_zero_occ_atoms.label_comp_id 
_pdbx_unobs_or_zero_occ_atoms.label_seq_id 
_pdbx_unobs_or_zero_occ_atoms.label_atom_id 
1  1 Y 1 A GLU 460 ? CG  ? A GLU 83  CG  
2  1 Y 1 A GLU 460 ? CD  ? A GLU 83  CD  
3  1 Y 1 A GLU 460 ? OE1 ? A GLU 83  OE1 
4  1 Y 1 A GLU 460 ? OE2 ? A GLU 83  OE2 
5  1 Y 1 A GLU 461 ? CG  ? A GLU 84  CG  
6  1 Y 1 A GLU 461 ? CD  ? A GLU 84  CD  
7  1 Y 1 A GLU 461 ? OE1 ? A GLU 84  OE1 
8  1 Y 1 A GLU 461 ? OE2 ? A GLU 84  OE2 
9  1 Y 1 A GLN 464 ? CG  ? A GLN 87  CG  
10 1 Y 1 A GLN 464 ? CD  ? A GLN 87  CD  
11 1 Y 1 A GLN 464 ? OE1 ? A GLN 87  OE1 
12 1 Y 1 A GLN 464 ? NE2 ? A GLN 87  NE2 
13 1 Y 1 A LYS 492 ? CE  ? A LYS 115 CE  
14 1 Y 1 A LYS 492 ? NZ  ? A LYS 115 NZ  
15 1 Y 1 A LYS 495 ? CE  ? A LYS 118 CE  
16 1 Y 1 A LYS 495 ? NZ  ? A LYS 118 NZ  
17 1 N 1 A PIO 601 ? O1B ? B PIO 1   O1B 
18 1 N 1 A PIO 601 ? C2B ? B PIO 1   C2B 
19 1 N 1 A PIO 601 ? C3B ? B PIO 1   C3B 
20 1 N 1 A PIO 601 ? C4A ? B PIO 1   C4A 
21 1 N 1 A PIO 601 ? C4B ? B PIO 1   C4B 
22 1 N 1 A PIO 601 ? C5A ? B PIO 1   C5A 
23 1 N 1 A PIO 601 ? C5B ? B PIO 1   C5B 
24 1 N 1 A PIO 601 ? C6A ? B PIO 1   C6A 
25 1 N 1 A PIO 601 ? C6B ? B PIO 1   C6B 
26 1 N 1 A PIO 601 ? C7A ? B PIO 1   C7A 
27 1 N 1 A PIO 601 ? C7B ? B PIO 1   C7B 
28 1 N 1 A PIO 601 ? C8A ? B PIO 1   C8A 
29 1 N 1 A PIO 601 ? C8B ? B PIO 1   C8B 
# 
loop_
_pdbx_unobs_or_zero_occ_residues.id 
_pdbx_unobs_or_zero_occ_residues.PDB_model_num 
_pdbx_unobs_or_zero_occ_residues.polymer_flag 
_pdbx_unobs_or_zero_occ_residues.occupancy_flag 
_pdbx_unobs_or_zero_occ_residues.auth_asym_id 
_pdbx_unobs_or_zero_occ_residues.auth_comp_id 
_pdbx_unobs_or_zero_occ_residues.auth_seq_id 
_pdbx_unobs_or_zero_occ_residues.PDB_ins_code 
_pdbx_unobs_or_zero_occ_residues.label_asym_id 
_pdbx_unobs_or_zero_occ_residues.label_comp_id 
_pdbx_unobs_or_zero_occ_residues.label_seq_id 
1 1 Y 1 A ASP 378 ? A ASP 1   
2 1 Y 1 A GLN 379 ? A GLN 2   
3 1 Y 1 A ALA 380 ? A ALA 3   
4 1 Y 1 A THR 381 ? A THR 4   
5 1 Y 1 A ILE 510 ? A ILE 133 
# 
loop_
_chem_comp_atom.comp_id 
_chem_comp_atom.atom_id 
_chem_comp_atom.type_symbol 
_chem_comp_atom.pdbx_aromatic_flag 
_chem_comp_atom.pdbx_stereo_config 
_chem_comp_atom.pdbx_ordinal 
ALA N    N N N 1   
ALA CA   C N S 2   
ALA C    C N N 3   
ALA O    O N N 4   
ALA CB   C N N 5   
ALA OXT  O N N 6   
ALA H    H N N 7   
ALA H2   H N N 8   
ALA HA   H N N 9   
ALA HB1  H N N 10  
ALA HB2  H N N 11  
ALA HB3  H N N 12  
ALA HXT  H N N 13  
ARG N    N N N 14  
ARG CA   C N S 15  
ARG C    C N N 16  
ARG O    O N N 17  
ARG CB   C N N 18  
ARG CG   C N N 19  
ARG CD   C N N 20  
ARG NE   N N N 21  
ARG CZ   C N N 22  
ARG NH1  N N N 23  
ARG NH2  N N N 24  
ARG OXT  O N N 25  
ARG H    H N N 26  
ARG H2   H N N 27  
ARG HA   H N N 28  
ARG HB2  H N N 29  
ARG HB3  H N N 30  
ARG HG2  H N N 31  
ARG HG3  H N N 32  
ARG HD2  H N N 33  
ARG HD3  H N N 34  
ARG HE   H N N 35  
ARG HH11 H N N 36  
ARG HH12 H N N 37  
ARG HH21 H N N 38  
ARG HH22 H N N 39  
ARG HXT  H N N 40  
ASN N    N N N 41  
ASN CA   C N S 42  
ASN C    C N N 43  
ASN O    O N N 44  
ASN CB   C N N 45  
ASN CG   C N N 46  
ASN OD1  O N N 47  
ASN ND2  N N N 48  
ASN OXT  O N N 49  
ASN H    H N N 50  
ASN H2   H N N 51  
ASN HA   H N N 52  
ASN HB2  H N N 53  
ASN HB3  H N N 54  
ASN HD21 H N N 55  
ASN HD22 H N N 56  
ASN HXT  H N N 57  
ASP N    N N N 58  
ASP CA   C N S 59  
ASP C    C N N 60  
ASP O    O N N 61  
ASP CB   C N N 62  
ASP CG   C N N 63  
ASP OD1  O N N 64  
ASP OD2  O N N 65  
ASP OXT  O N N 66  
ASP H    H N N 67  
ASP H2   H N N 68  
ASP HA   H N N 69  
ASP HB2  H N N 70  
ASP HB3  H N N 71  
ASP HD2  H N N 72  
ASP HXT  H N N 73  
CYS N    N N N 74  
CYS CA   C N R 75  
CYS C    C N N 76  
CYS O    O N N 77  
CYS CB   C N N 78  
CYS SG   S N N 79  
CYS OXT  O N N 80  
CYS H    H N N 81  
CYS H2   H N N 82  
CYS HA   H N N 83  
CYS HB2  H N N 84  
CYS HB3  H N N 85  
CYS HG   H N N 86  
CYS HXT  H N N 87  
GLN N    N N N 88  
GLN CA   C N S 89  
GLN C    C N N 90  
GLN O    O N N 91  
GLN CB   C N N 92  
GLN CG   C N N 93  
GLN CD   C N N 94  
GLN OE1  O N N 95  
GLN NE2  N N N 96  
GLN OXT  O N N 97  
GLN H    H N N 98  
GLN H2   H N N 99  
GLN HA   H N N 100 
GLN HB2  H N N 101 
GLN HB3  H N N 102 
GLN HG2  H N N 103 
GLN HG3  H N N 104 
GLN HE21 H N N 105 
GLN HE22 H N N 106 
GLN HXT  H N N 107 
GLU N    N N N 108 
GLU CA   C N S 109 
GLU C    C N N 110 
GLU O    O N N 111 
GLU CB   C N N 112 
GLU CG   C N N 113 
GLU CD   C N N 114 
GLU OE1  O N N 115 
GLU OE2  O N N 116 
GLU OXT  O N N 117 
GLU H    H N N 118 
GLU H2   H N N 119 
GLU HA   H N N 120 
GLU HB2  H N N 121 
GLU HB3  H N N 122 
GLU HG2  H N N 123 
GLU HG3  H N N 124 
GLU HE2  H N N 125 
GLU HXT  H N N 126 
GLY N    N N N 127 
GLY CA   C N N 128 
GLY C    C N N 129 
GLY O    O N N 130 
GLY OXT  O N N 131 
GLY H    H N N 132 
GLY H2   H N N 133 
GLY HA2  H N N 134 
GLY HA3  H N N 135 
GLY HXT  H N N 136 
HIS N    N N N 137 
HIS CA   C N S 138 
HIS C    C N N 139 
HIS O    O N N 140 
HIS CB   C N N 141 
HIS CG   C Y N 142 
HIS ND1  N Y N 143 
HIS CD2  C Y N 144 
HIS CE1  C Y N 145 
HIS NE2  N Y N 146 
HIS OXT  O N N 147 
HIS H    H N N 148 
HIS H2   H N N 149 
HIS HA   H N N 150 
HIS HB2  H N N 151 
HIS HB3  H N N 152 
HIS HD1  H N N 153 
HIS HD2  H N N 154 
HIS HE1  H N N 155 
HIS HE2  H N N 156 
HIS HXT  H N N 157 
HOH O    O N N 158 
HOH H1   H N N 159 
HOH H2   H N N 160 
ILE N    N N N 161 
ILE CA   C N S 162 
ILE C    C N N 163 
ILE O    O N N 164 
ILE CB   C N S 165 
ILE CG1  C N N 166 
ILE CG2  C N N 167 
ILE CD1  C N N 168 
ILE OXT  O N N 169 
ILE H    H N N 170 
ILE H2   H N N 171 
ILE HA   H N N 172 
ILE HB   H N N 173 
ILE HG12 H N N 174 
ILE HG13 H N N 175 
ILE HG21 H N N 176 
ILE HG22 H N N 177 
ILE HG23 H N N 178 
ILE HD11 H N N 179 
ILE HD12 H N N 180 
ILE HD13 H N N 181 
ILE HXT  H N N 182 
LEU N    N N N 183 
LEU CA   C N S 184 
LEU C    C N N 185 
LEU O    O N N 186 
LEU CB   C N N 187 
LEU CG   C N N 188 
LEU CD1  C N N 189 
LEU CD2  C N N 190 
LEU OXT  O N N 191 
LEU H    H N N 192 
LEU H2   H N N 193 
LEU HA   H N N 194 
LEU HB2  H N N 195 
LEU HB3  H N N 196 
LEU HG   H N N 197 
LEU HD11 H N N 198 
LEU HD12 H N N 199 
LEU HD13 H N N 200 
LEU HD21 H N N 201 
LEU HD22 H N N 202 
LEU HD23 H N N 203 
LEU HXT  H N N 204 
LYS N    N N N 205 
LYS CA   C N S 206 
LYS C    C N N 207 
LYS O    O N N 208 
LYS CB   C N N 209 
LYS CG   C N N 210 
LYS CD   C N N 211 
LYS CE   C N N 212 
LYS NZ   N N N 213 
LYS OXT  O N N 214 
LYS H    H N N 215 
LYS H2   H N N 216 
LYS HA   H N N 217 
LYS HB2  H N N 218 
LYS HB3  H N N 219 
LYS HG2  H N N 220 
LYS HG3  H N N 221 
LYS HD2  H N N 222 
LYS HD3  H N N 223 
LYS HE2  H N N 224 
LYS HE3  H N N 225 
LYS HZ1  H N N 226 
LYS HZ2  H N N 227 
LYS HZ3  H N N 228 
LYS HXT  H N N 229 
MET N    N N N 230 
MET CA   C N S 231 
MET C    C N N 232 
MET O    O N N 233 
MET CB   C N N 234 
MET CG   C N N 235 
MET SD   S N N 236 
MET CE   C N N 237 
MET OXT  O N N 238 
MET H    H N N 239 
MET H2   H N N 240 
MET HA   H N N 241 
MET HB2  H N N 242 
MET HB3  H N N 243 
MET HG2  H N N 244 
MET HG3  H N N 245 
MET HE1  H N N 246 
MET HE2  H N N 247 
MET HE3  H N N 248 
MET HXT  H N N 249 
PHE N    N N N 250 
PHE CA   C N S 251 
PHE C    C N N 252 
PHE O    O N N 253 
PHE CB   C N N 254 
PHE CG   C Y N 255 
PHE CD1  C Y N 256 
PHE CD2  C Y N 257 
PHE CE1  C Y N 258 
PHE CE2  C Y N 259 
PHE CZ   C Y N 260 
PHE OXT  O N N 261 
PHE H    H N N 262 
PHE H2   H N N 263 
PHE HA   H N N 264 
PHE HB2  H N N 265 
PHE HB3  H N N 266 
PHE HD1  H N N 267 
PHE HD2  H N N 268 
PHE HE1  H N N 269 
PHE HE2  H N N 270 
PHE HZ   H N N 271 
PHE HXT  H N N 272 
PIO C1   C N R 273 
PIO O1   O N N 274 
PIO P1   P N N 275 
PIO C2   C N R 276 
PIO O2   O N N 277 
PIO C3   C N S 278 
PIO O3   O N N 279 
PIO C4   C N R 280 
PIO O4   O N N 281 
PIO P4   P N N 282 
PIO C5   C N R 283 
PIO O5   O N N 284 
PIO P5   P N N 285 
PIO C6   C N S 286 
PIO O6   O N N 287 
PIO O11  O N N 288 
PIO O12  O N N 289 
PIO O13  O N N 290 
PIO C1A  C N N 291 
PIO O1A  O N N 292 
PIO C1B  C N N 293 
PIO O1B  O N N 294 
PIO C1C  C N N 295 
PIO C2A  C N N 296 
PIO C2B  C N N 297 
PIO C2C  C N R 298 
PIO O2C  O N N 299 
PIO C3A  C N N 300 
PIO C3B  C N N 301 
PIO C3C  C N N 302 
PIO O3C  O N N 303 
PIO O41  O N N 304 
PIO O42  O N N 305 
PIO O43  O N N 306 
PIO C4A  C N N 307 
PIO C4B  C N N 308 
PIO O51  O N N 309 
PIO O52  O N N 310 
PIO O53  O N N 311 
PIO C5A  C N N 312 
PIO C5B  C N N 313 
PIO C6A  C N N 314 
PIO C6B  C N N 315 
PIO C7A  C N N 316 
PIO C7B  C N N 317 
PIO C8A  C N N 318 
PIO C8B  C N N 319 
PIO H1   H N N 320 
PIO H2   H N N 321 
PIO H3   H N N 322 
PIO H4   H N N 323 
PIO H5   H N N 324 
PIO H6   H N N 325 
PIO H1C  H N N 326 
PIO H1CA H N N 327 
PIO H3C  H N N 328 
PIO H3CA H N N 329 
PIO H2A  H N N 330 
PIO H3A  H N N 331 
PIO H4A  H N N 332 
PIO H5A  H N N 333 
PIO H6A  H N N 334 
PIO H7A  H N N 335 
PIO H8A  H N N 336 
PIO H2AA H N N 337 
PIO H3AA H N N 338 
PIO H4AA H N N 339 
PIO H5AA H N N 340 
PIO H6AA H N N 341 
PIO H7AA H N N 342 
PIO H8AA H N N 343 
PIO H8AB H N N 344 
PIO H2B  H N N 345 
PIO H3B  H N N 346 
PIO H4B  H N N 347 
PIO H5B  H N N 348 
PIO H6B  H N N 349 
PIO H7B  H N N 350 
PIO H8B  H N N 351 
PIO H2BA H N N 352 
PIO H3BA H N N 353 
PIO H4BA H N N 354 
PIO H5BA H N N 355 
PIO H6BA H N N 356 
PIO H7BA H N N 357 
PIO H8BA H N N 358 
PIO H8BB H N N 359 
PIO H2C  H N N 360 
PIO HO2  H N N 361 
PIO HO3  H N N 362 
PIO HO6  H N N 363 
PIO H41  H N N 364 
PIO H43  H N N 365 
PIO H51  H N N 366 
PIO H52  H N N 367 
PIO H11  H N N 368 
PRO N    N N N 369 
PRO CA   C N S 370 
PRO C    C N N 371 
PRO O    O N N 372 
PRO CB   C N N 373 
PRO CG   C N N 374 
PRO CD   C N N 375 
PRO OXT  O N N 376 
PRO H    H N N 377 
PRO HA   H N N 378 
PRO HB2  H N N 379 
PRO HB3  H N N 380 
PRO HG2  H N N 381 
PRO HG3  H N N 382 
PRO HD2  H N N 383 
PRO HD3  H N N 384 
PRO HXT  H N N 385 
SER N    N N N 386 
SER CA   C N S 387 
SER C    C N N 388 
SER O    O N N 389 
SER CB   C N N 390 
SER OG   O N N 391 
SER OXT  O N N 392 
SER H    H N N 393 
SER H2   H N N 394 
SER HA   H N N 395 
SER HB2  H N N 396 
SER HB3  H N N 397 
SER HG   H N N 398 
SER HXT  H N N 399 
SO4 S    S N N 400 
SO4 O1   O N N 401 
SO4 O2   O N N 402 
SO4 O3   O N N 403 
SO4 O4   O N N 404 
THR N    N N N 405 
THR CA   C N S 406 
THR C    C N N 407 
THR O    O N N 408 
THR CB   C N R 409 
THR OG1  O N N 410 
THR CG2  C N N 411 
THR OXT  O N N 412 
THR H    H N N 413 
THR H2   H N N 414 
THR HA   H N N 415 
THR HB   H N N 416 
THR HG1  H N N 417 
THR HG21 H N N 418 
THR HG22 H N N 419 
THR HG23 H N N 420 
THR HXT  H N N 421 
TRP N    N N N 422 
TRP CA   C N S 423 
TRP C    C N N 424 
TRP O    O N N 425 
TRP CB   C N N 426 
TRP CG   C Y N 427 
TRP CD1  C Y N 428 
TRP CD2  C Y N 429 
TRP NE1  N Y N 430 
TRP CE2  C Y N 431 
TRP CE3  C Y N 432 
TRP CZ2  C Y N 433 
TRP CZ3  C Y N 434 
TRP CH2  C Y N 435 
TRP OXT  O N N 436 
TRP H    H N N 437 
TRP H2   H N N 438 
TRP HA   H N N 439 
TRP HB2  H N N 440 
TRP HB3  H N N 441 
TRP HD1  H N N 442 
TRP HE1  H N N 443 
TRP HE3  H N N 444 
TRP HZ2  H N N 445 
TRP HZ3  H N N 446 
TRP HH2  H N N 447 
TRP HXT  H N N 448 
TYR N    N N N 449 
TYR CA   C N S 450 
TYR C    C N N 451 
TYR O    O N N 452 
TYR CB   C N N 453 
TYR CG   C Y N 454 
TYR CD1  C Y N 455 
TYR CD2  C Y N 456 
TYR CE1  C Y N 457 
TYR CE2  C Y N 458 
TYR CZ   C Y N 459 
TYR OH   O N N 460 
TYR OXT  O N N 461 
TYR H    H N N 462 
TYR H2   H N N 463 
TYR HA   H N N 464 
TYR HB2  H N N 465 
TYR HB3  H N N 466 
TYR HD1  H N N 467 
TYR HD2  H N N 468 
TYR HE1  H N N 469 
TYR HE2  H N N 470 
TYR HH   H N N 471 
TYR HXT  H N N 472 
VAL N    N N N 473 
VAL CA   C N S 474 
VAL C    C N N 475 
VAL O    O N N 476 
VAL CB   C N N 477 
VAL CG1  C N N 478 
VAL CG2  C N N 479 
VAL OXT  O N N 480 
VAL H    H N N 481 
VAL H2   H N N 482 
VAL HA   H N N 483 
VAL HB   H N N 484 
VAL HG11 H N N 485 
VAL HG12 H N N 486 
VAL HG13 H N N 487 
VAL HG21 H N N 488 
VAL HG22 H N N 489 
VAL HG23 H N N 490 
VAL HXT  H N N 491 
# 
loop_
_chem_comp_bond.comp_id 
_chem_comp_bond.atom_id_1 
_chem_comp_bond.atom_id_2 
_chem_comp_bond.value_order 
_chem_comp_bond.pdbx_aromatic_flag 
_chem_comp_bond.pdbx_stereo_config 
_chem_comp_bond.pdbx_ordinal 
ALA N   CA   sing N N 1   
ALA N   H    sing N N 2   
ALA N   H2   sing N N 3   
ALA CA  C    sing N N 4   
ALA CA  CB   sing N N 5   
ALA CA  HA   sing N N 6   
ALA C   O    doub N N 7   
ALA C   OXT  sing N N 8   
ALA CB  HB1  sing N N 9   
ALA CB  HB2  sing N N 10  
ALA CB  HB3  sing N N 11  
ALA OXT HXT  sing N N 12  
ARG N   CA   sing N N 13  
ARG N   H    sing N N 14  
ARG N   H2   sing N N 15  
ARG CA  C    sing N N 16  
ARG CA  CB   sing N N 17  
ARG CA  HA   sing N N 18  
ARG C   O    doub N N 19  
ARG C   OXT  sing N N 20  
ARG CB  CG   sing N N 21  
ARG CB  HB2  sing N N 22  
ARG CB  HB3  sing N N 23  
ARG CG  CD   sing N N 24  
ARG CG  HG2  sing N N 25  
ARG CG  HG3  sing N N 26  
ARG CD  NE   sing N N 27  
ARG CD  HD2  sing N N 28  
ARG CD  HD3  sing N N 29  
ARG NE  CZ   sing N N 30  
ARG NE  HE   sing N N 31  
ARG CZ  NH1  sing N N 32  
ARG CZ  NH2  doub N N 33  
ARG NH1 HH11 sing N N 34  
ARG NH1 HH12 sing N N 35  
ARG NH2 HH21 sing N N 36  
ARG NH2 HH22 sing N N 37  
ARG OXT HXT  sing N N 38  
ASN N   CA   sing N N 39  
ASN N   H    sing N N 40  
ASN N   H2   sing N N 41  
ASN CA  C    sing N N 42  
ASN CA  CB   sing N N 43  
ASN CA  HA   sing N N 44  
ASN C   O    doub N N 45  
ASN C   OXT  sing N N 46  
ASN CB  CG   sing N N 47  
ASN CB  HB2  sing N N 48  
ASN CB  HB3  sing N N 49  
ASN CG  OD1  doub N N 50  
ASN CG  ND2  sing N N 51  
ASN ND2 HD21 sing N N 52  
ASN ND2 HD22 sing N N 53  
ASN OXT HXT  sing N N 54  
ASP N   CA   sing N N 55  
ASP N   H    sing N N 56  
ASP N   H2   sing N N 57  
ASP CA  C    sing N N 58  
ASP CA  CB   sing N N 59  
ASP CA  HA   sing N N 60  
ASP C   O    doub N N 61  
ASP C   OXT  sing N N 62  
ASP CB  CG   sing N N 63  
ASP CB  HB2  sing N N 64  
ASP CB  HB3  sing N N 65  
ASP CG  OD1  doub N N 66  
ASP CG  OD2  sing N N 67  
ASP OD2 HD2  sing N N 68  
ASP OXT HXT  sing N N 69  
CYS N   CA   sing N N 70  
CYS N   H    sing N N 71  
CYS N   H2   sing N N 72  
CYS CA  C    sing N N 73  
CYS CA  CB   sing N N 74  
CYS CA  HA   sing N N 75  
CYS C   O    doub N N 76  
CYS C   OXT  sing N N 77  
CYS CB  SG   sing N N 78  
CYS CB  HB2  sing N N 79  
CYS CB  HB3  sing N N 80  
CYS SG  HG   sing N N 81  
CYS OXT HXT  sing N N 82  
GLN N   CA   sing N N 83  
GLN N   H    sing N N 84  
GLN N   H2   sing N N 85  
GLN CA  C    sing N N 86  
GLN CA  CB   sing N N 87  
GLN CA  HA   sing N N 88  
GLN C   O    doub N N 89  
GLN C   OXT  sing N N 90  
GLN CB  CG   sing N N 91  
GLN CB  HB2  sing N N 92  
GLN CB  HB3  sing N N 93  
GLN CG  CD   sing N N 94  
GLN CG  HG2  sing N N 95  
GLN CG  HG3  sing N N 96  
GLN CD  OE1  doub N N 97  
GLN CD  NE2  sing N N 98  
GLN NE2 HE21 sing N N 99  
GLN NE2 HE22 sing N N 100 
GLN OXT HXT  sing N N 101 
GLU N   CA   sing N N 102 
GLU N   H    sing N N 103 
GLU N   H2   sing N N 104 
GLU CA  C    sing N N 105 
GLU CA  CB   sing N N 106 
GLU CA  HA   sing N N 107 
GLU C   O    doub N N 108 
GLU C   OXT  sing N N 109 
GLU CB  CG   sing N N 110 
GLU CB  HB2  sing N N 111 
GLU CB  HB3  sing N N 112 
GLU CG  CD   sing N N 113 
GLU CG  HG2  sing N N 114 
GLU CG  HG3  sing N N 115 
GLU CD  OE1  doub N N 116 
GLU CD  OE2  sing N N 117 
GLU OE2 HE2  sing N N 118 
GLU OXT HXT  sing N N 119 
GLY N   CA   sing N N 120 
GLY N   H    sing N N 121 
GLY N   H2   sing N N 122 
GLY CA  C    sing N N 123 
GLY CA  HA2  sing N N 124 
GLY CA  HA3  sing N N 125 
GLY C   O    doub N N 126 
GLY C   OXT  sing N N 127 
GLY OXT HXT  sing N N 128 
HIS N   CA   sing N N 129 
HIS N   H    sing N N 130 
HIS N   H2   sing N N 131 
HIS CA  C    sing N N 132 
HIS CA  CB   sing N N 133 
HIS CA  HA   sing N N 134 
HIS C   O    doub N N 135 
HIS C   OXT  sing N N 136 
HIS CB  CG   sing N N 137 
HIS CB  HB2  sing N N 138 
HIS CB  HB3  sing N N 139 
HIS CG  ND1  sing Y N 140 
HIS CG  CD2  doub Y N 141 
HIS ND1 CE1  doub Y N 142 
HIS ND1 HD1  sing N N 143 
HIS CD2 NE2  sing Y N 144 
HIS CD2 HD2  sing N N 145 
HIS CE1 NE2  sing Y N 146 
HIS CE1 HE1  sing N N 147 
HIS NE2 HE2  sing N N 148 
HIS OXT HXT  sing N N 149 
HOH O   H1   sing N N 150 
HOH O   H2   sing N N 151 
ILE N   CA   sing N N 152 
ILE N   H    sing N N 153 
ILE N   H2   sing N N 154 
ILE CA  C    sing N N 155 
ILE CA  CB   sing N N 156 
ILE CA  HA   sing N N 157 
ILE C   O    doub N N 158 
ILE C   OXT  sing N N 159 
ILE CB  CG1  sing N N 160 
ILE CB  CG2  sing N N 161 
ILE CB  HB   sing N N 162 
ILE CG1 CD1  sing N N 163 
ILE CG1 HG12 sing N N 164 
ILE CG1 HG13 sing N N 165 
ILE CG2 HG21 sing N N 166 
ILE CG2 HG22 sing N N 167 
ILE CG2 HG23 sing N N 168 
ILE CD1 HD11 sing N N 169 
ILE CD1 HD12 sing N N 170 
ILE CD1 HD13 sing N N 171 
ILE OXT HXT  sing N N 172 
LEU N   CA   sing N N 173 
LEU N   H    sing N N 174 
LEU N   H2   sing N N 175 
LEU CA  C    sing N N 176 
LEU CA  CB   sing N N 177 
LEU CA  HA   sing N N 178 
LEU C   O    doub N N 179 
LEU C   OXT  sing N N 180 
LEU CB  CG   sing N N 181 
LEU CB  HB2  sing N N 182 
LEU CB  HB3  sing N N 183 
LEU CG  CD1  sing N N 184 
LEU CG  CD2  sing N N 185 
LEU CG  HG   sing N N 186 
LEU CD1 HD11 sing N N 187 
LEU CD1 HD12 sing N N 188 
LEU CD1 HD13 sing N N 189 
LEU CD2 HD21 sing N N 190 
LEU CD2 HD22 sing N N 191 
LEU CD2 HD23 sing N N 192 
LEU OXT HXT  sing N N 193 
LYS N   CA   sing N N 194 
LYS N   H    sing N N 195 
LYS N   H2   sing N N 196 
LYS CA  C    sing N N 197 
LYS CA  CB   sing N N 198 
LYS CA  HA   sing N N 199 
LYS C   O    doub N N 200 
LYS C   OXT  sing N N 201 
LYS CB  CG   sing N N 202 
LYS CB  HB2  sing N N 203 
LYS CB  HB3  sing N N 204 
LYS CG  CD   sing N N 205 
LYS CG  HG2  sing N N 206 
LYS CG  HG3  sing N N 207 
LYS CD  CE   sing N N 208 
LYS CD  HD2  sing N N 209 
LYS CD  HD3  sing N N 210 
LYS CE  NZ   sing N N 211 
LYS CE  HE2  sing N N 212 
LYS CE  HE3  sing N N 213 
LYS NZ  HZ1  sing N N 214 
LYS NZ  HZ2  sing N N 215 
LYS NZ  HZ3  sing N N 216 
LYS OXT HXT  sing N N 217 
MET N   CA   sing N N 218 
MET N   H    sing N N 219 
MET N   H2   sing N N 220 
MET CA  C    sing N N 221 
MET CA  CB   sing N N 222 
MET CA  HA   sing N N 223 
MET C   O    doub N N 224 
MET C   OXT  sing N N 225 
MET CB  CG   sing N N 226 
MET CB  HB2  sing N N 227 
MET CB  HB3  sing N N 228 
MET CG  SD   sing N N 229 
MET CG  HG2  sing N N 230 
MET CG  HG3  sing N N 231 
MET SD  CE   sing N N 232 
MET CE  HE1  sing N N 233 
MET CE  HE2  sing N N 234 
MET CE  HE3  sing N N 235 
MET OXT HXT  sing N N 236 
PHE N   CA   sing N N 237 
PHE N   H    sing N N 238 
PHE N   H2   sing N N 239 
PHE CA  C    sing N N 240 
PHE CA  CB   sing N N 241 
PHE CA  HA   sing N N 242 
PHE C   O    doub N N 243 
PHE C   OXT  sing N N 244 
PHE CB  CG   sing N N 245 
PHE CB  HB2  sing N N 246 
PHE CB  HB3  sing N N 247 
PHE CG  CD1  doub Y N 248 
PHE CG  CD2  sing Y N 249 
PHE CD1 CE1  sing Y N 250 
PHE CD1 HD1  sing N N 251 
PHE CD2 CE2  doub Y N 252 
PHE CD2 HD2  sing N N 253 
PHE CE1 CZ   doub Y N 254 
PHE CE1 HE1  sing N N 255 
PHE CE2 CZ   sing Y N 256 
PHE CE2 HE2  sing N N 257 
PHE CZ  HZ   sing N N 258 
PHE OXT HXT  sing N N 259 
PIO C1  O1   sing N N 260 
PIO C1  C2   sing N N 261 
PIO C1  C6   sing N N 262 
PIO C1  H1   sing N N 263 
PIO O1  P1   sing N N 264 
PIO P1  O11  sing N N 265 
PIO O11 H11  sing N N 266 
PIO P1  O12  doub N N 267 
PIO P1  O13  sing N N 268 
PIO C2  O2   sing N N 269 
PIO C2  C3   sing N N 270 
PIO C2  H2   sing N N 271 
PIO O2  HO2  sing N N 272 
PIO C3  O3   sing N N 273 
PIO C3  C4   sing N N 274 
PIO C3  H3   sing N N 275 
PIO O3  HO3  sing N N 276 
PIO C4  O4   sing N N 277 
PIO C4  C5   sing N N 278 
PIO C4  H4   sing N N 279 
PIO O4  P4   sing N N 280 
PIO P4  O41  sing N N 281 
PIO O41 H41  sing N N 282 
PIO P4  O42  doub N N 283 
PIO P4  O43  sing N N 284 
PIO O43 H43  sing N N 285 
PIO C5  O5   sing N N 286 
PIO C5  C6   sing N N 287 
PIO C5  H5   sing N N 288 
PIO O5  P5   sing N N 289 
PIO P5  O51  sing N N 290 
PIO O51 H51  sing N N 291 
PIO P5  O52  sing N N 292 
PIO O52 H52  sing N N 293 
PIO P5  O53  doub N N 294 
PIO C6  O6   sing N N 295 
PIO C6  H6   sing N N 296 
PIO O6  HO6  sing N N 297 
PIO O13 C1C  sing N N 298 
PIO C1A O1A  doub N N 299 
PIO C1A C2A  sing N N 300 
PIO C1A O2C  sing N N 301 
PIO C1B O1B  doub N N 302 
PIO C1B C2B  sing N N 303 
PIO C1B O3C  sing N N 304 
PIO C1C C2C  sing N N 305 
PIO C1C H1C  sing N N 306 
PIO C1C H1CA sing N N 307 
PIO C2A C3A  sing N N 308 
PIO C2A H2A  sing N N 309 
PIO C2A H2AA sing N N 310 
PIO C2B C3B  sing N N 311 
PIO C2B H2B  sing N N 312 
PIO C2B H2BA sing N N 313 
PIO C2C O2C  sing N N 314 
PIO C2C C3C  sing N N 315 
PIO C2C H2C  sing N N 316 
PIO C3A C4A  sing N N 317 
PIO C3A H3A  sing N N 318 
PIO C3A H3AA sing N N 319 
PIO C3B C4B  sing N N 320 
PIO C3B H3B  sing N N 321 
PIO C3B H3BA sing N N 322 
PIO C3C O3C  sing N N 323 
PIO C3C H3C  sing N N 324 
PIO C3C H3CA sing N N 325 
PIO C4A C5A  sing N N 326 
PIO C4A H4A  sing N N 327 
PIO C4A H4AA sing N N 328 
PIO C4B C5B  sing N N 329 
PIO C4B H4B  sing N N 330 
PIO C4B H4BA sing N N 331 
PIO C5A C6A  sing N N 332 
PIO C5A H5A  sing N N 333 
PIO C5A H5AA sing N N 334 
PIO C5B C6B  sing N N 335 
PIO C5B H5B  sing N N 336 
PIO C5B H5BA sing N N 337 
PIO C6A C7A  sing N N 338 
PIO C6A H6A  sing N N 339 
PIO C6A H6AA sing N N 340 
PIO C6B C7B  sing N N 341 
PIO C6B H6B  sing N N 342 
PIO C6B H6BA sing N N 343 
PIO C7A C8A  sing N N 344 
PIO C7A H7A  sing N N 345 
PIO C7A H7AA sing N N 346 
PIO C7B C8B  sing N N 347 
PIO C7B H7B  sing N N 348 
PIO C7B H7BA sing N N 349 
PIO C8A H8A  sing N N 350 
PIO C8A H8AA sing N N 351 
PIO C8A H8AB sing N N 352 
PIO C8B H8B  sing N N 353 
PIO C8B H8BA sing N N 354 
PIO C8B H8BB sing N N 355 
PRO N   CA   sing N N 356 
PRO N   CD   sing N N 357 
PRO N   H    sing N N 358 
PRO CA  C    sing N N 359 
PRO CA  CB   sing N N 360 
PRO CA  HA   sing N N 361 
PRO C   O    doub N N 362 
PRO C   OXT  sing N N 363 
PRO CB  CG   sing N N 364 
PRO CB  HB2  sing N N 365 
PRO CB  HB3  sing N N 366 
PRO CG  CD   sing N N 367 
PRO CG  HG2  sing N N 368 
PRO CG  HG3  sing N N 369 
PRO CD  HD2  sing N N 370 
PRO CD  HD3  sing N N 371 
PRO OXT HXT  sing N N 372 
SER N   CA   sing N N 373 
SER N   H    sing N N 374 
SER N   H2   sing N N 375 
SER CA  C    sing N N 376 
SER CA  CB   sing N N 377 
SER CA  HA   sing N N 378 
SER C   O    doub N N 379 
SER C   OXT  sing N N 380 
SER CB  OG   sing N N 381 
SER CB  HB2  sing N N 382 
SER CB  HB3  sing N N 383 
SER OG  HG   sing N N 384 
SER OXT HXT  sing N N 385 
SO4 S   O1   doub N N 386 
SO4 S   O2   doub N N 387 
SO4 S   O3   sing N N 388 
SO4 S   O4   sing N N 389 
THR N   CA   sing N N 390 
THR N   H    sing N N 391 
THR N   H2   sing N N 392 
THR CA  C    sing N N 393 
THR CA  CB   sing N N 394 
THR CA  HA   sing N N 395 
THR C   O    doub N N 396 
THR C   OXT  sing N N 397 
THR CB  OG1  sing N N 398 
THR CB  CG2  sing N N 399 
THR CB  HB   sing N N 400 
THR OG1 HG1  sing N N 401 
THR CG2 HG21 sing N N 402 
THR CG2 HG22 sing N N 403 
THR CG2 HG23 sing N N 404 
THR OXT HXT  sing N N 405 
TRP N   CA   sing N N 406 
TRP N   H    sing N N 407 
TRP N   H2   sing N N 408 
TRP CA  C    sing N N 409 
TRP CA  CB   sing N N 410 
TRP CA  HA   sing N N 411 
TRP C   O    doub N N 412 
TRP C   OXT  sing N N 413 
TRP CB  CG   sing N N 414 
TRP CB  HB2  sing N N 415 
TRP CB  HB3  sing N N 416 
TRP CG  CD1  doub Y N 417 
TRP CG  CD2  sing Y N 418 
TRP CD1 NE1  sing Y N 419 
TRP CD1 HD1  sing N N 420 
TRP CD2 CE2  doub Y N 421 
TRP CD2 CE3  sing Y N 422 
TRP NE1 CE2  sing Y N 423 
TRP NE1 HE1  sing N N 424 
TRP CE2 CZ2  sing Y N 425 
TRP CE3 CZ3  doub Y N 426 
TRP CE3 HE3  sing N N 427 
TRP CZ2 CH2  doub Y N 428 
TRP CZ2 HZ2  sing N N 429 
TRP CZ3 CH2  sing Y N 430 
TRP CZ3 HZ3  sing N N 431 
TRP CH2 HH2  sing N N 432 
TRP OXT HXT  sing N N 433 
TYR N   CA   sing N N 434 
TYR N   H    sing N N 435 
TYR N   H2   sing N N 436 
TYR CA  C    sing N N 437 
TYR CA  CB   sing N N 438 
TYR CA  HA   sing N N 439 
TYR C   O    doub N N 440 
TYR C   OXT  sing N N 441 
TYR CB  CG   sing N N 442 
TYR CB  HB2  sing N N 443 
TYR CB  HB3  sing N N 444 
TYR CG  CD1  doub Y N 445 
TYR CG  CD2  sing Y N 446 
TYR CD1 CE1  sing Y N 447 
TYR CD1 HD1  sing N N 448 
TYR CD2 CE2  doub Y N 449 
TYR CD2 HD2  sing N N 450 
TYR CE1 CZ   doub Y N 451 
TYR CE1 HE1  sing N N 452 
TYR CE2 CZ   sing Y N 453 
TYR CE2 HE2  sing N N 454 
TYR CZ  OH   sing N N 455 
TYR OH  HH   sing N N 456 
TYR OXT HXT  sing N N 457 
VAL N   CA   sing N N 458 
VAL N   H    sing N N 459 
VAL N   H2   sing N N 460 
VAL CA  C    sing N N 461 
VAL CA  CB   sing N N 462 
VAL CA  HA   sing N N 463 
VAL C   O    doub N N 464 
VAL C   OXT  sing N N 465 
VAL CB  CG1  sing N N 466 
VAL CB  CG2  sing N N 467 
VAL CB  HB   sing N N 468 
VAL CG1 HG11 sing N N 469 
VAL CG1 HG12 sing N N 470 
VAL CG1 HG13 sing N N 471 
VAL CG2 HG21 sing N N 472 
VAL CG2 HG22 sing N N 473 
VAL CG2 HG23 sing N N 474 
VAL OXT HXT  sing N N 475 
# 
loop_
_pdbx_entity_nonpoly.entity_id 
_pdbx_entity_nonpoly.name 
_pdbx_entity_nonpoly.comp_id 
2 
;[(2R)-2-octanoyloxy-3-[oxidanyl-[(1R,2R,3S,4R,5R,6S)-2,3,6-tris(oxidanyl)-4,5-diphosphonooxy-cyclohexyl]oxy-phosphoryl]oxy-propyl] octanoate
;
PIO 
3 'SULFATE ION' SO4 
4 water HOH 
# 
_pdbx_initial_refinement_model.id               1 
_pdbx_initial_refinement_model.entity_id_list   ? 
_pdbx_initial_refinement_model.type             'experimental model' 
_pdbx_initial_refinement_model.source_name      PDB 
_pdbx_initial_refinement_model.accession_code   2CHD 
_pdbx_initial_refinement_model.details          ? 
# 
